data_1GCC
# 
_entry.id   1GCC 
# 
_audit_conform.dict_name       mmcif_pdbx.dic 
_audit_conform.dict_version    5.397 
_audit_conform.dict_location   http://mmcif.pdb.org/dictionaries/ascii/mmcif_pdbx.dic 
# 
loop_
_database_2.database_id 
_database_2.database_code 
_database_2.pdbx_database_accession 
_database_2.pdbx_DOI 
PDB   1GCC         pdb_00001gcc 10.2210/pdb1gcc/pdb 
WWPDB D_1000173514 ?            ?                   
# 
loop_
_pdbx_audit_revision_history.ordinal 
_pdbx_audit_revision_history.data_content_type 
_pdbx_audit_revision_history.major_revision 
_pdbx_audit_revision_history.minor_revision 
_pdbx_audit_revision_history.revision_date 
1 'Structure model' 1 0 1999-03-23 
2 'Structure model' 1 1 2008-03-24 
3 'Structure model' 1 2 2011-07-13 
4 'Structure model' 1 3 2022-02-23 
5 'Structure model' 1 4 2024-10-23 
# 
_pdbx_audit_revision_details.ordinal             1 
_pdbx_audit_revision_details.revision_ordinal    1 
_pdbx_audit_revision_details.data_content_type   'Structure model' 
_pdbx_audit_revision_details.provider            repository 
_pdbx_audit_revision_details.type                'Initial release' 
_pdbx_audit_revision_details.description         ? 
_pdbx_audit_revision_details.details             ? 
# 
loop_
_pdbx_audit_revision_group.ordinal 
_pdbx_audit_revision_group.revision_ordinal 
_pdbx_audit_revision_group.data_content_type 
_pdbx_audit_revision_group.group 
1 2 'Structure model' 'Version format compliance' 
2 3 'Structure model' 'Version format compliance' 
3 4 'Structure model' 'Data collection'           
4 4 'Structure model' 'Database references'       
5 4 'Structure model' 'Derived calculations'      
6 4 'Structure model' Other                       
7 5 'Structure model' 'Data collection'           
8 5 'Structure model' 'Structure summary'         
# 
loop_
_pdbx_audit_revision_category.ordinal 
_pdbx_audit_revision_category.revision_ordinal 
_pdbx_audit_revision_category.data_content_type 
_pdbx_audit_revision_category.category 
1 4 'Structure model' database_2            
2 4 'Structure model' pdbx_database_status  
3 4 'Structure model' pdbx_nmr_software     
4 4 'Structure model' pdbx_struct_assembly  
5 4 'Structure model' pdbx_struct_oper_list 
6 4 'Structure model' struct_conn           
7 5 'Structure model' chem_comp_atom        
8 5 'Structure model' chem_comp_bond        
9 5 'Structure model' pdbx_entry_details    
# 
loop_
_pdbx_audit_revision_item.ordinal 
_pdbx_audit_revision_item.revision_ordinal 
_pdbx_audit_revision_item.data_content_type 
_pdbx_audit_revision_item.item 
1  4 'Structure model' '_database_2.pdbx_DOI'                
2  4 'Structure model' '_database_2.pdbx_database_accession' 
3  4 'Structure model' '_pdbx_database_status.process_site'  
4  4 'Structure model' '_pdbx_nmr_software.name'             
5  4 'Structure model' '_struct_conn.pdbx_leaving_atom_flag' 
6  4 'Structure model' '_struct_conn.ptnr1_auth_comp_id'     
7  4 'Structure model' '_struct_conn.ptnr1_auth_seq_id'      
8  4 'Structure model' '_struct_conn.ptnr1_label_atom_id'    
9  4 'Structure model' '_struct_conn.ptnr1_label_comp_id'    
10 4 'Structure model' '_struct_conn.ptnr1_label_seq_id'     
11 4 'Structure model' '_struct_conn.ptnr2_auth_comp_id'     
12 4 'Structure model' '_struct_conn.ptnr2_auth_seq_id'      
13 4 'Structure model' '_struct_conn.ptnr2_label_atom_id'    
14 4 'Structure model' '_struct_conn.ptnr2_label_comp_id'    
15 4 'Structure model' '_struct_conn.ptnr2_label_seq_id'     
# 
_pdbx_database_status.status_code                     REL 
_pdbx_database_status.entry_id                        1GCC 
_pdbx_database_status.recvd_initial_deposition_date   1998-03-13 
_pdbx_database_status.deposit_site                    ? 
_pdbx_database_status.process_site                    BNL 
_pdbx_database_status.status_code_sf                  ? 
_pdbx_database_status.status_code_mr                  REL 
_pdbx_database_status.SG_entry                        ? 
_pdbx_database_status.pdb_format_compatible           Y 
_pdbx_database_status.status_code_cs                  ? 
_pdbx_database_status.status_code_nmr_data            ? 
_pdbx_database_status.methods_development_category    ? 
# 
loop_
_audit_author.name 
_audit_author.pdbx_ordinal 
'Yamasaki, K.'    1 
'Allen, M.D.'     2 
'Ohme-Takagi, M.' 3 
'Tateno, M.'      4 
'Suzuki, M.'      5 
# 
_citation.id                        primary 
_citation.title                     
;A novel mode of DNA recognition by a beta-sheet revealed by the solution structure of the GCC-box binding domain in complex with DNA.
;
_citation.journal_abbrev            'EMBO J.' 
_citation.journal_volume            17 
_citation.page_first                5484 
_citation.page_last                 5496 
_citation.year                      1998 
_citation.journal_id_ASTM           EMJODG 
_citation.country                   UK 
_citation.journal_id_ISSN           0261-4189 
_citation.journal_id_CSD            0897 
_citation.book_publisher            ? 
_citation.pdbx_database_id_PubMed   9736626 
_citation.pdbx_database_id_DOI      10.1093/emboj/17.18.5484 
# 
loop_
_citation_author.citation_id 
_citation_author.name 
_citation_author.ordinal 
_citation_author.identifier_ORCID 
primary 'Allen, M.D.'     1 ? 
primary 'Yamasaki, K.'    2 ? 
primary 'Ohme-Takagi, M.' 3 ? 
primary 'Tateno, M.'      4 ? 
primary 'Suzuki, M.'      5 ? 
# 
loop_
_entity.id 
_entity.type 
_entity.src_method 
_entity.pdbx_description 
_entity.formula_weight 
_entity.pdbx_number_of_molecules 
_entity.pdbx_ec 
_entity.pdbx_mutation 
_entity.pdbx_fragment 
_entity.details 
1 polymer syn 
;DNA (5'-D(*TP*AP*GP*CP*CP*GP*CP*CP*AP*GP*C)-3')
;
3319.175 1 ? ? ?                        ? 
2 polymer syn 
;DNA (5'-D(*GP*CP*TP*GP*GP*CP*GP*GP*CP*TP*A)-3')
;
3390.209 1 ? ? ?                        ? 
3 polymer man 'ETHYLENE RESPONSIVE ELEMENT BINDING FACTOR 1'    7247.318 1 ? ? 'GCC-BOX BINDING DOMAIN' ? 
# 
loop_
_entity_poly.entity_id 
_entity_poly.type 
_entity_poly.nstd_linkage 
_entity_poly.nstd_monomer 
_entity_poly.pdbx_seq_one_letter_code 
_entity_poly.pdbx_seq_one_letter_code_can 
_entity_poly.pdbx_strand_id 
_entity_poly.pdbx_target_identifier 
1 polydeoxyribonucleotide no no '(DT)(DA)(DG)(DC)(DC)(DG)(DC)(DC)(DA)(DG)(DC)'                  TAGCCGCCAGC B ? 
2 polydeoxyribonucleotide no no '(DG)(DC)(DT)(DG)(DG)(DC)(DG)(DG)(DC)(DT)(DA)'                  GCTGGCGGCTA C ? 
3 'polypeptide(L)'        no no KHYRGVRQRPWGKFAAEIRDPAKNGARVWLGTFETAEDAALAYDRAAFRMRGSRALLNFPLRV 
KHYRGVRQRPWGKFAAEIRDPAKNGARVWLGTFETAEDAALAYDRAAFRMRGSRALLNFPLRV A ? 
# 
loop_
_entity_poly_seq.entity_id 
_entity_poly_seq.num 
_entity_poly_seq.mon_id 
_entity_poly_seq.hetero 
1 1  DT  n 
1 2  DA  n 
1 3  DG  n 
1 4  DC  n 
1 5  DC  n 
1 6  DG  n 
1 7  DC  n 
1 8  DC  n 
1 9  DA  n 
1 10 DG  n 
1 11 DC  n 
2 1  DG  n 
2 2  DC  n 
2 3  DT  n 
2 4  DG  n 
2 5  DG  n 
2 6  DC  n 
2 7  DG  n 
2 8  DG  n 
2 9  DC  n 
2 10 DT  n 
2 11 DA  n 
3 1  LYS n 
3 2  HIS n 
3 3  TYR n 
3 4  ARG n 
3 5  GLY n 
3 6  VAL n 
3 7  ARG n 
3 8  GLN n 
3 9  ARG n 
3 10 PRO n 
3 11 TRP n 
3 12 GLY n 
3 13 LYS n 
3 14 PHE n 
3 15 ALA n 
3 16 ALA n 
3 17 GLU n 
3 18 ILE n 
3 19 ARG n 
3 20 ASP n 
3 21 PRO n 
3 22 ALA n 
3 23 LYS n 
3 24 ASN n 
3 25 GLY n 
3 26 ALA n 
3 27 ARG n 
3 28 VAL n 
3 29 TRP n 
3 30 LEU n 
3 31 GLY n 
3 32 THR n 
3 33 PHE n 
3 34 GLU n 
3 35 THR n 
3 36 ALA n 
3 37 GLU n 
3 38 ASP n 
3 39 ALA n 
3 40 ALA n 
3 41 LEU n 
3 42 ALA n 
3 43 TYR n 
3 44 ASP n 
3 45 ARG n 
3 46 ALA n 
3 47 ALA n 
3 48 PHE n 
3 49 ARG n 
3 50 MET n 
3 51 ARG n 
3 52 GLY n 
3 53 SER n 
3 54 ARG n 
3 55 ALA n 
3 56 LEU n 
3 57 LEU n 
3 58 ASN n 
3 59 PHE n 
3 60 PRO n 
3 61 LEU n 
3 62 ARG n 
3 63 VAL n 
# 
_entity_src_gen.entity_id                          3 
_entity_src_gen.pdbx_src_id                        1 
_entity_src_gen.pdbx_alt_source_flag               sample 
_entity_src_gen.pdbx_seq_type                      ? 
_entity_src_gen.pdbx_beg_seq_num                   ? 
_entity_src_gen.pdbx_end_seq_num                   ? 
_entity_src_gen.gene_src_common_name               'thale cress' 
_entity_src_gen.gene_src_genus                     Arabidopsis 
_entity_src_gen.pdbx_gene_src_gene                 ATERF1 
_entity_src_gen.gene_src_species                   ? 
_entity_src_gen.gene_src_strain                    ? 
_entity_src_gen.gene_src_tissue                    ? 
_entity_src_gen.gene_src_tissue_fraction           ? 
_entity_src_gen.gene_src_details                   ? 
_entity_src_gen.pdbx_gene_src_fragment             ? 
_entity_src_gen.pdbx_gene_src_scientific_name      'Arabidopsis thaliana' 
_entity_src_gen.pdbx_gene_src_ncbi_taxonomy_id     3702 
_entity_src_gen.pdbx_gene_src_variant              ? 
_entity_src_gen.pdbx_gene_src_cell_line            BL21 
_entity_src_gen.pdbx_gene_src_atcc                 ? 
_entity_src_gen.pdbx_gene_src_organ                ? 
_entity_src_gen.pdbx_gene_src_organelle            ? 
_entity_src_gen.pdbx_gene_src_cell                 ? 
_entity_src_gen.pdbx_gene_src_cellular_location    ? 
_entity_src_gen.host_org_common_name               ? 
_entity_src_gen.pdbx_host_org_scientific_name      'Escherichia coli BL21(DE3)' 
_entity_src_gen.pdbx_host_org_ncbi_taxonomy_id     469008 
_entity_src_gen.host_org_genus                     Escherichia 
_entity_src_gen.pdbx_host_org_gene                 ? 
_entity_src_gen.pdbx_host_org_organ                ? 
_entity_src_gen.host_org_species                   'Escherichia coli' 
_entity_src_gen.pdbx_host_org_tissue               ? 
_entity_src_gen.pdbx_host_org_tissue_fraction      ? 
_entity_src_gen.pdbx_host_org_strain               'BL21 (DE3)' 
_entity_src_gen.pdbx_host_org_variant              ? 
_entity_src_gen.pdbx_host_org_cell_line            ? 
_entity_src_gen.pdbx_host_org_atcc                 ? 
_entity_src_gen.pdbx_host_org_culture_collection   ? 
_entity_src_gen.pdbx_host_org_cell                 ? 
_entity_src_gen.pdbx_host_org_organelle            ? 
_entity_src_gen.pdbx_host_org_cellular_location    ? 
_entity_src_gen.pdbx_host_org_vector_type          ? 
_entity_src_gen.pdbx_host_org_vector               ? 
_entity_src_gen.host_org_details                   ? 
_entity_src_gen.expression_system_id               ? 
_entity_src_gen.plasmid_name                       PAF104 
_entity_src_gen.plasmid_details                    ? 
_entity_src_gen.pdbx_description                   'DNA-BINDING DOMAIN OF ATERF1;' 
# 
loop_
_chem_comp.id 
_chem_comp.type 
_chem_comp.mon_nstd_flag 
_chem_comp.name 
_chem_comp.pdbx_synonyms 
_chem_comp.formula 
_chem_comp.formula_weight 
ALA 'L-peptide linking' y ALANINE                              ? 'C3 H7 N O2'      89.093  
ARG 'L-peptide linking' y ARGININE                             ? 'C6 H15 N4 O2 1'  175.209 
ASN 'L-peptide linking' y ASPARAGINE                           ? 'C4 H8 N2 O3'     132.118 
ASP 'L-peptide linking' y 'ASPARTIC ACID'                      ? 'C4 H7 N O4'      133.103 
DA  'DNA linking'       y "2'-DEOXYADENOSINE-5'-MONOPHOSPHATE" ? 'C10 H14 N5 O6 P' 331.222 
DC  'DNA linking'       y "2'-DEOXYCYTIDINE-5'-MONOPHOSPHATE"  ? 'C9 H14 N3 O7 P'  307.197 
DG  'DNA linking'       y "2'-DEOXYGUANOSINE-5'-MONOPHOSPHATE" ? 'C10 H14 N5 O7 P' 347.221 
DT  'DNA linking'       y "THYMIDINE-5'-MONOPHOSPHATE"         ? 'C10 H15 N2 O8 P' 322.208 
GLN 'L-peptide linking' y GLUTAMINE                            ? 'C5 H10 N2 O3'    146.144 
GLU 'L-peptide linking' y 'GLUTAMIC ACID'                      ? 'C5 H9 N O4'      147.129 
GLY 'peptide linking'   y GLYCINE                              ? 'C2 H5 N O2'      75.067  
HIS 'L-peptide linking' y HISTIDINE                            ? 'C6 H10 N3 O2 1'  156.162 
ILE 'L-peptide linking' y ISOLEUCINE                           ? 'C6 H13 N O2'     131.173 
LEU 'L-peptide linking' y LEUCINE                              ? 'C6 H13 N O2'     131.173 
LYS 'L-peptide linking' y LYSINE                               ? 'C6 H15 N2 O2 1'  147.195 
MET 'L-peptide linking' y METHIONINE                           ? 'C5 H11 N O2 S'   149.211 
PHE 'L-peptide linking' y PHENYLALANINE                        ? 'C9 H11 N O2'     165.189 
PRO 'L-peptide linking' y PROLINE                              ? 'C5 H9 N O2'      115.130 
SER 'L-peptide linking' y SERINE                               ? 'C3 H7 N O3'      105.093 
THR 'L-peptide linking' y THREONINE                            ? 'C4 H9 N O3'      119.119 
TRP 'L-peptide linking' y TRYPTOPHAN                           ? 'C11 H12 N2 O2'   204.225 
TYR 'L-peptide linking' y TYROSINE                             ? 'C9 H11 N O3'     181.189 
VAL 'L-peptide linking' y VALINE                               ? 'C5 H11 N O2'     117.146 
# 
loop_
_pdbx_poly_seq_scheme.asym_id 
_pdbx_poly_seq_scheme.entity_id 
_pdbx_poly_seq_scheme.seq_id 
_pdbx_poly_seq_scheme.mon_id 
_pdbx_poly_seq_scheme.ndb_seq_num 
_pdbx_poly_seq_scheme.pdb_seq_num 
_pdbx_poly_seq_scheme.auth_seq_num 
_pdbx_poly_seq_scheme.pdb_mon_id 
_pdbx_poly_seq_scheme.auth_mon_id 
_pdbx_poly_seq_scheme.pdb_strand_id 
_pdbx_poly_seq_scheme.pdb_ins_code 
_pdbx_poly_seq_scheme.hetero 
A 1 1  DT  1  3   3   DT  T   B . n 
A 1 2  DA  2  4   4   DA  A   B . n 
A 1 3  DG  3  5   5   DG  G   B . n 
A 1 4  DC  4  6   6   DC  C   B . n 
A 1 5  DC  5  7   7   DC  C   B . n 
A 1 6  DG  6  8   8   DG  G   B . n 
A 1 7  DC  7  9   9   DC  C   B . n 
A 1 8  DC  8  10  10  DC  C   B . n 
A 1 9  DA  9  11  11  DA  A   B . n 
A 1 10 DG  10 12  12  DG  G   B . n 
A 1 11 DC  11 13  13  DC  C   B . n 
B 2 1  DG  1  14  14  DG  G   C . n 
B 2 2  DC  2  15  15  DC  C   C . n 
B 2 3  DT  3  16  16  DT  T   C . n 
B 2 4  DG  4  17  17  DG  G   C . n 
B 2 5  DG  5  18  18  DG  G   C . n 
B 2 6  DC  6  19  19  DC  C   C . n 
B 2 7  DG  7  20  20  DG  G   C . n 
B 2 8  DG  8  21  21  DG  G   C . n 
B 2 9  DC  9  22  22  DC  C   C . n 
B 2 10 DT  10 23  23  DT  T   C . n 
B 2 11 DA  11 24  24  DA  A   C . n 
C 3 1  LYS 1  144 144 LYS LYS A . n 
C 3 2  HIS 2  145 145 HIS HIS A . n 
C 3 3  TYR 3  146 146 TYR TYR A . n 
C 3 4  ARG 4  147 147 ARG ARG A . n 
C 3 5  GLY 5  148 148 GLY GLY A . n 
C 3 6  VAL 6  149 149 VAL VAL A . n 
C 3 7  ARG 7  150 150 ARG ARG A . n 
C 3 8  GLN 8  151 151 GLN GLN A . n 
C 3 9  ARG 9  152 152 ARG ARG A . n 
C 3 10 PRO 10 153 153 PRO PRO A . n 
C 3 11 TRP 11 154 154 TRP TRP A . n 
C 3 12 GLY 12 155 155 GLY GLY A . n 
C 3 13 LYS 13 156 156 LYS LYS A . n 
C 3 14 PHE 14 157 157 PHE PHE A . n 
C 3 15 ALA 15 158 158 ALA ALA A . n 
C 3 16 ALA 16 159 159 ALA ALA A . n 
C 3 17 GLU 17 160 160 GLU GLU A . n 
C 3 18 ILE 18 161 161 ILE ILE A . n 
C 3 19 ARG 19 162 162 ARG ARG A . n 
C 3 20 ASP 20 163 163 ASP ASP A . n 
C 3 21 PRO 21 164 164 PRO PRO A . n 
C 3 22 ALA 22 165 165 ALA ALA A . n 
C 3 23 LYS 23 166 166 LYS LYS A . n 
C 3 24 ASN 24 167 167 ASN ASN A . n 
C 3 25 GLY 25 168 168 GLY GLY A . n 
C 3 26 ALA 26 169 169 ALA ALA A . n 
C 3 27 ARG 27 170 170 ARG ARG A . n 
C 3 28 VAL 28 171 171 VAL VAL A . n 
C 3 29 TRP 29 172 172 TRP TRP A . n 
C 3 30 LEU 30 173 173 LEU LEU A . n 
C 3 31 GLY 31 174 174 GLY GLY A . n 
C 3 32 THR 32 175 175 THR THR A . n 
C 3 33 PHE 33 176 176 PHE PHE A . n 
C 3 34 GLU 34 177 177 GLU GLU A . n 
C 3 35 THR 35 178 178 THR THR A . n 
C 3 36 ALA 36 179 179 ALA ALA A . n 
C 3 37 GLU 37 180 180 GLU GLU A . n 
C 3 38 ASP 38 181 181 ASP ASP A . n 
C 3 39 ALA 39 182 182 ALA ALA A . n 
C 3 40 ALA 40 183 183 ALA ALA A . n 
C 3 41 LEU 41 184 184 LEU LEU A . n 
C 3 42 ALA 42 185 185 ALA ALA A . n 
C 3 43 TYR 43 186 186 TYR TYR A . n 
C 3 44 ASP 44 187 187 ASP ASP A . n 
C 3 45 ARG 45 188 188 ARG ARG A . n 
C 3 46 ALA 46 189 189 ALA ALA A . n 
C 3 47 ALA 47 190 190 ALA ALA A . n 
C 3 48 PHE 48 191 191 PHE PHE A . n 
C 3 49 ARG 49 192 192 ARG ARG A . n 
C 3 50 MET 50 193 193 MET MET A . n 
C 3 51 ARG 51 194 194 ARG ARG A . n 
C 3 52 GLY 52 195 195 GLY GLY A . n 
C 3 53 SER 53 196 196 SER SER A . n 
C 3 54 ARG 54 197 197 ARG ARG A . n 
C 3 55 ALA 55 198 198 ALA ALA A . n 
C 3 56 LEU 56 199 199 LEU LEU A . n 
C 3 57 LEU 57 200 200 LEU LEU A . n 
C 3 58 ASN 58 201 201 ASN ASN A . n 
C 3 59 PHE 59 202 202 PHE PHE A . n 
C 3 60 PRO 60 203 203 PRO PRO A . n 
C 3 61 LEU 61 204 204 LEU LEU A . n 
C 3 62 ARG 62 205 205 ARG ARG A . n 
C 3 63 VAL 63 206 206 VAL VAL A . n 
# 
loop_
_software.name 
_software.classification 
_software.version 
_software.citation_id 
_software.pdbx_ordinal 
X-PLOR 'model building' 3.1 ? 1 
X-PLOR refinement       3.1 ? 2 
X-PLOR phasing          3.1 ? 3 
# 
_cell.entry_id           1GCC 
_cell.length_a           1.000 
_cell.length_b           1.000 
_cell.length_c           1.000 
_cell.angle_alpha        90.00 
_cell.angle_beta         90.00 
_cell.angle_gamma        90.00 
_cell.Z_PDB              1 
_cell.pdbx_unique_axis   ? 
# 
_symmetry.entry_id                         1GCC 
_symmetry.space_group_name_H-M             'P 1' 
_symmetry.pdbx_full_space_group_name_H-M   ? 
_symmetry.cell_setting                     ? 
_symmetry.Int_Tables_number                1 
# 
_exptl.entry_id          1GCC 
_exptl.method            'SOLUTION NMR' 
_exptl.crystals_number   ? 
# 
_struct.entry_id                  1GCC 
_struct.title                     
'SOLUTION NMR STRUCTURE OF THE COMPLEX OF GCC-BOX BINDING DOMAIN OF ATERF1 AND GCC-BOX DNA, MINIMIZED AVERAGE STRUCTURE' 
_struct.pdbx_model_details        ? 
_struct.pdbx_CASP_flag            ? 
_struct.pdbx_model_type_details   ? 
# 
_struct_keywords.entry_id        1GCC 
_struct_keywords.pdbx_keywords   TRANSCRIPTION/DNA 
_struct_keywords.text            
'TRANSCRIPTION FACTOR, PROTEIN-DNA COMPLEX, ETHYLENE INDUCIBLE, COMPLEX (TRANSCRIPTION FACTOR-DNA), TRANSCRIPTION-DNA COMPLEX' 
# 
loop_
_struct_asym.id 
_struct_asym.pdbx_blank_PDB_chainid_flag 
_struct_asym.pdbx_modified 
_struct_asym.entity_id 
_struct_asym.details 
A N N 1 ? 
B N N 2 ? 
C N N 3 ? 
# 
loop_
_struct_ref.id 
_struct_ref.db_name 
_struct_ref.db_code 
_struct_ref.entity_id 
_struct_ref.pdbx_seq_one_letter_code 
_struct_ref.pdbx_align_begin 
_struct_ref.pdbx_db_accession 
_struct_ref.pdbx_db_isoform 
1 UNP ERF1A_ARATH 3 ? ? O80337 ? 
2 PDB 1GCC        1 ? ? 1GCC   ? 
3 PDB 1GCC        2 ? ? 1GCC   ? 
# 
loop_
_struct_ref_seq.align_id 
_struct_ref_seq.ref_id 
_struct_ref_seq.pdbx_PDB_id_code 
_struct_ref_seq.pdbx_strand_id 
_struct_ref_seq.seq_align_beg 
_struct_ref_seq.pdbx_seq_align_beg_ins_code 
_struct_ref_seq.seq_align_end 
_struct_ref_seq.pdbx_seq_align_end_ins_code 
_struct_ref_seq.pdbx_db_accession 
_struct_ref_seq.db_align_beg 
_struct_ref_seq.pdbx_db_align_beg_ins_code 
_struct_ref_seq.db_align_end 
_struct_ref_seq.pdbx_db_align_end_ins_code 
_struct_ref_seq.pdbx_auth_seq_align_beg 
_struct_ref_seq.pdbx_auth_seq_align_end 
1 1 1GCC A 1 ? 63 ? O80337 144 ? 206 ? 144 206 
2 2 1GCC B 1 ? 11 ? 1GCC   3   ? 13  ? 3   13  
3 3 1GCC C 1 ? 11 ? 1GCC   14  ? 24  ? 14  24  
# 
_pdbx_struct_assembly.id                   1 
_pdbx_struct_assembly.details              author_defined_assembly 
_pdbx_struct_assembly.method_details       ? 
_pdbx_struct_assembly.oligomeric_details   trimeric 
_pdbx_struct_assembly.oligomeric_count     3 
# 
_pdbx_struct_assembly_gen.assembly_id       1 
_pdbx_struct_assembly_gen.oper_expression   1 
_pdbx_struct_assembly_gen.asym_id_list      A,B,C 
# 
_pdbx_struct_oper_list.id                   1 
_pdbx_struct_oper_list.type                 'identity operation' 
_pdbx_struct_oper_list.name                 1_555 
_pdbx_struct_oper_list.symmetry_operation   x,y,z 
_pdbx_struct_oper_list.matrix[1][1]         1.0000000000 
_pdbx_struct_oper_list.matrix[1][2]         0.0000000000 
_pdbx_struct_oper_list.matrix[1][3]         0.0000000000 
_pdbx_struct_oper_list.vector[1]            0.0000000000 
_pdbx_struct_oper_list.matrix[2][1]         0.0000000000 
_pdbx_struct_oper_list.matrix[2][2]         1.0000000000 
_pdbx_struct_oper_list.matrix[2][3]         0.0000000000 
_pdbx_struct_oper_list.vector[2]            0.0000000000 
_pdbx_struct_oper_list.matrix[3][1]         0.0000000000 
_pdbx_struct_oper_list.matrix[3][2]         0.0000000000 
_pdbx_struct_oper_list.matrix[3][3]         1.0000000000 
_pdbx_struct_oper_list.vector[3]            0.0000000000 
# 
_struct_biol.id   1 
# 
_struct_conf.conf_type_id            HELX_P 
_struct_conf.id                      HELX_P1 
_struct_conf.pdbx_PDB_helix_id       1 
_struct_conf.beg_label_comp_id       ALA 
_struct_conf.beg_label_asym_id       C 
_struct_conf.beg_label_seq_id        36 
_struct_conf.pdbx_beg_PDB_ins_code   ? 
_struct_conf.end_label_comp_id       ARG 
_struct_conf.end_label_asym_id       C 
_struct_conf.end_label_seq_id        51 
_struct_conf.pdbx_end_PDB_ins_code   ? 
_struct_conf.beg_auth_comp_id        ALA 
_struct_conf.beg_auth_asym_id        A 
_struct_conf.beg_auth_seq_id         179 
_struct_conf.end_auth_comp_id        ARG 
_struct_conf.end_auth_asym_id        A 
_struct_conf.end_auth_seq_id         194 
_struct_conf.pdbx_PDB_helix_class    1 
_struct_conf.details                 ? 
_struct_conf.pdbx_PDB_helix_length   16 
# 
_struct_conf_type.id          HELX_P 
_struct_conf_type.criteria    ? 
_struct_conf_type.reference   ? 
# 
loop_
_struct_conn.id 
_struct_conn.conn_type_id 
_struct_conn.pdbx_leaving_atom_flag 
_struct_conn.pdbx_PDB_id 
_struct_conn.ptnr1_label_asym_id 
_struct_conn.ptnr1_label_comp_id 
_struct_conn.ptnr1_label_seq_id 
_struct_conn.ptnr1_label_atom_id 
_struct_conn.pdbx_ptnr1_label_alt_id 
_struct_conn.pdbx_ptnr1_PDB_ins_code 
_struct_conn.pdbx_ptnr1_standard_comp_id 
_struct_conn.ptnr1_symmetry 
_struct_conn.ptnr2_label_asym_id 
_struct_conn.ptnr2_label_comp_id 
_struct_conn.ptnr2_label_seq_id 
_struct_conn.ptnr2_label_atom_id 
_struct_conn.pdbx_ptnr2_label_alt_id 
_struct_conn.pdbx_ptnr2_PDB_ins_code 
_struct_conn.ptnr1_auth_asym_id 
_struct_conn.ptnr1_auth_comp_id 
_struct_conn.ptnr1_auth_seq_id 
_struct_conn.ptnr2_auth_asym_id 
_struct_conn.ptnr2_auth_comp_id 
_struct_conn.ptnr2_auth_seq_id 
_struct_conn.ptnr2_symmetry 
_struct_conn.pdbx_ptnr3_label_atom_id 
_struct_conn.pdbx_ptnr3_label_seq_id 
_struct_conn.pdbx_ptnr3_label_comp_id 
_struct_conn.pdbx_ptnr3_label_asym_id 
_struct_conn.pdbx_ptnr3_label_alt_id 
_struct_conn.pdbx_ptnr3_PDB_ins_code 
_struct_conn.details 
_struct_conn.pdbx_dist_value 
_struct_conn.pdbx_value_order 
_struct_conn.pdbx_role 
covale1  covale both ? C LYS 1  C  ? ? ? 1_555 C HIS 2  N  ? ? A LYS 144 A HIS 145 1_555 ? ? ? ? ? ? ?            1.342 ? ? 
covale2  covale both ? C HIS 2  C  ? ? ? 1_555 C TYR 3  N  ? ? A HIS 145 A TYR 146 1_555 ? ? ? ? ? ? ?            1.338 ? ? 
hydrog1  hydrog ?    ? A DT  1  N3 ? ? ? 1_555 B DA  11 N1 ? ? B DT  3   C DA  24  1_555 ? ? ? ? ? ? WATSON-CRICK ?     ? ? 
hydrog2  hydrog ?    ? A DT  1  O4 ? ? ? 1_555 B DA  11 N6 ? ? B DT  3   C DA  24  1_555 ? ? ? ? ? ? WATSON-CRICK ?     ? ? 
hydrog3  hydrog ?    ? A DA  2  N1 ? ? ? 1_555 B DT  10 N3 ? ? B DA  4   C DT  23  1_555 ? ? ? ? ? ? WATSON-CRICK ?     ? ? 
hydrog4  hydrog ?    ? A DA  2  N6 ? ? ? 1_555 B DT  10 O4 ? ? B DA  4   C DT  23  1_555 ? ? ? ? ? ? WATSON-CRICK ?     ? ? 
hydrog5  hydrog ?    ? A DG  3  N1 ? ? ? 1_555 B DC  9  N3 ? ? B DG  5   C DC  22  1_555 ? ? ? ? ? ? WATSON-CRICK ?     ? ? 
hydrog6  hydrog ?    ? A DG  3  N2 ? ? ? 1_555 B DC  9  O2 ? ? B DG  5   C DC  22  1_555 ? ? ? ? ? ? WATSON-CRICK ?     ? ? 
hydrog7  hydrog ?    ? A DG  3  O6 ? ? ? 1_555 B DC  9  N4 ? ? B DG  5   C DC  22  1_555 ? ? ? ? ? ? WATSON-CRICK ?     ? ? 
hydrog8  hydrog ?    ? A DC  4  N3 ? ? ? 1_555 B DG  8  N1 ? ? B DC  6   C DG  21  1_555 ? ? ? ? ? ? WATSON-CRICK ?     ? ? 
hydrog9  hydrog ?    ? A DC  4  N4 ? ? ? 1_555 B DG  8  O6 ? ? B DC  6   C DG  21  1_555 ? ? ? ? ? ? WATSON-CRICK ?     ? ? 
hydrog10 hydrog ?    ? A DC  4  O2 ? ? ? 1_555 B DG  8  N2 ? ? B DC  6   C DG  21  1_555 ? ? ? ? ? ? WATSON-CRICK ?     ? ? 
hydrog11 hydrog ?    ? A DC  5  N3 ? ? ? 1_555 B DG  7  N1 ? ? B DC  7   C DG  20  1_555 ? ? ? ? ? ? WATSON-CRICK ?     ? ? 
hydrog12 hydrog ?    ? A DC  5  N4 ? ? ? 1_555 B DG  7  O6 ? ? B DC  7   C DG  20  1_555 ? ? ? ? ? ? WATSON-CRICK ?     ? ? 
hydrog13 hydrog ?    ? A DC  5  O2 ? ? ? 1_555 B DG  7  N2 ? ? B DC  7   C DG  20  1_555 ? ? ? ? ? ? WATSON-CRICK ?     ? ? 
hydrog14 hydrog ?    ? A DG  6  N1 ? ? ? 1_555 B DC  6  N3 ? ? B DG  8   C DC  19  1_555 ? ? ? ? ? ? WATSON-CRICK ?     ? ? 
hydrog15 hydrog ?    ? A DG  6  N2 ? ? ? 1_555 B DC  6  O2 ? ? B DG  8   C DC  19  1_555 ? ? ? ? ? ? WATSON-CRICK ?     ? ? 
hydrog16 hydrog ?    ? A DG  6  O6 ? ? ? 1_555 B DC  6  N4 ? ? B DG  8   C DC  19  1_555 ? ? ? ? ? ? WATSON-CRICK ?     ? ? 
hydrog17 hydrog ?    ? A DC  7  N3 ? ? ? 1_555 B DG  5  N1 ? ? B DC  9   C DG  18  1_555 ? ? ? ? ? ? WATSON-CRICK ?     ? ? 
hydrog18 hydrog ?    ? A DC  7  N4 ? ? ? 1_555 B DG  5  O6 ? ? B DC  9   C DG  18  1_555 ? ? ? ? ? ? WATSON-CRICK ?     ? ? 
hydrog19 hydrog ?    ? A DC  7  O2 ? ? ? 1_555 B DG  5  N2 ? ? B DC  9   C DG  18  1_555 ? ? ? ? ? ? WATSON-CRICK ?     ? ? 
hydrog20 hydrog ?    ? A DC  8  N3 ? ? ? 1_555 B DG  4  N1 ? ? B DC  10  C DG  17  1_555 ? ? ? ? ? ? WATSON-CRICK ?     ? ? 
hydrog21 hydrog ?    ? A DC  8  N4 ? ? ? 1_555 B DG  4  O6 ? ? B DC  10  C DG  17  1_555 ? ? ? ? ? ? WATSON-CRICK ?     ? ? 
hydrog22 hydrog ?    ? A DC  8  O2 ? ? ? 1_555 B DG  4  N2 ? ? B DC  10  C DG  17  1_555 ? ? ? ? ? ? WATSON-CRICK ?     ? ? 
hydrog23 hydrog ?    ? A DA  9  N1 ? ? ? 1_555 B DT  3  N3 ? ? B DA  11  C DT  16  1_555 ? ? ? ? ? ? WATSON-CRICK ?     ? ? 
hydrog24 hydrog ?    ? A DA  9  N6 ? ? ? 1_555 B DT  3  O4 ? ? B DA  11  C DT  16  1_555 ? ? ? ? ? ? WATSON-CRICK ?     ? ? 
hydrog25 hydrog ?    ? A DG  10 N1 ? ? ? 1_555 B DC  2  N3 ? ? B DG  12  C DC  15  1_555 ? ? ? ? ? ? WATSON-CRICK ?     ? ? 
hydrog26 hydrog ?    ? A DG  10 N2 ? ? ? 1_555 B DC  2  O2 ? ? B DG  12  C DC  15  1_555 ? ? ? ? ? ? WATSON-CRICK ?     ? ? 
hydrog27 hydrog ?    ? A DG  10 O6 ? ? ? 1_555 B DC  2  N4 ? ? B DG  12  C DC  15  1_555 ? ? ? ? ? ? WATSON-CRICK ?     ? ? 
hydrog28 hydrog ?    ? A DC  11 N3 ? ? ? 1_555 B DG  1  N1 ? ? B DC  13  C DG  14  1_555 ? ? ? ? ? ? WATSON-CRICK ?     ? ? 
hydrog29 hydrog ?    ? A DC  11 N4 ? ? ? 1_555 B DG  1  O6 ? ? B DC  13  C DG  14  1_555 ? ? ? ? ? ? WATSON-CRICK ?     ? ? 
hydrog30 hydrog ?    ? A DC  11 O2 ? ? ? 1_555 B DG  1  N2 ? ? B DC  13  C DG  14  1_555 ? ? ? ? ? ? WATSON-CRICK ?     ? ? 
# 
loop_
_struct_conn_type.id 
_struct_conn_type.criteria 
_struct_conn_type.reference 
covale ? ? 
hydrog ? ? 
# 
_struct_sheet.id               A 
_struct_sheet.type             ? 
_struct_sheet.number_strands   3 
_struct_sheet.details          ? 
# 
loop_
_struct_sheet_order.sheet_id 
_struct_sheet_order.range_id_1 
_struct_sheet_order.range_id_2 
_struct_sheet_order.offset 
_struct_sheet_order.sense 
A 1 2 ? anti-parallel 
A 2 3 ? anti-parallel 
# 
loop_
_struct_sheet_range.sheet_id 
_struct_sheet_range.id 
_struct_sheet_range.beg_label_comp_id 
_struct_sheet_range.beg_label_asym_id 
_struct_sheet_range.beg_label_seq_id 
_struct_sheet_range.pdbx_beg_PDB_ins_code 
_struct_sheet_range.end_label_comp_id 
_struct_sheet_range.end_label_asym_id 
_struct_sheet_range.end_label_seq_id 
_struct_sheet_range.pdbx_end_PDB_ins_code 
_struct_sheet_range.beg_auth_comp_id 
_struct_sheet_range.beg_auth_asym_id 
_struct_sheet_range.beg_auth_seq_id 
_struct_sheet_range.end_auth_comp_id 
_struct_sheet_range.end_auth_asym_id 
_struct_sheet_range.end_auth_seq_id 
A 1 VAL C 6  ? ARG C 9  ? VAL A 149 ARG A 152 
A 2 LYS C 13 ? ASP C 20 ? LYS A 156 ASP A 163 
A 3 ALA C 26 ? PHE C 33 ? ALA A 169 PHE A 176 
# 
loop_
_pdbx_struct_sheet_hbond.sheet_id 
_pdbx_struct_sheet_hbond.range_id_1 
_pdbx_struct_sheet_hbond.range_id_2 
_pdbx_struct_sheet_hbond.range_1_label_atom_id 
_pdbx_struct_sheet_hbond.range_1_label_comp_id 
_pdbx_struct_sheet_hbond.range_1_label_asym_id 
_pdbx_struct_sheet_hbond.range_1_label_seq_id 
_pdbx_struct_sheet_hbond.range_1_PDB_ins_code 
_pdbx_struct_sheet_hbond.range_1_auth_atom_id 
_pdbx_struct_sheet_hbond.range_1_auth_comp_id 
_pdbx_struct_sheet_hbond.range_1_auth_asym_id 
_pdbx_struct_sheet_hbond.range_1_auth_seq_id 
_pdbx_struct_sheet_hbond.range_2_label_atom_id 
_pdbx_struct_sheet_hbond.range_2_label_comp_id 
_pdbx_struct_sheet_hbond.range_2_label_asym_id 
_pdbx_struct_sheet_hbond.range_2_label_seq_id 
_pdbx_struct_sheet_hbond.range_2_PDB_ins_code 
_pdbx_struct_sheet_hbond.range_2_auth_atom_id 
_pdbx_struct_sheet_hbond.range_2_auth_comp_id 
_pdbx_struct_sheet_hbond.range_2_auth_asym_id 
_pdbx_struct_sheet_hbond.range_2_auth_seq_id 
A 1 2 O ARG C 7  ? O ARG A 150 N ALA C 15 ? N ALA A 158 
A 2 3 O PHE C 14 ? O PHE A 157 N PHE C 33 ? N PHE A 176 
# 
_pdbx_entry_details.entry_id                   1GCC 
_pdbx_entry_details.compound_details           ? 
_pdbx_entry_details.source_details             ? 
_pdbx_entry_details.nonpolymer_details         ? 
_pdbx_entry_details.sequence_details           ? 
_pdbx_entry_details.has_ligand_of_interest     ? 
_pdbx_entry_details.has_protein_modification   N 
# 
loop_
_pdbx_validate_rmsd_angle.id 
_pdbx_validate_rmsd_angle.PDB_model_num 
_pdbx_validate_rmsd_angle.auth_atom_id_1 
_pdbx_validate_rmsd_angle.auth_asym_id_1 
_pdbx_validate_rmsd_angle.auth_comp_id_1 
_pdbx_validate_rmsd_angle.auth_seq_id_1 
_pdbx_validate_rmsd_angle.PDB_ins_code_1 
_pdbx_validate_rmsd_angle.label_alt_id_1 
_pdbx_validate_rmsd_angle.auth_atom_id_2 
_pdbx_validate_rmsd_angle.auth_asym_id_2 
_pdbx_validate_rmsd_angle.auth_comp_id_2 
_pdbx_validate_rmsd_angle.auth_seq_id_2 
_pdbx_validate_rmsd_angle.PDB_ins_code_2 
_pdbx_validate_rmsd_angle.label_alt_id_2 
_pdbx_validate_rmsd_angle.auth_atom_id_3 
_pdbx_validate_rmsd_angle.auth_asym_id_3 
_pdbx_validate_rmsd_angle.auth_comp_id_3 
_pdbx_validate_rmsd_angle.auth_seq_id_3 
_pdbx_validate_rmsd_angle.PDB_ins_code_3 
_pdbx_validate_rmsd_angle.label_alt_id_3 
_pdbx_validate_rmsd_angle.angle_value 
_pdbx_validate_rmsd_angle.angle_target_value 
_pdbx_validate_rmsd_angle.angle_deviation 
_pdbx_validate_rmsd_angle.angle_standard_deviation 
_pdbx_validate_rmsd_angle.linker_flag 
1  1 "O4'" B DC  6   ? ? "C4'" B DC  6   ? ? "C3'" B DC  6   ? ? 109.73 106.00 3.73  0.60 N 
2  1 "O4'" B DC  10  ? ? "C4'" B DC  10  ? ? "C3'" B DC  10  ? ? 109.70 106.00 3.70  0.60 N 
3  1 "O4'" C DC  15  ? ? "C1'" C DC  15  ? ? N1    C DC  15  ? ? 110.29 108.30 1.99  0.30 N 
4  1 "O4'" C DT  16  ? ? "C4'" C DT  16  ? ? "C3'" C DT  16  ? ? 110.00 106.00 4.00  0.60 N 
5  1 "O4'" C DG  18  ? ? "C1'" C DG  18  ? ? N9    C DG  18  ? ? 110.35 108.30 2.05  0.30 N 
6  1 "O4'" C DG  20  ? ? "C1'" C DG  20  ? ? N9    C DG  20  ? ? 110.40 108.30 2.10  0.30 N 
7  1 "O4'" C DC  22  ? ? "C4'" C DC  22  ? ? "C3'" C DC  22  ? ? 109.71 106.00 3.71  0.60 N 
8  1 NE    A ARG 147 ? ? CZ    A ARG 147 ? ? NH1   A ARG 147 ? ? 124.38 120.30 4.08  0.50 N 
9  1 NE    A ARG 150 ? ? CZ    A ARG 150 ? ? NH1   A ARG 150 ? ? 123.61 120.30 3.31  0.50 N 
10 1 NE    A ARG 150 ? ? CZ    A ARG 150 ? ? NH2   A ARG 150 ? ? 116.94 120.30 -3.36 0.50 N 
# 
_pdbx_validate_torsion.id              1 
_pdbx_validate_torsion.PDB_model_num   1 
_pdbx_validate_torsion.auth_comp_id    ARG 
_pdbx_validate_torsion.auth_asym_id    A 
_pdbx_validate_torsion.auth_seq_id     197 
_pdbx_validate_torsion.PDB_ins_code    ? 
_pdbx_validate_torsion.label_alt_id    ? 
_pdbx_validate_torsion.phi             51.83 
_pdbx_validate_torsion.psi             74.04 
# 
loop_
_pdbx_validate_planes.id 
_pdbx_validate_planes.PDB_model_num 
_pdbx_validate_planes.auth_comp_id 
_pdbx_validate_planes.auth_asym_id 
_pdbx_validate_planes.auth_seq_id 
_pdbx_validate_planes.PDB_ins_code 
_pdbx_validate_planes.label_alt_id 
_pdbx_validate_planes.rmsd 
_pdbx_validate_planes.type 
1 1 DC  B 7   ? ? 0.075 'SIDE CHAIN' 
2 1 DT  C 16  ? ? 0.068 'SIDE CHAIN' 
3 1 DG  C 17  ? ? 0.064 'SIDE CHAIN' 
4 1 DC  C 19  ? ? 0.089 'SIDE CHAIN' 
5 1 DC  C 22  ? ? 0.071 'SIDE CHAIN' 
6 1 ARG A 147 ? ? 0.137 'SIDE CHAIN' 
7 1 ARG A 170 ? ? 0.076 'SIDE CHAIN' 
8 1 TYR A 186 ? ? 0.096 'SIDE CHAIN' 
# 
_pdbx_nmr_ensemble.entry_id                             1GCC 
_pdbx_nmr_ensemble.conformers_calculated_total_number   1 
_pdbx_nmr_ensemble.conformers_submitted_total_number    1 
_pdbx_nmr_ensemble.conformer_selection_criteria         ? 
# 
_pdbx_nmr_sample_details.solution_id   1 
_pdbx_nmr_sample_details.contents      'POTASIUM PHOSPHATE' 
# 
_pdbx_nmr_exptl_sample_conditions.conditions_id       1 
_pdbx_nmr_exptl_sample_conditions.temperature         298 
_pdbx_nmr_exptl_sample_conditions.pressure            1 
_pdbx_nmr_exptl_sample_conditions.pH                  6.0 
_pdbx_nmr_exptl_sample_conditions.ionic_strength      '90 mM' 
_pdbx_nmr_exptl_sample_conditions.pressure_units      ATMOSPHERE 
_pdbx_nmr_exptl_sample_conditions.temperature_units   K 
# 
loop_
_pdbx_nmr_exptl.experiment_id 
_pdbx_nmr_exptl.conditions_id 
_pdbx_nmr_exptl.type 
_pdbx_nmr_exptl.solution_id 
1 1 NOESY                  1 
2 1 TOCSY                  1 
3 1 DQF-COSY               1 
4 1 '1H-15N HSQC'          1 
5 1 '3D 1H-15N NOESY-HMQC' 1 
6 1 '3D 1H-15N TOCSY-HMQC' 1 
7 1 13C                    1 
8 1 '15N-FILTERED NOESY'   1 
# 
_pdbx_nmr_details.entry_id   1GCC 
_pdbx_nmr_details.text       
;SIGNALS DUE TO PROTEINS WERE OBTAINED BY NOESY, TOCSY, DQF-COSY FOR UNLABELED SAMPLE AND 1H-15N HSQC, 3D 1H-15N NOESY-HMQC AND 3D 1H-15N TOCSY-HMQC FOR THE SAMPLE WITH 15N-LABELED PROTEIN. SIGNALS DUE TO DNA WERE OBTAINED BY NOESY, TOCSY, AND DQF-COSY FOR UNLABELED SAMPLE AND 13C,15N-FILTERED NOESY FOR SAMPLE WITH 13C, 15N-LABELED PROTEIN. INTERMOLECULAR NOES WERE IDENTIFIED USING NOESY SPECTRA INCLUDING THOSE WITH AND WITHOUT 13C- OR 15N-DECOUPLING FOR SAMPLE WITH 13C,15N-LABELED PROTEIN.
;
# 
_pdbx_nmr_refine.entry_id           1GCC 
_pdbx_nmr_refine.method             
;SIMULATED ANNEALING PROTOCOL IN X-PLOR 3.1 WAS CARRIED OUT TO OBTAIN 25 STRUCTURES. MINIMIZED MEAN STRUCTURE OF THEM WAS FURTHER REVISED BY A 300 PS RESTRAINED MOLECULAR DYNAMICAL CALCULATION IN THE PRESENCE OF APPROXIMATELY 5000 TIP3P WATER MOLSCULES, USING CORNELL FORCE FIELD IN AMBER 4.1. THE MEAN CO-ORDINATE OF 200 STRUCTURES OBTAINED AFTER THE EQUILIBRIUM (100 PS) WAS ENERGY-MINIMIZED.
;
_pdbx_nmr_refine.details            
;SEE REMARK 210 OTHER PROGRAMS USED: AMBER 4.1 AUTHORS: PEARLMAN,CASE,CALDWELL,ROSS,CHEATHAM III, FERGUSON,SEIBEL,SINGH,WEINER,KOLLMAN
;
_pdbx_nmr_refine.software_ordinal   1 
# 
loop_
_pdbx_nmr_software.classification 
_pdbx_nmr_software.name 
_pdbx_nmr_software.version 
_pdbx_nmr_software.authors 
_pdbx_nmr_software.ordinal 
refinement           X-PLOR 3.1 BRUNGER 1 
'structure solution' X-PLOR 3.1 ?       2 
'structure solution' Amber  4.1 ?       3 
# 
loop_
_chem_comp_atom.comp_id 
_chem_comp_atom.atom_id 
_chem_comp_atom.type_symbol 
_chem_comp_atom.pdbx_aromatic_flag 
_chem_comp_atom.pdbx_stereo_config 
_chem_comp_atom.pdbx_ordinal 
ALA N      N N N 1   
ALA CA     C N S 2   
ALA C      C N N 3   
ALA O      O N N 4   
ALA CB     C N N 5   
ALA OXT    O N N 6   
ALA H      H N N 7   
ALA H2     H N N 8   
ALA HA     H N N 9   
ALA HB1    H N N 10  
ALA HB2    H N N 11  
ALA HB3    H N N 12  
ALA HXT    H N N 13  
ARG N      N N N 14  
ARG CA     C N S 15  
ARG C      C N N 16  
ARG O      O N N 17  
ARG CB     C N N 18  
ARG CG     C N N 19  
ARG CD     C N N 20  
ARG NE     N N N 21  
ARG CZ     C N N 22  
ARG NH1    N N N 23  
ARG NH2    N N N 24  
ARG OXT    O N N 25  
ARG H      H N N 26  
ARG H2     H N N 27  
ARG HA     H N N 28  
ARG HB2    H N N 29  
ARG HB3    H N N 30  
ARG HG2    H N N 31  
ARG HG3    H N N 32  
ARG HD2    H N N 33  
ARG HD3    H N N 34  
ARG HE     H N N 35  
ARG HH11   H N N 36  
ARG HH12   H N N 37  
ARG HH21   H N N 38  
ARG HH22   H N N 39  
ARG HXT    H N N 40  
ASN N      N N N 41  
ASN CA     C N S 42  
ASN C      C N N 43  
ASN O      O N N 44  
ASN CB     C N N 45  
ASN CG     C N N 46  
ASN OD1    O N N 47  
ASN ND2    N N N 48  
ASN OXT    O N N 49  
ASN H      H N N 50  
ASN H2     H N N 51  
ASN HA     H N N 52  
ASN HB2    H N N 53  
ASN HB3    H N N 54  
ASN HD21   H N N 55  
ASN HD22   H N N 56  
ASN HXT    H N N 57  
ASP N      N N N 58  
ASP CA     C N S 59  
ASP C      C N N 60  
ASP O      O N N 61  
ASP CB     C N N 62  
ASP CG     C N N 63  
ASP OD1    O N N 64  
ASP OD2    O N N 65  
ASP OXT    O N N 66  
ASP H      H N N 67  
ASP H2     H N N 68  
ASP HA     H N N 69  
ASP HB2    H N N 70  
ASP HB3    H N N 71  
ASP HD2    H N N 72  
ASP HXT    H N N 73  
DA  OP3    O N N 74  
DA  P      P N N 75  
DA  OP1    O N N 76  
DA  OP2    O N N 77  
DA  "O5'"  O N N 78  
DA  "C5'"  C N N 79  
DA  "C4'"  C N R 80  
DA  "O4'"  O N N 81  
DA  "C3'"  C N S 82  
DA  "O3'"  O N N 83  
DA  "C2'"  C N N 84  
DA  "C1'"  C N R 85  
DA  N9     N Y N 86  
DA  C8     C Y N 87  
DA  N7     N Y N 88  
DA  C5     C Y N 89  
DA  C6     C Y N 90  
DA  N6     N N N 91  
DA  N1     N Y N 92  
DA  C2     C Y N 93  
DA  N3     N Y N 94  
DA  C4     C Y N 95  
DA  HOP3   H N N 96  
DA  HOP2   H N N 97  
DA  "H5'"  H N N 98  
DA  "H5''" H N N 99  
DA  "H4'"  H N N 100 
DA  "H3'"  H N N 101 
DA  "HO3'" H N N 102 
DA  "H2'"  H N N 103 
DA  "H2''" H N N 104 
DA  "H1'"  H N N 105 
DA  H8     H N N 106 
DA  H61    H N N 107 
DA  H62    H N N 108 
DA  H2     H N N 109 
DC  OP3    O N N 110 
DC  P      P N N 111 
DC  OP1    O N N 112 
DC  OP2    O N N 113 
DC  "O5'"  O N N 114 
DC  "C5'"  C N N 115 
DC  "C4'"  C N R 116 
DC  "O4'"  O N N 117 
DC  "C3'"  C N S 118 
DC  "O3'"  O N N 119 
DC  "C2'"  C N N 120 
DC  "C1'"  C N R 121 
DC  N1     N N N 122 
DC  C2     C N N 123 
DC  O2     O N N 124 
DC  N3     N N N 125 
DC  C4     C N N 126 
DC  N4     N N N 127 
DC  C5     C N N 128 
DC  C6     C N N 129 
DC  HOP3   H N N 130 
DC  HOP2   H N N 131 
DC  "H5'"  H N N 132 
DC  "H5''" H N N 133 
DC  "H4'"  H N N 134 
DC  "H3'"  H N N 135 
DC  "HO3'" H N N 136 
DC  "H2'"  H N N 137 
DC  "H2''" H N N 138 
DC  "H1'"  H N N 139 
DC  H41    H N N 140 
DC  H42    H N N 141 
DC  H5     H N N 142 
DC  H6     H N N 143 
DG  OP3    O N N 144 
DG  P      P N N 145 
DG  OP1    O N N 146 
DG  OP2    O N N 147 
DG  "O5'"  O N N 148 
DG  "C5'"  C N N 149 
DG  "C4'"  C N R 150 
DG  "O4'"  O N N 151 
DG  "C3'"  C N S 152 
DG  "O3'"  O N N 153 
DG  "C2'"  C N N 154 
DG  "C1'"  C N R 155 
DG  N9     N Y N 156 
DG  C8     C Y N 157 
DG  N7     N Y N 158 
DG  C5     C Y N 159 
DG  C6     C N N 160 
DG  O6     O N N 161 
DG  N1     N N N 162 
DG  C2     C N N 163 
DG  N2     N N N 164 
DG  N3     N N N 165 
DG  C4     C Y N 166 
DG  HOP3   H N N 167 
DG  HOP2   H N N 168 
DG  "H5'"  H N N 169 
DG  "H5''" H N N 170 
DG  "H4'"  H N N 171 
DG  "H3'"  H N N 172 
DG  "HO3'" H N N 173 
DG  "H2'"  H N N 174 
DG  "H2''" H N N 175 
DG  "H1'"  H N N 176 
DG  H8     H N N 177 
DG  H1     H N N 178 
DG  H21    H N N 179 
DG  H22    H N N 180 
DT  OP3    O N N 181 
DT  P      P N N 182 
DT  OP1    O N N 183 
DT  OP2    O N N 184 
DT  "O5'"  O N N 185 
DT  "C5'"  C N N 186 
DT  "C4'"  C N R 187 
DT  "O4'"  O N N 188 
DT  "C3'"  C N S 189 
DT  "O3'"  O N N 190 
DT  "C2'"  C N N 191 
DT  "C1'"  C N R 192 
DT  N1     N N N 193 
DT  C2     C N N 194 
DT  O2     O N N 195 
DT  N3     N N N 196 
DT  C4     C N N 197 
DT  O4     O N N 198 
DT  C5     C N N 199 
DT  C7     C N N 200 
DT  C6     C N N 201 
DT  HOP3   H N N 202 
DT  HOP2   H N N 203 
DT  "H5'"  H N N 204 
DT  "H5''" H N N 205 
DT  "H4'"  H N N 206 
DT  "H3'"  H N N 207 
DT  "HO3'" H N N 208 
DT  "H2'"  H N N 209 
DT  "H2''" H N N 210 
DT  "H1'"  H N N 211 
DT  H3     H N N 212 
DT  H71    H N N 213 
DT  H72    H N N 214 
DT  H73    H N N 215 
DT  H6     H N N 216 
GLN N      N N N 217 
GLN CA     C N S 218 
GLN C      C N N 219 
GLN O      O N N 220 
GLN CB     C N N 221 
GLN CG     C N N 222 
GLN CD     C N N 223 
GLN OE1    O N N 224 
GLN NE2    N N N 225 
GLN OXT    O N N 226 
GLN H      H N N 227 
GLN H2     H N N 228 
GLN HA     H N N 229 
GLN HB2    H N N 230 
GLN HB3    H N N 231 
GLN HG2    H N N 232 
GLN HG3    H N N 233 
GLN HE21   H N N 234 
GLN HE22   H N N 235 
GLN HXT    H N N 236 
GLU N      N N N 237 
GLU CA     C N S 238 
GLU C      C N N 239 
GLU O      O N N 240 
GLU CB     C N N 241 
GLU CG     C N N 242 
GLU CD     C N N 243 
GLU OE1    O N N 244 
GLU OE2    O N N 245 
GLU OXT    O N N 246 
GLU H      H N N 247 
GLU H2     H N N 248 
GLU HA     H N N 249 
GLU HB2    H N N 250 
GLU HB3    H N N 251 
GLU HG2    H N N 252 
GLU HG3    H N N 253 
GLU HE2    H N N 254 
GLU HXT    H N N 255 
GLY N      N N N 256 
GLY CA     C N N 257 
GLY C      C N N 258 
GLY O      O N N 259 
GLY OXT    O N N 260 
GLY H      H N N 261 
GLY H2     H N N 262 
GLY HA2    H N N 263 
GLY HA3    H N N 264 
GLY HXT    H N N 265 
HIS N      N N N 266 
HIS CA     C N S 267 
HIS C      C N N 268 
HIS O      O N N 269 
HIS CB     C N N 270 
HIS CG     C Y N 271 
HIS ND1    N Y N 272 
HIS CD2    C Y N 273 
HIS CE1    C Y N 274 
HIS NE2    N Y N 275 
HIS OXT    O N N 276 
HIS H      H N N 277 
HIS H2     H N N 278 
HIS HA     H N N 279 
HIS HB2    H N N 280 
HIS HB3    H N N 281 
HIS HD1    H N N 282 
HIS HD2    H N N 283 
HIS HE1    H N N 284 
HIS HE2    H N N 285 
HIS HXT    H N N 286 
ILE N      N N N 287 
ILE CA     C N S 288 
ILE C      C N N 289 
ILE O      O N N 290 
ILE CB     C N S 291 
ILE CG1    C N N 292 
ILE CG2    C N N 293 
ILE CD1    C N N 294 
ILE OXT    O N N 295 
ILE H      H N N 296 
ILE H2     H N N 297 
ILE HA     H N N 298 
ILE HB     H N N 299 
ILE HG12   H N N 300 
ILE HG13   H N N 301 
ILE HG21   H N N 302 
ILE HG22   H N N 303 
ILE HG23   H N N 304 
ILE HD11   H N N 305 
ILE HD12   H N N 306 
ILE HD13   H N N 307 
ILE HXT    H N N 308 
LEU N      N N N 309 
LEU CA     C N S 310 
LEU C      C N N 311 
LEU O      O N N 312 
LEU CB     C N N 313 
LEU CG     C N N 314 
LEU CD1    C N N 315 
LEU CD2    C N N 316 
LEU OXT    O N N 317 
LEU H      H N N 318 
LEU H2     H N N 319 
LEU HA     H N N 320 
LEU HB2    H N N 321 
LEU HB3    H N N 322 
LEU HG     H N N 323 
LEU HD11   H N N 324 
LEU HD12   H N N 325 
LEU HD13   H N N 326 
LEU HD21   H N N 327 
LEU HD22   H N N 328 
LEU HD23   H N N 329 
LEU HXT    H N N 330 
LYS N      N N N 331 
LYS CA     C N S 332 
LYS C      C N N 333 
LYS O      O N N 334 
LYS CB     C N N 335 
LYS CG     C N N 336 
LYS CD     C N N 337 
LYS CE     C N N 338 
LYS NZ     N N N 339 
LYS OXT    O N N 340 
LYS H      H N N 341 
LYS H2     H N N 342 
LYS HA     H N N 343 
LYS HB2    H N N 344 
LYS HB3    H N N 345 
LYS HG2    H N N 346 
LYS HG3    H N N 347 
LYS HD2    H N N 348 
LYS HD3    H N N 349 
LYS HE2    H N N 350 
LYS HE3    H N N 351 
LYS HZ1    H N N 352 
LYS HZ2    H N N 353 
LYS HZ3    H N N 354 
LYS HXT    H N N 355 
MET N      N N N 356 
MET CA     C N S 357 
MET C      C N N 358 
MET O      O N N 359 
MET CB     C N N 360 
MET CG     C N N 361 
MET SD     S N N 362 
MET CE     C N N 363 
MET OXT    O N N 364 
MET H      H N N 365 
MET H2     H N N 366 
MET HA     H N N 367 
MET HB2    H N N 368 
MET HB3    H N N 369 
MET HG2    H N N 370 
MET HG3    H N N 371 
MET HE1    H N N 372 
MET HE2    H N N 373 
MET HE3    H N N 374 
MET HXT    H N N 375 
PHE N      N N N 376 
PHE CA     C N S 377 
PHE C      C N N 378 
PHE O      O N N 379 
PHE CB     C N N 380 
PHE CG     C Y N 381 
PHE CD1    C Y N 382 
PHE CD2    C Y N 383 
PHE CE1    C Y N 384 
PHE CE2    C Y N 385 
PHE CZ     C Y N 386 
PHE OXT    O N N 387 
PHE H      H N N 388 
PHE H2     H N N 389 
PHE HA     H N N 390 
PHE HB2    H N N 391 
PHE HB3    H N N 392 
PHE HD1    H N N 393 
PHE HD2    H N N 394 
PHE HE1    H N N 395 
PHE HE2    H N N 396 
PHE HZ     H N N 397 
PHE HXT    H N N 398 
PRO N      N N N 399 
PRO CA     C N S 400 
PRO C      C N N 401 
PRO O      O N N 402 
PRO CB     C N N 403 
PRO CG     C N N 404 
PRO CD     C N N 405 
PRO OXT    O N N 406 
PRO H      H N N 407 
PRO HA     H N N 408 
PRO HB2    H N N 409 
PRO HB3    H N N 410 
PRO HG2    H N N 411 
PRO HG3    H N N 412 
PRO HD2    H N N 413 
PRO HD3    H N N 414 
PRO HXT    H N N 415 
SER N      N N N 416 
SER CA     C N S 417 
SER C      C N N 418 
SER O      O N N 419 
SER CB     C N N 420 
SER OG     O N N 421 
SER OXT    O N N 422 
SER H      H N N 423 
SER H2     H N N 424 
SER HA     H N N 425 
SER HB2    H N N 426 
SER HB3    H N N 427 
SER HG     H N N 428 
SER HXT    H N N 429 
THR N      N N N 430 
THR CA     C N S 431 
THR C      C N N 432 
THR O      O N N 433 
THR CB     C N R 434 
THR OG1    O N N 435 
THR CG2    C N N 436 
THR OXT    O N N 437 
THR H      H N N 438 
THR H2     H N N 439 
THR HA     H N N 440 
THR HB     H N N 441 
THR HG1    H N N 442 
THR HG21   H N N 443 
THR HG22   H N N 444 
THR HG23   H N N 445 
THR HXT    H N N 446 
TRP N      N N N 447 
TRP CA     C N S 448 
TRP C      C N N 449 
TRP O      O N N 450 
TRP CB     C N N 451 
TRP CG     C Y N 452 
TRP CD1    C Y N 453 
TRP CD2    C Y N 454 
TRP NE1    N Y N 455 
TRP CE2    C Y N 456 
TRP CE3    C Y N 457 
TRP CZ2    C Y N 458 
TRP CZ3    C Y N 459 
TRP CH2    C Y N 460 
TRP OXT    O N N 461 
TRP H      H N N 462 
TRP H2     H N N 463 
TRP HA     H N N 464 
TRP HB2    H N N 465 
TRP HB3    H N N 466 
TRP HD1    H N N 467 
TRP HE1    H N N 468 
TRP HE3    H N N 469 
TRP HZ2    H N N 470 
TRP HZ3    H N N 471 
TRP HH2    H N N 472 
TRP HXT    H N N 473 
TYR N      N N N 474 
TYR CA     C N S 475 
TYR C      C N N 476 
TYR O      O N N 477 
TYR CB     C N N 478 
TYR CG     C Y N 479 
TYR CD1    C Y N 480 
TYR CD2    C Y N 481 
TYR CE1    C Y N 482 
TYR CE2    C Y N 483 
TYR CZ     C Y N 484 
TYR OH     O N N 485 
TYR OXT    O N N 486 
TYR H      H N N 487 
TYR H2     H N N 488 
TYR HA     H N N 489 
TYR HB2    H N N 490 
TYR HB3    H N N 491 
TYR HD1    H N N 492 
TYR HD2    H N N 493 
TYR HE1    H N N 494 
TYR HE2    H N N 495 
TYR HH     H N N 496 
TYR HXT    H N N 497 
VAL N      N N N 498 
VAL CA     C N S 499 
VAL C      C N N 500 
VAL O      O N N 501 
VAL CB     C N N 502 
VAL CG1    C N N 503 
VAL CG2    C N N 504 
VAL OXT    O N N 505 
VAL H      H N N 506 
VAL H2     H N N 507 
VAL HA     H N N 508 
VAL HB     H N N 509 
VAL HG11   H N N 510 
VAL HG12   H N N 511 
VAL HG13   H N N 512 
VAL HG21   H N N 513 
VAL HG22   H N N 514 
VAL HG23   H N N 515 
VAL HXT    H N N 516 
# 
loop_
_chem_comp_bond.comp_id 
_chem_comp_bond.atom_id_1 
_chem_comp_bond.atom_id_2 
_chem_comp_bond.value_order 
_chem_comp_bond.pdbx_aromatic_flag 
_chem_comp_bond.pdbx_stereo_config 
_chem_comp_bond.pdbx_ordinal 
ALA N     CA     sing N N 1   
ALA N     H      sing N N 2   
ALA N     H2     sing N N 3   
ALA CA    C      sing N N 4   
ALA CA    CB     sing N N 5   
ALA CA    HA     sing N N 6   
ALA C     O      doub N N 7   
ALA C     OXT    sing N N 8   
ALA CB    HB1    sing N N 9   
ALA CB    HB2    sing N N 10  
ALA CB    HB3    sing N N 11  
ALA OXT   HXT    sing N N 12  
ARG N     CA     sing N N 13  
ARG N     H      sing N N 14  
ARG N     H2     sing N N 15  
ARG CA    C      sing N N 16  
ARG CA    CB     sing N N 17  
ARG CA    HA     sing N N 18  
ARG C     O      doub N N 19  
ARG C     OXT    sing N N 20  
ARG CB    CG     sing N N 21  
ARG CB    HB2    sing N N 22  
ARG CB    HB3    sing N N 23  
ARG CG    CD     sing N N 24  
ARG CG    HG2    sing N N 25  
ARG CG    HG3    sing N N 26  
ARG CD    NE     sing N N 27  
ARG CD    HD2    sing N N 28  
ARG CD    HD3    sing N N 29  
ARG NE    CZ     sing N N 30  
ARG NE    HE     sing N N 31  
ARG CZ    NH1    sing N N 32  
ARG CZ    NH2    doub N N 33  
ARG NH1   HH11   sing N N 34  
ARG NH1   HH12   sing N N 35  
ARG NH2   HH21   sing N N 36  
ARG NH2   HH22   sing N N 37  
ARG OXT   HXT    sing N N 38  
ASN N     CA     sing N N 39  
ASN N     H      sing N N 40  
ASN N     H2     sing N N 41  
ASN CA    C      sing N N 42  
ASN CA    CB     sing N N 43  
ASN CA    HA     sing N N 44  
ASN C     O      doub N N 45  
ASN C     OXT    sing N N 46  
ASN CB    CG     sing N N 47  
ASN CB    HB2    sing N N 48  
ASN CB    HB3    sing N N 49  
ASN CG    OD1    doub N N 50  
ASN CG    ND2    sing N N 51  
ASN ND2   HD21   sing N N 52  
ASN ND2   HD22   sing N N 53  
ASN OXT   HXT    sing N N 54  
ASP N     CA     sing N N 55  
ASP N     H      sing N N 56  
ASP N     H2     sing N N 57  
ASP CA    C      sing N N 58  
ASP CA    CB     sing N N 59  
ASP CA    HA     sing N N 60  
ASP C     O      doub N N 61  
ASP C     OXT    sing N N 62  
ASP CB    CG     sing N N 63  
ASP CB    HB2    sing N N 64  
ASP CB    HB3    sing N N 65  
ASP CG    OD1    doub N N 66  
ASP CG    OD2    sing N N 67  
ASP OD2   HD2    sing N N 68  
ASP OXT   HXT    sing N N 69  
DA  OP3   P      sing N N 70  
DA  OP3   HOP3   sing N N 71  
DA  P     OP1    doub N N 72  
DA  P     OP2    sing N N 73  
DA  P     "O5'"  sing N N 74  
DA  OP2   HOP2   sing N N 75  
DA  "O5'" "C5'"  sing N N 76  
DA  "C5'" "C4'"  sing N N 77  
DA  "C5'" "H5'"  sing N N 78  
DA  "C5'" "H5''" sing N N 79  
DA  "C4'" "O4'"  sing N N 80  
DA  "C4'" "C3'"  sing N N 81  
DA  "C4'" "H4'"  sing N N 82  
DA  "O4'" "C1'"  sing N N 83  
DA  "C3'" "O3'"  sing N N 84  
DA  "C3'" "C2'"  sing N N 85  
DA  "C3'" "H3'"  sing N N 86  
DA  "O3'" "HO3'" sing N N 87  
DA  "C2'" "C1'"  sing N N 88  
DA  "C2'" "H2'"  sing N N 89  
DA  "C2'" "H2''" sing N N 90  
DA  "C1'" N9     sing N N 91  
DA  "C1'" "H1'"  sing N N 92  
DA  N9    C8     sing Y N 93  
DA  N9    C4     sing Y N 94  
DA  C8    N7     doub Y N 95  
DA  C8    H8     sing N N 96  
DA  N7    C5     sing Y N 97  
DA  C5    C6     sing Y N 98  
DA  C5    C4     doub Y N 99  
DA  C6    N6     sing N N 100 
DA  C6    N1     doub Y N 101 
DA  N6    H61    sing N N 102 
DA  N6    H62    sing N N 103 
DA  N1    C2     sing Y N 104 
DA  C2    N3     doub Y N 105 
DA  C2    H2     sing N N 106 
DA  N3    C4     sing Y N 107 
DC  OP3   P      sing N N 108 
DC  OP3   HOP3   sing N N 109 
DC  P     OP1    doub N N 110 
DC  P     OP2    sing N N 111 
DC  P     "O5'"  sing N N 112 
DC  OP2   HOP2   sing N N 113 
DC  "O5'" "C5'"  sing N N 114 
DC  "C5'" "C4'"  sing N N 115 
DC  "C5'" "H5'"  sing N N 116 
DC  "C5'" "H5''" sing N N 117 
DC  "C4'" "O4'"  sing N N 118 
DC  "C4'" "C3'"  sing N N 119 
DC  "C4'" "H4'"  sing N N 120 
DC  "O4'" "C1'"  sing N N 121 
DC  "C3'" "O3'"  sing N N 122 
DC  "C3'" "C2'"  sing N N 123 
DC  "C3'" "H3'"  sing N N 124 
DC  "O3'" "HO3'" sing N N 125 
DC  "C2'" "C1'"  sing N N 126 
DC  "C2'" "H2'"  sing N N 127 
DC  "C2'" "H2''" sing N N 128 
DC  "C1'" N1     sing N N 129 
DC  "C1'" "H1'"  sing N N 130 
DC  N1    C2     sing N N 131 
DC  N1    C6     sing N N 132 
DC  C2    O2     doub N N 133 
DC  C2    N3     sing N N 134 
DC  N3    C4     doub N N 135 
DC  C4    N4     sing N N 136 
DC  C4    C5     sing N N 137 
DC  N4    H41    sing N N 138 
DC  N4    H42    sing N N 139 
DC  C5    C6     doub N N 140 
DC  C5    H5     sing N N 141 
DC  C6    H6     sing N N 142 
DG  OP3   P      sing N N 143 
DG  OP3   HOP3   sing N N 144 
DG  P     OP1    doub N N 145 
DG  P     OP2    sing N N 146 
DG  P     "O5'"  sing N N 147 
DG  OP2   HOP2   sing N N 148 
DG  "O5'" "C5'"  sing N N 149 
DG  "C5'" "C4'"  sing N N 150 
DG  "C5'" "H5'"  sing N N 151 
DG  "C5'" "H5''" sing N N 152 
DG  "C4'" "O4'"  sing N N 153 
DG  "C4'" "C3'"  sing N N 154 
DG  "C4'" "H4'"  sing N N 155 
DG  "O4'" "C1'"  sing N N 156 
DG  "C3'" "O3'"  sing N N 157 
DG  "C3'" "C2'"  sing N N 158 
DG  "C3'" "H3'"  sing N N 159 
DG  "O3'" "HO3'" sing N N 160 
DG  "C2'" "C1'"  sing N N 161 
DG  "C2'" "H2'"  sing N N 162 
DG  "C2'" "H2''" sing N N 163 
DG  "C1'" N9     sing N N 164 
DG  "C1'" "H1'"  sing N N 165 
DG  N9    C8     sing Y N 166 
DG  N9    C4     sing Y N 167 
DG  C8    N7     doub Y N 168 
DG  C8    H8     sing N N 169 
DG  N7    C5     sing Y N 170 
DG  C5    C6     sing N N 171 
DG  C5    C4     doub Y N 172 
DG  C6    O6     doub N N 173 
DG  C6    N1     sing N N 174 
DG  N1    C2     sing N N 175 
DG  N1    H1     sing N N 176 
DG  C2    N2     sing N N 177 
DG  C2    N3     doub N N 178 
DG  N2    H21    sing N N 179 
DG  N2    H22    sing N N 180 
DG  N3    C4     sing N N 181 
DT  OP3   P      sing N N 182 
DT  OP3   HOP3   sing N N 183 
DT  P     OP1    doub N N 184 
DT  P     OP2    sing N N 185 
DT  P     "O5'"  sing N N 186 
DT  OP2   HOP2   sing N N 187 
DT  "O5'" "C5'"  sing N N 188 
DT  "C5'" "C4'"  sing N N 189 
DT  "C5'" "H5'"  sing N N 190 
DT  "C5'" "H5''" sing N N 191 
DT  "C4'" "O4'"  sing N N 192 
DT  "C4'" "C3'"  sing N N 193 
DT  "C4'" "H4'"  sing N N 194 
DT  "O4'" "C1'"  sing N N 195 
DT  "C3'" "O3'"  sing N N 196 
DT  "C3'" "C2'"  sing N N 197 
DT  "C3'" "H3'"  sing N N 198 
DT  "O3'" "HO3'" sing N N 199 
DT  "C2'" "C1'"  sing N N 200 
DT  "C2'" "H2'"  sing N N 201 
DT  "C2'" "H2''" sing N N 202 
DT  "C1'" N1     sing N N 203 
DT  "C1'" "H1'"  sing N N 204 
DT  N1    C2     sing N N 205 
DT  N1    C6     sing N N 206 
DT  C2    O2     doub N N 207 
DT  C2    N3     sing N N 208 
DT  N3    C4     sing N N 209 
DT  N3    H3     sing N N 210 
DT  C4    O4     doub N N 211 
DT  C4    C5     sing N N 212 
DT  C5    C7     sing N N 213 
DT  C5    C6     doub N N 214 
DT  C7    H71    sing N N 215 
DT  C7    H72    sing N N 216 
DT  C7    H73    sing N N 217 
DT  C6    H6     sing N N 218 
GLN N     CA     sing N N 219 
GLN N     H      sing N N 220 
GLN N     H2     sing N N 221 
GLN CA    C      sing N N 222 
GLN CA    CB     sing N N 223 
GLN CA    HA     sing N N 224 
GLN C     O      doub N N 225 
GLN C     OXT    sing N N 226 
GLN CB    CG     sing N N 227 
GLN CB    HB2    sing N N 228 
GLN CB    HB3    sing N N 229 
GLN CG    CD     sing N N 230 
GLN CG    HG2    sing N N 231 
GLN CG    HG3    sing N N 232 
GLN CD    OE1    doub N N 233 
GLN CD    NE2    sing N N 234 
GLN NE2   HE21   sing N N 235 
GLN NE2   HE22   sing N N 236 
GLN OXT   HXT    sing N N 237 
GLU N     CA     sing N N 238 
GLU N     H      sing N N 239 
GLU N     H2     sing N N 240 
GLU CA    C      sing N N 241 
GLU CA    CB     sing N N 242 
GLU CA    HA     sing N N 243 
GLU C     O      doub N N 244 
GLU C     OXT    sing N N 245 
GLU CB    CG     sing N N 246 
GLU CB    HB2    sing N N 247 
GLU CB    HB3    sing N N 248 
GLU CG    CD     sing N N 249 
GLU CG    HG2    sing N N 250 
GLU CG    HG3    sing N N 251 
GLU CD    OE1    doub N N 252 
GLU CD    OE2    sing N N 253 
GLU OE2   HE2    sing N N 254 
GLU OXT   HXT    sing N N 255 
GLY N     CA     sing N N 256 
GLY N     H      sing N N 257 
GLY N     H2     sing N N 258 
GLY CA    C      sing N N 259 
GLY CA    HA2    sing N N 260 
GLY CA    HA3    sing N N 261 
GLY C     O      doub N N 262 
GLY C     OXT    sing N N 263 
GLY OXT   HXT    sing N N 264 
HIS N     CA     sing N N 265 
HIS N     H      sing N N 266 
HIS N     H2     sing N N 267 
HIS CA    C      sing N N 268 
HIS CA    CB     sing N N 269 
HIS CA    HA     sing N N 270 
HIS C     O      doub N N 271 
HIS C     OXT    sing N N 272 
HIS CB    CG     sing N N 273 
HIS CB    HB2    sing N N 274 
HIS CB    HB3    sing N N 275 
HIS CG    ND1    sing Y N 276 
HIS CG    CD2    doub Y N 277 
HIS ND1   CE1    doub Y N 278 
HIS ND1   HD1    sing N N 279 
HIS CD2   NE2    sing Y N 280 
HIS CD2   HD2    sing N N 281 
HIS CE1   NE2    sing Y N 282 
HIS CE1   HE1    sing N N 283 
HIS NE2   HE2    sing N N 284 
HIS OXT   HXT    sing N N 285 
ILE N     CA     sing N N 286 
ILE N     H      sing N N 287 
ILE N     H2     sing N N 288 
ILE CA    C      sing N N 289 
ILE CA    CB     sing N N 290 
ILE CA    HA     sing N N 291 
ILE C     O      doub N N 292 
ILE C     OXT    sing N N 293 
ILE CB    CG1    sing N N 294 
ILE CB    CG2    sing N N 295 
ILE CB    HB     sing N N 296 
ILE CG1   CD1    sing N N 297 
ILE CG1   HG12   sing N N 298 
ILE CG1   HG13   sing N N 299 
ILE CG2   HG21   sing N N 300 
ILE CG2   HG22   sing N N 301 
ILE CG2   HG23   sing N N 302 
ILE CD1   HD11   sing N N 303 
ILE CD1   HD12   sing N N 304 
ILE CD1   HD13   sing N N 305 
ILE OXT   HXT    sing N N 306 
LEU N     CA     sing N N 307 
LEU N     H      sing N N 308 
LEU N     H2     sing N N 309 
LEU CA    C      sing N N 310 
LEU CA    CB     sing N N 311 
LEU CA    HA     sing N N 312 
LEU C     O      doub N N 313 
LEU C     OXT    sing N N 314 
LEU CB    CG     sing N N 315 
LEU CB    HB2    sing N N 316 
LEU CB    HB3    sing N N 317 
LEU CG    CD1    sing N N 318 
LEU CG    CD2    sing N N 319 
LEU CG    HG     sing N N 320 
LEU CD1   HD11   sing N N 321 
LEU CD1   HD12   sing N N 322 
LEU CD1   HD13   sing N N 323 
LEU CD2   HD21   sing N N 324 
LEU CD2   HD22   sing N N 325 
LEU CD2   HD23   sing N N 326 
LEU OXT   HXT    sing N N 327 
LYS N     CA     sing N N 328 
LYS N     H      sing N N 329 
LYS N     H2     sing N N 330 
LYS CA    C      sing N N 331 
LYS CA    CB     sing N N 332 
LYS CA    HA     sing N N 333 
LYS C     O      doub N N 334 
LYS C     OXT    sing N N 335 
LYS CB    CG     sing N N 336 
LYS CB    HB2    sing N N 337 
LYS CB    HB3    sing N N 338 
LYS CG    CD     sing N N 339 
LYS CG    HG2    sing N N 340 
LYS CG    HG3    sing N N 341 
LYS CD    CE     sing N N 342 
LYS CD    HD2    sing N N 343 
LYS CD    HD3    sing N N 344 
LYS CE    NZ     sing N N 345 
LYS CE    HE2    sing N N 346 
LYS CE    HE3    sing N N 347 
LYS NZ    HZ1    sing N N 348 
LYS NZ    HZ2    sing N N 349 
LYS NZ    HZ3    sing N N 350 
LYS OXT   HXT    sing N N 351 
MET N     CA     sing N N 352 
MET N     H      sing N N 353 
MET N     H2     sing N N 354 
MET CA    C      sing N N 355 
MET CA    CB     sing N N 356 
MET CA    HA     sing N N 357 
MET C     O      doub N N 358 
MET C     OXT    sing N N 359 
MET CB    CG     sing N N 360 
MET CB    HB2    sing N N 361 
MET CB    HB3    sing N N 362 
MET CG    SD     sing N N 363 
MET CG    HG2    sing N N 364 
MET CG    HG3    sing N N 365 
MET SD    CE     sing N N 366 
MET CE    HE1    sing N N 367 
MET CE    HE2    sing N N 368 
MET CE    HE3    sing N N 369 
MET OXT   HXT    sing N N 370 
PHE N     CA     sing N N 371 
PHE N     H      sing N N 372 
PHE N     H2     sing N N 373 
PHE CA    C      sing N N 374 
PHE CA    CB     sing N N 375 
PHE CA    HA     sing N N 376 
PHE C     O      doub N N 377 
PHE C     OXT    sing N N 378 
PHE CB    CG     sing N N 379 
PHE CB    HB2    sing N N 380 
PHE CB    HB3    sing N N 381 
PHE CG    CD1    doub Y N 382 
PHE CG    CD2    sing Y N 383 
PHE CD1   CE1    sing Y N 384 
PHE CD1   HD1    sing N N 385 
PHE CD2   CE2    doub Y N 386 
PHE CD2   HD2    sing N N 387 
PHE CE1   CZ     doub Y N 388 
PHE CE1   HE1    sing N N 389 
PHE CE2   CZ     sing Y N 390 
PHE CE2   HE2    sing N N 391 
PHE CZ    HZ     sing N N 392 
PHE OXT   HXT    sing N N 393 
PRO N     CA     sing N N 394 
PRO N     CD     sing N N 395 
PRO N     H      sing N N 396 
PRO CA    C      sing N N 397 
PRO CA    CB     sing N N 398 
PRO CA    HA     sing N N 399 
PRO C     O      doub N N 400 
PRO C     OXT    sing N N 401 
PRO CB    CG     sing N N 402 
PRO CB    HB2    sing N N 403 
PRO CB    HB3    sing N N 404 
PRO CG    CD     sing N N 405 
PRO CG    HG2    sing N N 406 
PRO CG    HG3    sing N N 407 
PRO CD    HD2    sing N N 408 
PRO CD    HD3    sing N N 409 
PRO OXT   HXT    sing N N 410 
SER N     CA     sing N N 411 
SER N     H      sing N N 412 
SER N     H2     sing N N 413 
SER CA    C      sing N N 414 
SER CA    CB     sing N N 415 
SER CA    HA     sing N N 416 
SER C     O      doub N N 417 
SER C     OXT    sing N N 418 
SER CB    OG     sing N N 419 
SER CB    HB2    sing N N 420 
SER CB    HB3    sing N N 421 
SER OG    HG     sing N N 422 
SER OXT   HXT    sing N N 423 
THR N     CA     sing N N 424 
THR N     H      sing N N 425 
THR N     H2     sing N N 426 
THR CA    C      sing N N 427 
THR CA    CB     sing N N 428 
THR CA    HA     sing N N 429 
THR C     O      doub N N 430 
THR C     OXT    sing N N 431 
THR CB    OG1    sing N N 432 
THR CB    CG2    sing N N 433 
THR CB    HB     sing N N 434 
THR OG1   HG1    sing N N 435 
THR CG2   HG21   sing N N 436 
THR CG2   HG22   sing N N 437 
THR CG2   HG23   sing N N 438 
THR OXT   HXT    sing N N 439 
TRP N     CA     sing N N 440 
TRP N     H      sing N N 441 
TRP N     H2     sing N N 442 
TRP CA    C      sing N N 443 
TRP CA    CB     sing N N 444 
TRP CA    HA     sing N N 445 
TRP C     O      doub N N 446 
TRP C     OXT    sing N N 447 
TRP CB    CG     sing N N 448 
TRP CB    HB2    sing N N 449 
TRP CB    HB3    sing N N 450 
TRP CG    CD1    doub Y N 451 
TRP CG    CD2    sing Y N 452 
TRP CD1   NE1    sing Y N 453 
TRP CD1   HD1    sing N N 454 
TRP CD2   CE2    doub Y N 455 
TRP CD2   CE3    sing Y N 456 
TRP NE1   CE2    sing Y N 457 
TRP NE1   HE1    sing N N 458 
TRP CE2   CZ2    sing Y N 459 
TRP CE3   CZ3    doub Y N 460 
TRP CE3   HE3    sing N N 461 
TRP CZ2   CH2    doub Y N 462 
TRP CZ2   HZ2    sing N N 463 
TRP CZ3   CH2    sing Y N 464 
TRP CZ3   HZ3    sing N N 465 
TRP CH2   HH2    sing N N 466 
TRP OXT   HXT    sing N N 467 
TYR N     CA     sing N N 468 
TYR N     H      sing N N 469 
TYR N     H2     sing N N 470 
TYR CA    C      sing N N 471 
TYR CA    CB     sing N N 472 
TYR CA    HA     sing N N 473 
TYR C     O      doub N N 474 
TYR C     OXT    sing N N 475 
TYR CB    CG     sing N N 476 
TYR CB    HB2    sing N N 477 
TYR CB    HB3    sing N N 478 
TYR CG    CD1    doub Y N 479 
TYR CG    CD2    sing Y N 480 
TYR CD1   CE1    sing Y N 481 
TYR CD1   HD1    sing N N 482 
TYR CD2   CE2    doub Y N 483 
TYR CD2   HD2    sing N N 484 
TYR CE1   CZ     doub Y N 485 
TYR CE1   HE1    sing N N 486 
TYR CE2   CZ     sing Y N 487 
TYR CE2   HE2    sing N N 488 
TYR CZ    OH     sing N N 489 
TYR OH    HH     sing N N 490 
TYR OXT   HXT    sing N N 491 
VAL N     CA     sing N N 492 
VAL N     H      sing N N 493 
VAL N     H2     sing N N 494 
VAL CA    C      sing N N 495 
VAL CA    CB     sing N N 496 
VAL CA    HA     sing N N 497 
VAL C     O      doub N N 498 
VAL C     OXT    sing N N 499 
VAL CB    CG1    sing N N 500 
VAL CB    CG2    sing N N 501 
VAL CB    HB     sing N N 502 
VAL CG1   HG11   sing N N 503 
VAL CG1   HG12   sing N N 504 
VAL CG1   HG13   sing N N 505 
VAL CG2   HG21   sing N N 506 
VAL CG2   HG22   sing N N 507 
VAL CG2   HG23   sing N N 508 
VAL OXT   HXT    sing N N 509 
# 
loop_
_ndb_struct_conf_na.entry_id 
_ndb_struct_conf_na.feature 
1GCC 'double helix'        
1GCC 'b-form double helix' 
# 
loop_
_ndb_struct_na_base_pair.model_number 
_ndb_struct_na_base_pair.i_label_asym_id 
_ndb_struct_na_base_pair.i_label_comp_id 
_ndb_struct_na_base_pair.i_label_seq_id 
_ndb_struct_na_base_pair.i_symmetry 
_ndb_struct_na_base_pair.j_label_asym_id 
_ndb_struct_na_base_pair.j_label_comp_id 
_ndb_struct_na_base_pair.j_label_seq_id 
_ndb_struct_na_base_pair.j_symmetry 
_ndb_struct_na_base_pair.shear 
_ndb_struct_na_base_pair.stretch 
_ndb_struct_na_base_pair.stagger 
_ndb_struct_na_base_pair.buckle 
_ndb_struct_na_base_pair.propeller 
_ndb_struct_na_base_pair.opening 
_ndb_struct_na_base_pair.pair_number 
_ndb_struct_na_base_pair.pair_name 
_ndb_struct_na_base_pair.i_auth_asym_id 
_ndb_struct_na_base_pair.i_auth_seq_id 
_ndb_struct_na_base_pair.i_PDB_ins_code 
_ndb_struct_na_base_pair.j_auth_asym_id 
_ndb_struct_na_base_pair.j_auth_seq_id 
_ndb_struct_na_base_pair.j_PDB_ins_code 
_ndb_struct_na_base_pair.hbond_type_28 
_ndb_struct_na_base_pair.hbond_type_12 
1 A DT 1  1_555 B DA 11 1_555 0.063  -0.200 -0.214 0.405  -7.228  -4.445 1  B_DT3:DA24_C  B 3  ? C 24 ? 20 1 
1 A DA 2  1_555 B DT 10 1_555 0.079  -0.194 -0.343 -5.458 -1.154  -4.874 2  B_DA4:DT23_C  B 4  ? C 23 ? 20 1 
1 A DG 3  1_555 B DC 9  1_555 -0.777 -0.324 0.105  3.485  -4.366  -2.008 3  B_DG5:DC22_C  B 5  ? C 22 ? 19 1 
1 A DC 4  1_555 B DG 8  1_555 0.192  -0.247 0.533  -3.044 -7.903  -6.612 4  B_DC6:DG21_C  B 6  ? C 21 ? 19 1 
1 A DC 5  1_555 B DG 7  1_555 0.408  -0.314 0.553  0.809  -10.288 -3.302 5  B_DC7:DG20_C  B 7  ? C 20 ? 19 1 
1 A DG 6  1_555 B DC 6  1_555 -0.174 -0.152 0.228  5.644  -2.602  -3.343 6  B_DG8:DC19_C  B 8  ? C 19 ? 19 1 
1 A DC 7  1_555 B DG 5  1_555 0.319  -0.185 -0.087 -0.231 -2.275  -3.747 7  B_DC9:DG18_C  B 9  ? C 18 ? 19 1 
1 A DC 8  1_555 B DG 4  1_555 0.349  -0.187 0.314  -6.658 -6.688  -0.529 8  B_DC10:DG17_C B 10 ? C 17 ? 19 1 
1 A DA 9  1_555 B DT 3  1_555 0.230  -0.230 0.627  3.906  -13.318 -6.134 9  B_DA11:DT16_C B 11 ? C 16 ? 20 1 
1 A DG 10 1_555 B DC 2  1_555 -0.333 -0.405 1.091  7.256  -6.167  -3.997 10 B_DG12:DC15_C B 12 ? C 15 ? 19 1 
1 A DC 11 1_555 B DG 1  1_555 0.904  -0.413 0.307  2.333  4.218   -1.197 11 B_DC13:DG14_C B 13 ? C 14 ? 19 1 
# 
loop_
_ndb_struct_na_base_pair_step.model_number 
_ndb_struct_na_base_pair_step.i_label_asym_id_1 
_ndb_struct_na_base_pair_step.i_label_comp_id_1 
_ndb_struct_na_base_pair_step.i_label_seq_id_1 
_ndb_struct_na_base_pair_step.i_symmetry_1 
_ndb_struct_na_base_pair_step.j_label_asym_id_1 
_ndb_struct_na_base_pair_step.j_label_comp_id_1 
_ndb_struct_na_base_pair_step.j_label_seq_id_1 
_ndb_struct_na_base_pair_step.j_symmetry_1 
_ndb_struct_na_base_pair_step.i_label_asym_id_2 
_ndb_struct_na_base_pair_step.i_label_comp_id_2 
_ndb_struct_na_base_pair_step.i_label_seq_id_2 
_ndb_struct_na_base_pair_step.i_symmetry_2 
_ndb_struct_na_base_pair_step.j_label_asym_id_2 
_ndb_struct_na_base_pair_step.j_label_comp_id_2 
_ndb_struct_na_base_pair_step.j_label_seq_id_2 
_ndb_struct_na_base_pair_step.j_symmetry_2 
_ndb_struct_na_base_pair_step.shift 
_ndb_struct_na_base_pair_step.slide 
_ndb_struct_na_base_pair_step.rise 
_ndb_struct_na_base_pair_step.tilt 
_ndb_struct_na_base_pair_step.roll 
_ndb_struct_na_base_pair_step.twist 
_ndb_struct_na_base_pair_step.x_displacement 
_ndb_struct_na_base_pair_step.y_displacement 
_ndb_struct_na_base_pair_step.helical_rise 
_ndb_struct_na_base_pair_step.inclination 
_ndb_struct_na_base_pair_step.tip 
_ndb_struct_na_base_pair_step.helical_twist 
_ndb_struct_na_base_pair_step.step_number 
_ndb_struct_na_base_pair_step.step_name 
_ndb_struct_na_base_pair_step.i_auth_asym_id_1 
_ndb_struct_na_base_pair_step.i_auth_seq_id_1 
_ndb_struct_na_base_pair_step.i_PDB_ins_code_1 
_ndb_struct_na_base_pair_step.j_auth_asym_id_1 
_ndb_struct_na_base_pair_step.j_auth_seq_id_1 
_ndb_struct_na_base_pair_step.j_PDB_ins_code_1 
_ndb_struct_na_base_pair_step.i_auth_asym_id_2 
_ndb_struct_na_base_pair_step.i_auth_seq_id_2 
_ndb_struct_na_base_pair_step.i_PDB_ins_code_2 
_ndb_struct_na_base_pair_step.j_auth_asym_id_2 
_ndb_struct_na_base_pair_step.j_auth_seq_id_2 
_ndb_struct_na_base_pair_step.j_PDB_ins_code_2 
1 A DT 1  1_555 B DA 11 1_555 A DA 2  1_555 B DT 10 1_555 -0.107 0.284  3.376 0.136  -0.571 40.871 0.471  0.168  3.372 -0.817  
-0.195 40.875 1  BB_DT3DA4:DT23DA24_CC   B 3  ? C 24 ? B 4  ? C 23 ? 
1 A DA 2  1_555 B DT 10 1_555 A DG 3  1_555 B DC 9  1_555 0.108  -0.194 3.009 -2.605 -4.303 27.682 0.532  -0.787 2.981 -8.901  
5.389  28.127 2  BB_DA4DG5:DC22DT23_CC   B 4  ? C 23 ? B 5  ? C 22 ? 
1 A DG 3  1_555 B DC 9  1_555 A DC 4  1_555 B DG 8  1_555 -0.334 -0.093 3.278 -4.657 -0.980 42.296 -0.028 -0.014 3.297 -1.353  
6.430  42.551 3  BB_DG5DC6:DG21DC22_CC   B 5  ? C 22 ? B 6  ? C 21 ? 
1 A DC 4  1_555 B DG 8  1_555 A DC 5  1_555 B DG 7  1_555 -0.289 -0.351 3.063 -3.752 -2.127 35.070 -0.282 -0.047 3.092 -3.513  
6.198  35.326 4  BB_DC6DC7:DG20DG21_CC   B 6  ? C 21 ? B 7  ? C 20 ? 
1 A DC 5  1_555 B DG 7  1_555 A DG 6  1_555 B DC 6  1_555 0.058  -0.295 3.013 1.895  1.075  20.002 -1.300 0.637  2.985 3.082   
-5.435 20.119 5  BB_DC7DG8:DC19DG20_CC   B 7  ? C 20 ? B 8  ? C 19 ? 
1 A DG 6  1_555 B DC 6  1_555 A DC 7  1_555 B DG 5  1_555 0.344  -0.505 3.338 3.869  2.056  38.644 -1.014 -0.037 3.326 3.094   
-5.824 38.883 6  BB_DG8DC9:DG18DC19_CC   B 8  ? C 19 ? B 9  ? C 18 ? 
1 A DC 7  1_555 B DG 5  1_555 A DC 8  1_555 B DG 4  1_555 -0.200 -0.156 3.395 -1.720 -1.831 34.267 0.034  0.059  3.404 -3.102  
2.914  34.356 7  BB_DC9DC10:DG17DG18_CC  B 9  ? C 18 ? B 10 ? C 17 ? 
1 A DC 8  1_555 B DG 4  1_555 A DA 9  1_555 B DT 3  1_555 -0.388 0.081  2.946 -2.509 -5.999 34.215 0.961  0.304  2.911 -10.083 
4.216  34.809 8  BB_DC10DA11:DT16DG17_CC B 10 ? C 17 ? B 11 ? C 16 ? 
1 A DA 9  1_555 B DT 3  1_555 A DG 10 1_555 B DC 2  1_555 0.395  -0.462 3.029 -4.358 -7.280 33.146 0.289  -1.315 2.986 -12.508 
7.487  34.185 9  BB_DA11DG12:DC15DT16_CC B 11 ? C 16 ? B 12 ? C 15 ? 
1 A DG 10 1_555 B DC 2  1_555 A DC 11 1_555 B DG 1  1_555 0.137  -0.345 3.556 3.951  -3.276 42.738 -0.116 0.240  3.570 -4.476  
-5.398 43.031 10 BB_DG12DC13:DG14DC15_CC B 12 ? C 15 ? B 13 ? C 14 ? 
# 
loop_
_pdbx_nmr_spectrometer.spectrometer_id 
_pdbx_nmr_spectrometer.model 
_pdbx_nmr_spectrometer.manufacturer 
_pdbx_nmr_spectrometer.field_strength 
1 DMX750 Bruker 750 
2 DMX500 Bruker 500 
# 
_atom_sites.entry_id                    1GCC 
_atom_sites.fract_transf_matrix[1][1]   1.000000 
_atom_sites.fract_transf_matrix[1][2]   0.000000 
_atom_sites.fract_transf_matrix[1][3]   0.000000 
_atom_sites.fract_transf_matrix[2][1]   0.000000 
_atom_sites.fract_transf_matrix[2][2]   1.000000 
_atom_sites.fract_transf_matrix[2][3]   0.000000 
_atom_sites.fract_transf_matrix[3][1]   0.000000 
_atom_sites.fract_transf_matrix[3][2]   0.000000 
_atom_sites.fract_transf_matrix[3][3]   1.000000 
_atom_sites.fract_transf_vector[1]      0.00000 
_atom_sites.fract_transf_vector[2]      0.00000 
_atom_sites.fract_transf_vector[3]      0.00000 
# 
loop_
_atom_type.symbol 
C 
H 
N 
O 
P 
S 
# 
loop_
_atom_site.group_PDB 
_atom_site.id 
_atom_site.type_symbol 
_atom_site.label_atom_id 
_atom_site.label_alt_id 
_atom_site.label_comp_id 
_atom_site.label_asym_id 
_atom_site.label_entity_id 
_atom_site.label_seq_id 
_atom_site.pdbx_PDB_ins_code 
_atom_site.Cartn_x 
_atom_site.Cartn_y 
_atom_site.Cartn_z 
_atom_site.occupancy 
_atom_site.B_iso_or_equiv 
_atom_site.pdbx_formal_charge 
_atom_site.auth_seq_id 
_atom_site.auth_comp_id 
_atom_site.auth_asym_id 
_atom_site.auth_atom_id 
_atom_site.pdbx_PDB_model_num 
ATOM 1    O "O5'"  . DT  A 1 1  ? 19.066  -7.760  4.448   1.00 0.00 ? 3   DT  B "O5'"  1 
ATOM 2    C "C5'"  . DT  A 1 1  ? 19.076  -7.144  5.724   1.00 0.00 ? 3   DT  B "C5'"  1 
ATOM 3    C "C4'"  . DT  A 1 1  ? 18.238  -5.868  5.728   1.00 0.00 ? 3   DT  B "C4'"  1 
ATOM 4    O "O4'"  . DT  A 1 1  ? 18.989  -4.818  5.146   1.00 0.00 ? 3   DT  B "O4'"  1 
ATOM 5    C "C3'"  . DT  A 1 1  ? 16.921  -6.021  4.951   1.00 0.00 ? 3   DT  B "C3'"  1 
ATOM 6    O "O3'"  . DT  A 1 1  ? 15.927  -5.337  5.686   1.00 0.00 ? 3   DT  B "O3'"  1 
ATOM 7    C "C2'"  . DT  A 1 1  ? 17.300  -5.432  3.595   1.00 0.00 ? 3   DT  B "C2'"  1 
ATOM 8    C "C1'"  . DT  A 1 1  ? 18.360  -4.398  3.955   1.00 0.00 ? 3   DT  B "C1'"  1 
ATOM 9    N N1     . DT  A 1 1  ? 19.396  -4.176  2.913   1.00 0.00 ? 3   DT  B N1     1 
ATOM 10   C C2     . DT  A 1 1  ? 19.858  -2.870  2.745   1.00 0.00 ? 3   DT  B C2     1 
ATOM 11   O O2     . DT  A 1 1  ? 19.422  -1.900  3.363   1.00 0.00 ? 3   DT  B O2     1 
ATOM 12   N N3     . DT  A 1 1  ? 20.864  -2.705  1.807   1.00 0.00 ? 3   DT  B N3     1 
ATOM 13   C C4     . DT  A 1 1  ? 21.407  -3.686  0.996   1.00 0.00 ? 3   DT  B C4     1 
ATOM 14   O O4     . DT  A 1 1  ? 22.298  -3.418  0.197   1.00 0.00 ? 3   DT  B O4     1 
ATOM 15   C C5     . DT  A 1 1  ? 20.852  -5.003  1.201   1.00 0.00 ? 3   DT  B C5     1 
ATOM 16   C C7     . DT  A 1 1  ? 21.357  -6.154  0.354   1.00 0.00 ? 3   DT  B C7     1 
ATOM 17   C C6     . DT  A 1 1  ? 19.906  -5.210  2.147   1.00 0.00 ? 3   DT  B C6     1 
ATOM 18   H "H5'"  . DT  A 1 1  ? 20.099  -6.911  6.021   1.00 0.00 ? 3   DT  B "H5'"  1 
ATOM 19   H "H5''" . DT  A 1 1  ? 18.654  -7.827  6.459   1.00 0.00 ? 3   DT  B "H5''" 1 
ATOM 20   H "H4'"  . DT  A 1 1  ? 18.030  -5.611  6.767   1.00 0.00 ? 3   DT  B "H4'"  1 
ATOM 21   H "H3'"  . DT  A 1 1  ? 16.632  -7.068  4.843   1.00 0.00 ? 3   DT  B "H3'"  1 
ATOM 22   H "H2'"  . DT  A 1 1  ? 17.687  -6.239  2.983   1.00 0.00 ? 3   DT  B "H2'"  1 
ATOM 23   H "H2''" . DT  A 1 1  ? 16.481  -4.969  3.058   1.00 0.00 ? 3   DT  B "H2''" 1 
ATOM 24   H "H1'"  . DT  A 1 1  ? 17.835  -3.464  4.164   1.00 0.00 ? 3   DT  B "H1'"  1 
ATOM 25   H H3     . DT  A 1 1  ? 21.216  -1.769  1.704   1.00 0.00 ? 3   DT  B H3     1 
ATOM 26   H H71    . DT  A 1 1  ? 20.535  -6.823  0.113   1.00 0.00 ? 3   DT  B H71    1 
ATOM 27   H H72    . DT  A 1 1  ? 21.785  -5.776  -0.574  1.00 0.00 ? 3   DT  B H72    1 
ATOM 28   H H73    . DT  A 1 1  ? 22.132  -6.693  0.893   1.00 0.00 ? 3   DT  B H73    1 
ATOM 29   H H6     . DT  A 1 1  ? 19.570  -6.223  2.290   1.00 0.00 ? 3   DT  B H6     1 
ATOM 30   P P      . DA  A 1 2  ? 14.547  -4.787  5.067   1.00 0.00 ? 4   DA  B P      1 
ATOM 31   O OP1    . DA  A 1 2  ? 13.565  -4.679  6.163   1.00 0.00 ? 4   DA  B OP1    1 
ATOM 32   O OP2    . DA  A 1 2  ? 14.195  -5.513  3.825   1.00 0.00 ? 4   DA  B OP2    1 
ATOM 33   O "O5'"  . DA  A 1 2  ? 15.013  -3.309  4.691   1.00 0.00 ? 4   DA  B "O5'"  1 
ATOM 34   C "C5'"  . DA  A 1 2  ? 15.440  -2.430  5.712   1.00 0.00 ? 4   DA  B "C5'"  1 
ATOM 35   C "C4'"  . DA  A 1 2  ? 15.283  -0.974  5.297   1.00 0.00 ? 4   DA  B "C4'"  1 
ATOM 36   O "O4'"  . DA  A 1 2  ? 16.234  -0.600  4.329   1.00 0.00 ? 4   DA  B "O4'"  1 
ATOM 37   C "C3'"  . DA  A 1 2  ? 13.895  -0.717  4.722   1.00 0.00 ? 4   DA  B "C3'"  1 
ATOM 38   O "O3'"  . DA  A 1 2  ? 13.459  0.484   5.323   1.00 0.00 ? 4   DA  B "O3'"  1 
ATOM 39   C "C2'"  . DA  A 1 2  ? 14.117  -0.724  3.210   1.00 0.00 ? 4   DA  B "C2'"  1 
ATOM 40   C "C1'"  . DA  A 1 2  ? 15.574  -0.297  3.119   1.00 0.00 ? 4   DA  B "C1'"  1 
ATOM 41   N N9     . DA  A 1 2  ? 16.281  -1.042  2.083   1.00 0.00 ? 4   DA  B N9     1 
ATOM 42   C C8     . DA  A 1 2  ? 16.256  -2.387  1.818   1.00 0.00 ? 4   DA  B C8     1 
ATOM 43   N N7     . DA  A 1 2  ? 17.100  -2.759  0.910   1.00 0.00 ? 4   DA  B N7     1 
ATOM 44   C C5     . DA  A 1 2  ? 17.702  -1.576  0.532   1.00 0.00 ? 4   DA  B C5     1 
ATOM 45   C C6     . DA  A 1 2  ? 18.698  -1.289  -0.404  1.00 0.00 ? 4   DA  B C6     1 
ATOM 46   N N6     . DA  A 1 2  ? 19.261  -2.250  -1.136  1.00 0.00 ? 4   DA  B N6     1 
ATOM 47   N N1     . DA  A 1 2  ? 19.083  -0.011  -0.547  1.00 0.00 ? 4   DA  B N1     1 
ATOM 48   C C2     . DA  A 1 2  ? 18.528  0.935   0.207   1.00 0.00 ? 4   DA  B C2     1 
ATOM 49   N N3     . DA  A 1 2  ? 17.594  0.789   1.142   1.00 0.00 ? 4   DA  B N3     1 
ATOM 50   C C4     . DA  A 1 2  ? 17.217  -0.515  1.246   1.00 0.00 ? 4   DA  B C4     1 
ATOM 51   H "H5'"  . DA  A 1 2  ? 16.476  -2.637  5.975   1.00 0.00 ? 4   DA  B "H5'"  1 
ATOM 52   H "H5''" . DA  A 1 2  ? 14.816  -2.577  6.595   1.00 0.00 ? 4   DA  B "H5''" 1 
ATOM 53   H "H4'"  . DA  A 1 2  ? 15.433  -0.359  6.183   1.00 0.00 ? 4   DA  B "H4'"  1 
ATOM 54   H "H3'"  . DA  A 1 2  ? 13.229  -1.528  4.976   1.00 0.00 ? 4   DA  B "H3'"  1 
ATOM 55   H "H2'"  . DA  A 1 2  ? 13.968  -1.734  2.835   1.00 0.00 ? 4   DA  B "H2'"  1 
ATOM 56   H "H2''" . DA  A 1 2  ? 13.467  -0.060  2.648   1.00 0.00 ? 4   DA  B "H2''" 1 
ATOM 57   H "H1'"  . DA  A 1 2  ? 15.634  0.774   2.928   1.00 0.00 ? 4   DA  B "H1'"  1 
ATOM 58   H H8     . DA  A 1 2  ? 15.612  -3.088  2.324   1.00 0.00 ? 4   DA  B H8     1 
ATOM 59   H H61    . DA  A 1 2  ? 20.002  -2.020  -1.780  1.00 0.00 ? 4   DA  B H61    1 
ATOM 60   H H62    . DA  A 1 2  ? 18.948  -3.201  -1.026  1.00 0.00 ? 4   DA  B H62    1 
ATOM 61   H H2     . DA  A 1 2  ? 18.884  1.942   0.050   1.00 0.00 ? 4   DA  B H2     1 
ATOM 62   P P      . DG  A 1 3  ? 12.209  1.313   4.786   1.00 0.00 ? 5   DG  B P      1 
ATOM 63   O OP1    . DG  A 1 3  ? 11.744  2.248   5.830   1.00 0.00 ? 5   DG  B OP1    1 
ATOM 64   O OP2    . DG  A 1 3  ? 11.264  0.364   4.168   1.00 0.00 ? 5   DG  B OP2    1 
ATOM 65   O "O5'"  . DG  A 1 3  ? 12.968  2.143   3.646   1.00 0.00 ? 5   DG  B "O5'"  1 
ATOM 66   C "C5'"  . DG  A 1 3  ? 14.039  3.006   3.984   1.00 0.00 ? 5   DG  B "C5'"  1 
ATOM 67   C "C4'"  . DG  A 1 3  ? 14.416  3.880   2.801   1.00 0.00 ? 5   DG  B "C4'"  1 
ATOM 68   O "O4'"  . DG  A 1 3  ? 15.126  3.133   1.834   1.00 0.00 ? 5   DG  B "O4'"  1 
ATOM 69   C "C3'"  . DG  A 1 3  ? 13.152  4.466   2.164   1.00 0.00 ? 5   DG  B "C3'"  1 
ATOM 70   O "O3'"  . DG  A 1 3  ? 13.383  5.855   2.106   1.00 0.00 ? 5   DG  B "O3'"  1 
ATOM 71   C "C2'"  . DG  A 1 3  ? 13.079  3.673   0.862   1.00 0.00 ? 5   DG  B "C2'"  1 
ATOM 72   C "C1'"  . DG  A 1 3  ? 14.542  3.364   0.575   1.00 0.00 ? 5   DG  B "C1'"  1 
ATOM 73   N N9     . DG  A 1 3  ? 14.754  2.137   -0.215  1.00 0.00 ? 5   DG  B N9     1 
ATOM 74   C C8     . DG  A 1 3  ? 14.139  0.914   -0.116  1.00 0.00 ? 5   DG  B C8     1 
ATOM 75   N N7     . DG  A 1 3  ? 14.627  -0.001  -0.901  1.00 0.00 ? 5   DG  B N7     1 
ATOM 76   C C5     . DG  A 1 3  ? 15.633  0.673   -1.588  1.00 0.00 ? 5   DG  B C5     1 
ATOM 77   C C6     . DG  A 1 3  ? 16.544  0.202   -2.575  1.00 0.00 ? 5   DG  B C6     1 
ATOM 78   O O6     . DG  A 1 3  ? 16.681  -0.947  -2.980  1.00 0.00 ? 5   DG  B O6     1 
ATOM 79   N N1     . DG  A 1 3  ? 17.348  1.216   -3.089  1.00 0.00 ? 5   DG  B N1     1 
ATOM 80   C C2     . DG  A 1 3  ? 17.359  2.515   -2.621  1.00 0.00 ? 5   DG  B C2     1 
ATOM 81   N N2     . DG  A 1 3  ? 18.183  3.369   -3.217  1.00 0.00 ? 5   DG  B N2     1 
ATOM 82   N N3     . DG  A 1 3  ? 16.559  2.947   -1.638  1.00 0.00 ? 5   DG  B N3     1 
ATOM 83   C C4     . DG  A 1 3  ? 15.708  1.985   -1.182  1.00 0.00 ? 5   DG  B C4     1 
ATOM 84   H "H5'"  . DG  A 1 3  ? 14.911  2.431   4.302   1.00 0.00 ? 5   DG  B "H5'"  1 
ATOM 85   H "H5''" . DG  A 1 3  ? 13.724  3.662   4.793   1.00 0.00 ? 5   DG  B "H5''" 1 
ATOM 86   H "H4'"  . DG  A 1 3  ? 15.069  4.680   3.148   1.00 0.00 ? 5   DG  B "H4'"  1 
ATOM 87   H "H3'"  . DG  A 1 3  ? 12.254  4.287   2.755   1.00 0.00 ? 5   DG  B "H3'"  1 
ATOM 88   H "H2'"  . DG  A 1 3  ? 12.545  2.748   1.051   1.00 0.00 ? 5   DG  B "H2'"  1 
ATOM 89   H "H2''" . DG  A 1 3  ? 12.582  4.210   0.065   1.00 0.00 ? 5   DG  B "H2''" 1 
ATOM 90   H "H1'"  . DG  A 1 3  ? 15.014  4.222   0.093   1.00 0.00 ? 5   DG  B "H1'"  1 
ATOM 91   H H8     . DG  A 1 3  ? 13.336  0.719   0.575   1.00 0.00 ? 5   DG  B H8     1 
ATOM 92   H H1     . DG  A 1 3  ? 17.974  0.969   -3.840  1.00 0.00 ? 5   DG  B H1     1 
ATOM 93   H H21    . DG  A 1 3  ? 18.767  3.056   -3.983  1.00 0.00 ? 5   DG  B H21    1 
ATOM 94   H H22    . DG  A 1 3  ? 18.229  4.325   -2.897  1.00 0.00 ? 5   DG  B H22    1 
ATOM 95   P P      . DC  A 1 4  ? 12.502  6.881   1.255   1.00 0.00 ? 6   DC  B P      1 
ATOM 96   O OP1    . DC  A 1 4  ? 12.481  8.192   1.939   1.00 0.00 ? 6   DC  B OP1    1 
ATOM 97   O OP2    . DC  A 1 4  ? 11.248  6.249   0.809   1.00 0.00 ? 6   DC  B OP2    1 
ATOM 98   O "O5'"  . DC  A 1 4  ? 13.477  6.954   0.004   1.00 0.00 ? 6   DC  B "O5'"  1 
ATOM 99   C "C5'"  . DC  A 1 4  ? 14.793  7.451   0.132   1.00 0.00 ? 6   DC  B "C5'"  1 
ATOM 100  C "C4'"  . DC  A 1 4  ? 15.359  7.700   -1.259  1.00 0.00 ? 6   DC  B "C4'"  1 
ATOM 101  O "O4'"  . DC  A 1 4  ? 15.672  6.461   -1.879  1.00 0.00 ? 6   DC  B "O4'"  1 
ATOM 102  C "C3'"  . DC  A 1 4  ? 14.329  8.458   -2.106  1.00 0.00 ? 6   DC  B "C3'"  1 
ATOM 103  O "O3'"  . DC  A 1 4  ? 14.976  9.567   -2.690  1.00 0.00 ? 6   DC  B "O3'"  1 
ATOM 104  C "C2'"  . DC  A 1 4  ? 13.826  7.352   -3.030  1.00 0.00 ? 6   DC  B "C2'"  1 
ATOM 105  C "C1'"  . DC  A 1 4  ? 14.995  6.367   -3.115  1.00 0.00 ? 6   DC  B "C1'"  1 
ATOM 106  N N1     . DC  A 1 4  ? 14.545  4.959   -3.313  1.00 0.00 ? 6   DC  B N1     1 
ATOM 107  C C2     . DC  A 1 4  ? 15.109  4.171   -4.312  1.00 0.00 ? 6   DC  B C2     1 
ATOM 108  O O2     . DC  A 1 4  ? 16.002  4.589   -5.042  1.00 0.00 ? 6   DC  B O2     1 
ATOM 109  N N3     . DC  A 1 4  ? 14.641  2.892   -4.473  1.00 0.00 ? 6   DC  B N3     1 
ATOM 110  C C4     . DC  A 1 4  ? 13.676  2.398   -3.687  1.00 0.00 ? 6   DC  B C4     1 
ATOM 111  N N4     . DC  A 1 4  ? 13.278  1.148   -3.836  1.00 0.00 ? 6   DC  B N4     1 
ATOM 112  C C5     . DC  A 1 4  ? 13.109  3.188   -2.640  1.00 0.00 ? 6   DC  B C5     1 
ATOM 113  C C6     . DC  A 1 4  ? 13.575  4.446   -2.491  1.00 0.00 ? 6   DC  B C6     1 
ATOM 114  H "H5'"  . DC  A 1 4  ? 15.418  6.737   0.668   1.00 0.00 ? 6   DC  B "H5'"  1 
ATOM 115  H "H5''" . DC  A 1 4  ? 14.773  8.399   0.670   1.00 0.00 ? 6   DC  B "H5''" 1 
ATOM 116  H "H4'"  . DC  A 1 4  ? 16.273  8.287   -1.167  1.00 0.00 ? 6   DC  B "H4'"  1 
ATOM 117  H "H3'"  . DC  A 1 4  ? 13.494  8.833   -1.512  1.00 0.00 ? 6   DC  B "H3'"  1 
ATOM 118  H "H2'"  . DC  A 1 4  ? 12.945  6.909   -2.572  1.00 0.00 ? 6   DC  B "H2'"  1 
ATOM 119  H "H2''" . DC  A 1 4  ? 13.523  7.712   -3.997  1.00 0.00 ? 6   DC  B "H2''" 1 
ATOM 120  H "H1'"  . DC  A 1 4  ? 15.669  6.674   -3.915  1.00 0.00 ? 6   DC  B "H1'"  1 
ATOM 121  H H41    . DC  A 1 4  ? 13.724  0.580   -4.549  1.00 0.00 ? 6   DC  B H41    1 
ATOM 122  H H42    . DC  A 1 4  ? 12.640  0.730   -3.175  1.00 0.00 ? 6   DC  B H42    1 
ATOM 123  H H5     . DC  A 1 4  ? 12.378  2.819   -1.950  1.00 0.00 ? 6   DC  B H5     1 
ATOM 124  H H6     . DC  A 1 4  ? 13.191  5.051   -1.693  1.00 0.00 ? 6   DC  B H6     1 
ATOM 125  P P      . DC  A 1 5  ? 14.387  10.362  -3.953  1.00 0.00 ? 7   DC  B P      1 
ATOM 126  O OP1    . DC  A 1 5  ? 14.996  11.707  -4.010  1.00 0.00 ? 7   DC  B OP1    1 
ATOM 127  O OP2    . DC  A 1 5  ? 12.916  10.206  -4.001  1.00 0.00 ? 7   DC  B OP2    1 
ATOM 128  O "O5'"  . DC  A 1 5  ? 15.063  9.444   -5.083  1.00 0.00 ? 7   DC  B "O5'"  1 
ATOM 129  C "C5'"  . DC  A 1 5  ? 16.462  9.201   -5.063  1.00 0.00 ? 7   DC  B "C5'"  1 
ATOM 130  C "C4'"  . DC  A 1 5  ? 16.940  8.587   -6.374  1.00 0.00 ? 7   DC  B "C4'"  1 
ATOM 131  O "O4'"  . DC  A 1 5  ? 16.493  7.251   -6.483  1.00 0.00 ? 7   DC  B "O4'"  1 
ATOM 132  C "C3'"  . DC  A 1 5  ? 16.399  9.399   -7.547  1.00 0.00 ? 7   DC  B "C3'"  1 
ATOM 133  O "O3'"  . DC  A 1 5  ? 17.475  9.717   -8.406  1.00 0.00 ? 7   DC  B "O3'"  1 
ATOM 134  C "C2'"  . DC  A 1 5  ? 15.331  8.483   -8.138  1.00 0.00 ? 7   DC  B "C2'"  1 
ATOM 135  C "C1'"  . DC  A 1 5  ? 15.763  7.094   -7.682  1.00 0.00 ? 7   DC  B "C1'"  1 
ATOM 136  N N1     . DC  A 1 5  ? 14.608  6.200   -7.383  1.00 0.00 ? 7   DC  B N1     1 
ATOM 137  C C2     . DC  A 1 5  ? 14.536  4.957   -7.984  1.00 0.00 ? 7   DC  B C2     1 
ATOM 138  O O2     . DC  A 1 5  ? 15.280  4.655   -8.914  1.00 0.00 ? 7   DC  B O2     1 
ATOM 139  N N3     . DC  A 1 5  ? 13.604  4.067   -7.528  1.00 0.00 ? 7   DC  B N3     1 
ATOM 140  C C4     . DC  A 1 5  ? 12.754  4.380   -6.544  1.00 0.00 ? 7   DC  B C4     1 
ATOM 141  N N4     . DC  A 1 5  ? 11.897  3.478   -6.103  1.00 0.00 ? 7   DC  B N4     1 
ATOM 142  C C5     . DC  A 1 5  ? 12.789  5.676   -5.932  1.00 0.00 ? 7   DC  B C5     1 
ATOM 143  C C6     . DC  A 1 5  ? 13.719  6.548   -6.401  1.00 0.00 ? 7   DC  B C6     1 
ATOM 144  H "H5'"  . DC  A 1 5  ? 16.722  8.534   -4.240  1.00 0.00 ? 7   DC  B "H5'"  1 
ATOM 145  H "H5''" . DC  A 1 5  ? 16.983  10.148  -4.924  1.00 0.00 ? 7   DC  B "H5''" 1 
ATOM 146  H "H4'"  . DC  A 1 5  ? 18.031  8.592   -6.385  1.00 0.00 ? 7   DC  B "H4'"  1 
ATOM 147  H "H3'"  . DC  A 1 5  ? 15.936  10.322  -7.197  1.00 0.00 ? 7   DC  B "H3'"  1 
ATOM 148  H "H2'"  . DC  A 1 5  ? 14.363  8.756   -7.722  1.00 0.00 ? 7   DC  B "H2'"  1 
ATOM 149  H "H2''" . DC  A 1 5  ? 15.274  8.536   -9.216  1.00 0.00 ? 7   DC  B "H2''" 1 
ATOM 150  H "H1'"  . DC  A 1 5  ? 16.421  6.659   -8.436  1.00 0.00 ? 7   DC  B "H1'"  1 
ATOM 151  H H41    . DC  A 1 5  ? 11.922  2.556   -6.528  1.00 0.00 ? 7   DC  B H41    1 
ATOM 152  H H42    . DC  A 1 5  ? 11.283  3.674   -5.326  1.00 0.00 ? 7   DC  B H42    1 
ATOM 153  H H5     . DC  A 1 5  ? 12.135  5.944   -5.125  1.00 0.00 ? 7   DC  B H5     1 
ATOM 154  H H6     . DC  A 1 5  ? 13.793  7.527   -5.981  1.00 0.00 ? 7   DC  B H6     1 
ATOM 155  P P      . DG  A 1 6  ? 17.350  10.890  -9.503  1.00 0.00 ? 8   DG  B P      1 
ATOM 156  O OP1    . DG  A 1 6  ? 18.695  11.198  -10.033 1.00 0.00 ? 8   DG  B OP1    1 
ATOM 157  O OP2    . DG  A 1 6  ? 16.495  11.973  -8.967  1.00 0.00 ? 8   DG  B OP2    1 
ATOM 158  O "O5'"  . DG  A 1 6  ? 16.523  10.115  -10.622 1.00 0.00 ? 8   DG  B "O5'"  1 
ATOM 159  C "C5'"  . DG  A 1 6  ? 17.089  9.058   -11.368 1.00 0.00 ? 8   DG  B "C5'"  1 
ATOM 160  C "C4'"  . DG  A 1 6  ? 16.001  8.369   -12.186 1.00 0.00 ? 8   DG  B "C4'"  1 
ATOM 161  O "O4'"  . DG  A 1 6  ? 15.349  7.387   -11.405 1.00 0.00 ? 8   DG  B "O4'"  1 
ATOM 162  C "C3'"  . DG  A 1 6  ? 14.935  9.335   -12.747 1.00 0.00 ? 8   DG  B "C3'"  1 
ATOM 163  O "O3'"  . DG  A 1 6  ? 15.230  9.494   -14.125 1.00 0.00 ? 8   DG  B "O3'"  1 
ATOM 164  C "C2'"  . DG  A 1 6  ? 13.631  8.677   -12.281 1.00 0.00 ? 8   DG  B "C2'"  1 
ATOM 165  C "C1'"  . DG  A 1 6  ? 14.044  7.260   -11.906 1.00 0.00 ? 8   DG  B "C1'"  1 
ATOM 166  N N9     . DG  A 1 6  ? 13.172  6.659   -10.884 1.00 0.00 ? 8   DG  B N9     1 
ATOM 167  C C8     . DG  A 1 6  ? 12.515  7.255   -9.833  1.00 0.00 ? 8   DG  B C8     1 
ATOM 168  N N7     . DG  A 1 6  ? 11.707  6.472   -9.199  1.00 0.00 ? 8   DG  B N7     1 
ATOM 169  C C5     . DG  A 1 6  ? 11.840  5.255   -9.853  1.00 0.00 ? 8   DG  B C5     1 
ATOM 170  C C6     . DG  A 1 6  ? 11.181  4.013   -9.614  1.00 0.00 ? 8   DG  B C6     1 
ATOM 171  O O6     . DG  A 1 6  ? 10.338  3.772   -8.767  1.00 0.00 ? 8   DG  B O6     1 
ATOM 172  N N1     . DG  A 1 6  ? 11.595  3.017   -10.500 1.00 0.00 ? 8   DG  B N1     1 
ATOM 173  C C2     . DG  A 1 6  ? 12.514  3.209   -11.517 1.00 0.00 ? 8   DG  B C2     1 
ATOM 174  N N2     . DG  A 1 6  ? 12.763  2.180   -12.318 1.00 0.00 ? 8   DG  B N2     1 
ATOM 175  N N3     . DG  A 1 6  ? 13.129  4.377   -11.741 1.00 0.00 ? 8   DG  B N3     1 
ATOM 176  C C4     . DG  A 1 6  ? 12.754  5.355   -10.877 1.00 0.00 ? 8   DG  B C4     1 
ATOM 177  H "H5'"  . DG  A 1 6  ? 17.544  8.325   -10.698 1.00 0.00 ? 8   DG  B "H5'"  1 
ATOM 178  H "H5''" . DG  A 1 6  ? 17.848  9.458   -12.038 1.00 0.00 ? 8   DG  B "H5''" 1 
ATOM 179  H "H4'"  . DG  A 1 6  ? 16.481  7.845   -13.013 1.00 0.00 ? 8   DG  B "H4'"  1 
ATOM 180  H "H3'"  . DG  A 1 6  ? 14.969  10.323  -12.296 1.00 0.00 ? 8   DG  B "H3'"  1 
ATOM 181  H "H2'"  . DG  A 1 6  ? 13.290  9.219   -11.402 1.00 0.00 ? 8   DG  B "H2'"  1 
ATOM 182  H "H2''" . DG  A 1 6  ? 12.832  8.678   -13.010 1.00 0.00 ? 8   DG  B "H2''" 1 
ATOM 183  H "H1'"  . DG  A 1 6  ? 14.051  6.631   -12.797 1.00 0.00 ? 8   DG  B "H1'"  1 
ATOM 184  H H8     . DG  A 1 6  ? 12.651  8.292   -9.560  1.00 0.00 ? 8   DG  B H8     1 
ATOM 185  H H1     . DG  A 1 6  ? 11.178  2.108   -10.394 1.00 0.00 ? 8   DG  B H1     1 
ATOM 186  H H21    . DG  A 1 6  ? 12.301  1.291   -12.185 1.00 0.00 ? 8   DG  B H21    1 
ATOM 187  H H22    . DG  A 1 6  ? 13.428  2.301   -13.071 1.00 0.00 ? 8   DG  B H22    1 
ATOM 188  P P      . DC  A 1 7  ? 14.141  9.577   -15.300 1.00 0.00 ? 9   DC  B P      1 
ATOM 189  O OP1    . DC  A 1 7  ? 14.828  9.915   -16.565 1.00 0.00 ? 9   DC  B OP1    1 
ATOM 190  O OP2    . DC  A 1 7  ? 12.967  10.361  -14.855 1.00 0.00 ? 9   DC  B OP2    1 
ATOM 191  O "O5'"  . DC  A 1 7  ? 13.763  8.022   -15.323 1.00 0.00 ? 9   DC  B "O5'"  1 
ATOM 192  C "C5'"  . DC  A 1 7  ? 14.755  7.021   -15.489 1.00 0.00 ? 9   DC  B "C5'"  1 
ATOM 193  C "C4'"  . DC  A 1 7  ? 14.097  5.740   -15.980 1.00 0.00 ? 9   DC  B "C4'"  1 
ATOM 194  O "O4'"  . DC  A 1 7  ? 13.285  5.183   -14.959 1.00 0.00 ? 9   DC  B "O4'"  1 
ATOM 195  C "C3'"  . DC  A 1 7  ? 13.232  6.078   -17.195 1.00 0.00 ? 9   DC  B "C3'"  1 
ATOM 196  O "O3'"  . DC  A 1 7  ? 13.518  5.155   -18.220 1.00 0.00 ? 9   DC  B "O3'"  1 
ATOM 197  C "C2'"  . DC  A 1 7  ? 11.826  6.034   -16.602 1.00 0.00 ? 9   DC  B "C2'"  1 
ATOM 198  C "C1'"  . DC  A 1 7  ? 11.954  5.069   -15.425 1.00 0.00 ? 9   DC  B "C1'"  1 
ATOM 199  N N1     . DC  A 1 7  ? 11.029  5.377   -14.298 1.00 0.00 ? 9   DC  B N1     1 
ATOM 200  C C2     . DC  A 1 7  ? 10.253  4.351   -13.748 1.00 0.00 ? 9   DC  B C2     1 
ATOM 201  O O2     . DC  A 1 7  ? 10.225  3.229   -14.250 1.00 0.00 ? 9   DC  B O2     1 
ATOM 202  N N3     . DC  A 1 7  ? 9.522   4.618   -12.630 1.00 0.00 ? 9   DC  B N3     1 
ATOM 203  C C4     . DC  A 1 7  ? 9.524   5.830   -12.067 1.00 0.00 ? 9   DC  B C4     1 
ATOM 204  N N4     . DC  A 1 7  ? 8.853   6.015   -10.933 1.00 0.00 ? 9   DC  B N4     1 
ATOM 205  C C5     . DC  A 1 7  ? 10.277  6.909   -12.626 1.00 0.00 ? 9   DC  B C5     1 
ATOM 206  C C6     . DC  A 1 7  ? 11.004  6.633   -13.735 1.00 0.00 ? 9   DC  B C6     1 
ATOM 207  H "H5'"  . DC  A 1 7  ? 15.270  6.829   -14.550 1.00 0.00 ? 9   DC  B "H5'"  1 
ATOM 208  H "H5''" . DC  A 1 7  ? 15.480  7.341   -16.237 1.00 0.00 ? 9   DC  B "H5''" 1 
ATOM 209  H "H4'"  . DC  A 1 7  ? 14.870  5.021   -16.252 1.00 0.00 ? 9   DC  B "H4'"  1 
ATOM 210  H "H3'"  . DC  A 1 7  ? 13.437  7.078   -17.576 1.00 0.00 ? 9   DC  B "H3'"  1 
ATOM 211  H "H2'"  . DC  A 1 7  ? 11.552  7.035   -16.274 1.00 0.00 ? 9   DC  B "H2'"  1 
ATOM 212  H "H2''" . DC  A 1 7  ? 11.093  5.703   -17.318 1.00 0.00 ? 9   DC  B "H2''" 1 
ATOM 213  H "H1'"  . DC  A 1 7  ? 11.803  4.053   -15.794 1.00 0.00 ? 9   DC  B "H1'"  1 
ATOM 214  H H41    . DC  A 1 7  ? 8.377   5.220   -10.527 1.00 0.00 ? 9   DC  B H41    1 
ATOM 215  H H42    . DC  A 1 7  ? 8.899   6.897   -10.452 1.00 0.00 ? 9   DC  B H42    1 
ATOM 216  H H5     . DC  A 1 7  ? 10.305  7.896   -12.194 1.00 0.00 ? 9   DC  B H5     1 
ATOM 217  H H6     . DC  A 1 7  ? 11.597  7.418   -14.171 1.00 0.00 ? 9   DC  B H6     1 
ATOM 218  P P      . DC  A 1 8  ? 12.686  5.112   -19.594 1.00 0.00 ? 10  DC  B P      1 
ATOM 219  O OP1    . DC  A 1 8  ? 13.548  4.567   -20.666 1.00 0.00 ? 10  DC  B OP1    1 
ATOM 220  O OP2    . DC  A 1 8  ? 11.965  6.390   -19.788 1.00 0.00 ? 10  DC  B OP2    1 
ATOM 221  O "O5'"  . DC  A 1 8  ? 11.638  3.991   -19.151 1.00 0.00 ? 10  DC  B "O5'"  1 
ATOM 222  C "C5'"  . DC  A 1 8  ? 12.080  2.694   -18.793 1.00 0.00 ? 10  DC  B "C5'"  1 
ATOM 223  C "C4'"  . DC  A 1 8  ? 10.876  1.788   -18.601 1.00 0.00 ? 10  DC  B "C4'"  1 
ATOM 224  O "O4'"  . DC  A 1 8  ? 10.190  2.162   -17.425 1.00 0.00 ? 10  DC  B "O4'"  1 
ATOM 225  C "C3'"  . DC  A 1 8  ? 9.933   1.893   -19.804 1.00 0.00 ? 10  DC  B "C3'"  1 
ATOM 226  O "O3'"  . DC  A 1 8  ? 9.889   0.618   -20.410 1.00 0.00 ? 10  DC  B "O3'"  1 
ATOM 227  C "C2'"  . DC  A 1 8  ? 8.642   2.423   -19.185 1.00 0.00 ? 10  DC  B "C2'"  1 
ATOM 228  C "C1'"  . DC  A 1 8  ? 8.807   2.190   -17.689 1.00 0.00 ? 10  DC  B "C1'"  1 
ATOM 229  N N1     . DC  A 1 8  ? 8.210   3.292   -16.887 1.00 0.00 ? 10  DC  B N1     1 
ATOM 230  C C2     . DC  A 1 8  ? 7.249   2.997   -15.934 1.00 0.00 ? 10  DC  B C2     1 
ATOM 231  O O2     . DC  A 1 8  ? 6.808   1.854   -15.816 1.00 0.00 ? 10  DC  B O2     1 
ATOM 232  N N3     . DC  A 1 8  ? 6.802   3.999   -15.126 1.00 0.00 ? 10  DC  B N3     1 
ATOM 233  C C4     . DC  A 1 8  ? 7.269   5.246   -15.234 1.00 0.00 ? 10  DC  B C4     1 
ATOM 234  N N4     . DC  A 1 8  ? 6.832   6.176   -14.396 1.00 0.00 ? 10  DC  B N4     1 
ATOM 235  C C5     . DC  A 1 8  ? 8.244   5.588   -16.235 1.00 0.00 ? 10  DC  B C5     1 
ATOM 236  C C6     . DC  A 1 8  ? 8.662   4.578   -17.041 1.00 0.00 ? 10  DC  B C6     1 
ATOM 237  H "H5'"  . DC  A 1 8  ? 12.658  2.730   -17.868 1.00 0.00 ? 10  DC  B "H5'"  1 
ATOM 238  H "H5''" . DC  A 1 8  ? 12.697  2.288   -19.593 1.00 0.00 ? 10  DC  B "H5''" 1 
ATOM 239  H "H4'"  . DC  A 1 8  ? 11.217  0.758   -18.488 1.00 0.00 ? 10  DC  B "H4'"  1 
ATOM 240  H "H3'"  . DC  A 1 8  ? 10.285  2.609   -20.546 1.00 0.00 ? 10  DC  B "H3'"  1 
ATOM 241  H "H2'"  . DC  A 1 8  ? 8.553   3.484   -19.417 1.00 0.00 ? 10  DC  B "H2'"  1 
ATOM 242  H "H2''" . DC  A 1 8  ? 7.762   1.913   -19.546 1.00 0.00 ? 10  DC  B "H2''" 1 
ATOM 243  H "H1'"  . DC  A 1 8  ? 8.375   1.220   -17.432 1.00 0.00 ? 10  DC  B "H1'"  1 
ATOM 244  H H41    . DC  A 1 8  ? 6.134   5.918   -13.702 1.00 0.00 ? 10  DC  B H41    1 
ATOM 245  H H42    . DC  A 1 8  ? 7.199   7.111   -14.425 1.00 0.00 ? 10  DC  B H42    1 
ATOM 246  H H5     . DC  A 1 8  ? 8.639   6.578   -16.361 1.00 0.00 ? 10  DC  B H5     1 
ATOM 247  H H6     . DC  A 1 8  ? 9.378   4.776   -17.818 1.00 0.00 ? 10  DC  B H6     1 
ATOM 248  P P      . DA  A 1 9  ? 8.847   0.235   -21.570 1.00 0.00 ? 11  DA  B P      1 
ATOM 249  O OP1    . DA  A 1 9  ? 9.377   -0.922  -22.322 1.00 0.00 ? 11  DA  B OP1    1 
ATOM 250  O OP2    . DA  A 1 9  ? 8.419   1.461   -22.281 1.00 0.00 ? 11  DA  B OP2    1 
ATOM 251  O "O5'"  . DA  A 1 9  ? 7.647   -0.266  -20.636 1.00 0.00 ? 11  DA  B "O5'"  1 
ATOM 252  C "C5'"  . DA  A 1 9  ? 7.855   -1.255  -19.643 1.00 0.00 ? 11  DA  B "C5'"  1 
ATOM 253  C "C4'"  . DA  A 1 9  ? 6.531   -1.617  -18.982 1.00 0.00 ? 11  DA  B "C4'"  1 
ATOM 254  O "O4'"  . DA  A 1 9  ? 6.109   -0.566  -18.127 1.00 0.00 ? 11  DA  B "O4'"  1 
ATOM 255  C "C3'"  . DA  A 1 9  ? 5.452   -1.859  -20.043 1.00 0.00 ? 11  DA  B "C3'"  1 
ATOM 256  O "O3'"  . DA  A 1 9  ? 4.795   -3.059  -19.702 1.00 0.00 ? 11  DA  B "O3'"  1 
ATOM 257  C "C2'"  . DA  A 1 9  ? 4.628   -0.577  -19.955 1.00 0.00 ? 11  DA  B "C2'"  1 
ATOM 258  C "C1'"  . DA  A 1 9  ? 4.807   -0.167  -18.502 1.00 0.00 ? 11  DA  B "C1'"  1 
ATOM 259  N N9     . DA  A 1 9  ? 4.691   1.296   -18.321 1.00 0.00 ? 11  DA  B N9     1 
ATOM 260  C C8     . DA  A 1 9  ? 5.195   2.311   -19.083 1.00 0.00 ? 11  DA  B C8     1 
ATOM 261  N N7     . DA  A 1 9  ? 4.994   3.510   -18.606 1.00 0.00 ? 11  DA  B N7     1 
ATOM 262  C C5     . DA  A 1 9  ? 4.237   3.254   -17.467 1.00 0.00 ? 11  DA  B C5     1 
ATOM 263  C C6     . DA  A 1 9  ? 3.651   4.096   -16.511 1.00 0.00 ? 11  DA  B C6     1 
ATOM 264  N N6     . DA  A 1 9  ? 3.786   5.424   -16.522 1.00 0.00 ? 11  DA  B N6     1 
ATOM 265  N N1     . DA  A 1 9  ? 2.902   3.537   -15.546 1.00 0.00 ? 11  DA  B N1     1 
ATOM 266  C C2     . DA  A 1 9  ? 2.759   2.214   -15.504 1.00 0.00 ? 11  DA  B C2     1 
ATOM 267  N N3     . DA  A 1 9  ? 3.286   1.313   -16.319 1.00 0.00 ? 11  DA  B N3     1 
ATOM 268  C C4     . DA  A 1 9  ? 4.022   1.911   -17.297 1.00 0.00 ? 11  DA  B C4     1 
ATOM 269  H "H5'"  . DA  A 1 9  ? 8.545   -0.893  -18.880 1.00 0.00 ? 11  DA  B "H5'"  1 
ATOM 270  H "H5''" . DA  A 1 9  ? 8.269   -2.148  -20.110 1.00 0.00 ? 11  DA  B "H5''" 1 
ATOM 271  H "H4'"  . DA  A 1 9  ? 6.676   -2.519  -18.384 1.00 0.00 ? 11  DA  B "H4'"  1 
ATOM 272  H "H3'"  . DA  A 1 9  ? 5.874   -1.960  -21.043 1.00 0.00 ? 11  DA  B "H3'"  1 
ATOM 273  H "H2'"  . DA  A 1 9  ? 5.060   0.165   -20.625 1.00 0.00 ? 11  DA  B "H2'"  1 
ATOM 274  H "H2''" . DA  A 1 9  ? 3.585   -0.721  -20.205 1.00 0.00 ? 11  DA  B "H2''" 1 
ATOM 275  H "H1'"  . DA  A 1 9  ? 4.074   -0.687  -17.885 1.00 0.00 ? 11  DA  B "H1'"  1 
ATOM 276  H H8     . DA  A 1 9  ? 5.741   2.155   -20.001 1.00 0.00 ? 11  DA  B H8     1 
ATOM 277  H H61    . DA  A 1 9  ? 3.360   5.971   -15.790 1.00 0.00 ? 11  DA  B H61    1 
ATOM 278  H H62    . DA  A 1 9  ? 4.356   5.861   -17.231 1.00 0.00 ? 11  DA  B H62    1 
ATOM 279  H H2     . DA  A 1 9  ? 2.149   1.835   -14.695 1.00 0.00 ? 11  DA  B H2     1 
ATOM 280  P P      . DG  A 1 10 ? 3.448   -3.557  -20.420 1.00 0.00 ? 12  DG  B P      1 
ATOM 281  O OP1    . DG  A 1 10 ? 3.392   -5.034  -20.360 1.00 0.00 ? 12  DG  B OP1    1 
ATOM 282  O OP2    . DG  A 1 10 ? 3.271   -2.853  -21.710 1.00 0.00 ? 12  DG  B OP2    1 
ATOM 283  O "O5'"  . DG  A 1 10 ? 2.409   -2.960  -19.361 1.00 0.00 ? 12  DG  B "O5'"  1 
ATOM 284  C "C5'"  . DG  A 1 10 ? 2.425   -3.373  -18.006 1.00 0.00 ? 12  DG  B "C5'"  1 
ATOM 285  C "C4'"  . DG  A 1 10 ? 1.209   -2.816  -17.278 1.00 0.00 ? 12  DG  B "C4'"  1 
ATOM 286  O "O4'"  . DG  A 1 10 ? 1.378   -1.423  -17.105 1.00 0.00 ? 12  DG  B "O4'"  1 
ATOM 287  C "C3'"  . DG  A 1 10 ? -0.082  -3.056  -18.075 1.00 0.00 ? 12  DG  B "C3'"  1 
ATOM 288  O "O3'"  . DG  A 1 10 ? -1.080  -3.444  -17.152 1.00 0.00 ? 12  DG  B "O3'"  1 
ATOM 289  C "C2'"  . DG  A 1 10 ? -0.300  -1.698  -18.732 1.00 0.00 ? 12  DG  B "C2'"  1 
ATOM 290  C "C1'"  . DG  A 1 10 ? 0.255   -0.780  -17.661 1.00 0.00 ? 12  DG  B "C1'"  1 
ATOM 291  N N9     . DG  A 1 10 ? 0.657   0.527   -18.193 1.00 0.00 ? 12  DG  B N9     1 
ATOM 292  C C8     . DG  A 1 10 ? 1.353   0.839   -19.336 1.00 0.00 ? 12  DG  B C8     1 
ATOM 293  N N7     . DG  A 1 10 ? 1.550   2.117   -19.504 1.00 0.00 ? 12  DG  B N7     1 
ATOM 294  C C5     . DG  A 1 10 ? 0.903   2.684   -18.416 1.00 0.00 ? 12  DG  B C5     1 
ATOM 295  C C6     . DG  A 1 10 ? 0.716   4.053   -18.065 1.00 0.00 ? 12  DG  B C6     1 
ATOM 296  O O6     . DG  A 1 10 ? 1.153   5.035   -18.667 1.00 0.00 ? 12  DG  B O6     1 
ATOM 297  N N1     . DG  A 1 10 ? -0.054  4.212   -16.923 1.00 0.00 ? 12  DG  B N1     1 
ATOM 298  C C2     . DG  A 1 10 ? -0.565  3.175   -16.173 1.00 0.00 ? 12  DG  B C2     1 
ATOM 299  N N2     . DG  A 1 10 ? -1.291  3.468   -15.090 1.00 0.00 ? 12  DG  B N2     1 
ATOM 300  N N3     . DG  A 1 10 ? -0.392  1.887   -16.483 1.00 0.00 ? 12  DG  B N3     1 
ATOM 301  C C4     . DG  A 1 10 ? 0.344   1.719   -17.620 1.00 0.00 ? 12  DG  B C4     1 
ATOM 302  H "H5'"  . DG  A 1 10 ? 3.333   -3.018  -17.515 1.00 0.00 ? 12  DG  B "H5'"  1 
ATOM 303  H "H5''" . DG  A 1 10 ? 2.390   -4.461  -17.957 1.00 0.00 ? 12  DG  B "H5''" 1 
ATOM 304  H "H4'"  . DG  A 1 10 ? 1.136   -3.286  -16.297 1.00 0.00 ? 12  DG  B "H4'"  1 
ATOM 305  H "H3'"  . DG  A 1 10 ? 0.041   -3.832  -18.832 1.00 0.00 ? 12  DG  B "H3'"  1 
ATOM 306  H "H2'"  . DG  A 1 10 ? 0.283   -1.626  -19.650 1.00 0.00 ? 12  DG  B "H2'"  1 
ATOM 307  H "H2''" . DG  A 1 10 ? -1.339  -1.485  -18.948 1.00 0.00 ? 12  DG  B "H2''" 1 
ATOM 308  H "H1'"  . DG  A 1 10 ? -0.499  -0.649  -16.881 1.00 0.00 ? 12  DG  B "H1'"  1 
ATOM 309  H H8     . DG  A 1 10 ? 1.705   0.101   -20.031 1.00 0.00 ? 12  DG  B H8     1 
ATOM 310  H H1     . DG  A 1 10 ? -0.222  5.163   -16.611 1.00 0.00 ? 12  DG  B H1     1 
ATOM 311  H H21    . DG  A 1 10 ? -1.410  4.431   -14.807 1.00 0.00 ? 12  DG  B H21    1 
ATOM 312  H H22    . DG  A 1 10 ? -1.649  2.718   -14.528 1.00 0.00 ? 12  DG  B H22    1 
ATOM 313  P P      . DC  A 1 11 ? -2.632  -3.643  -17.544 1.00 0.00 ? 13  DC  B P      1 
ATOM 314  O OP1    . DC  A 1 11 ? -3.173  -4.781  -16.769 1.00 0.00 ? 13  DC  B OP1    1 
ATOM 315  O OP2    . DC  A 1 11 ? -2.791  -3.607  -19.016 1.00 0.00 ? 13  DC  B OP2    1 
ATOM 316  O "O5'"  . DC  A 1 11 ? -3.232  -2.284  -16.939 1.00 0.00 ? 13  DC  B "O5'"  1 
ATOM 317  C "C5'"  . DC  A 1 11 ? -3.142  -1.988  -15.557 1.00 0.00 ? 13  DC  B "C5'"  1 
ATOM 318  C "C4'"  . DC  A 1 11 ? -4.000  -0.770  -15.213 1.00 0.00 ? 13  DC  B "C4'"  1 
ATOM 319  O "O4'"  . DC  A 1 11 ? -3.405  0.367   -15.808 1.00 0.00 ? 13  DC  B "O4'"  1 
ATOM 320  C "C3'"  . DC  A 1 11 ? -5.437  -0.889  -15.747 1.00 0.00 ? 13  DC  B "C3'"  1 
ATOM 321  O "O3'"  . DC  A 1 11 ? -6.354  -0.296  -14.850 1.00 0.00 ? 13  DC  B "O3'"  1 
ATOM 322  C "C2'"  . DC  A 1 11 ? -5.387  -0.099  -17.049 1.00 0.00 ? 13  DC  B "C2'"  1 
ATOM 323  C "C1'"  . DC  A 1 11 ? -4.330  0.951   -16.701 1.00 0.00 ? 13  DC  B "C1'"  1 
ATOM 324  N N1     . DC  A 1 11 ? -3.591  1.500   -17.866 1.00 0.00 ? 13  DC  B N1     1 
ATOM 325  C C2     . DC  A 1 11 ? -3.420  2.883   -17.939 1.00 0.00 ? 13  DC  B C2     1 
ATOM 326  O O2     . DC  A 1 11 ? -3.939  3.633   -17.117 1.00 0.00 ? 13  DC  B O2     1 
ATOM 327  N N3     . DC  A 1 11 ? -2.655  3.394   -18.939 1.00 0.00 ? 13  DC  B N3     1 
ATOM 328  C C4     . DC  A 1 11 ? -2.066  2.606   -19.842 1.00 0.00 ? 13  DC  B C4     1 
ATOM 329  N N4     . DC  A 1 11 ? -1.291  3.181   -20.761 1.00 0.00 ? 13  DC  B N4     1 
ATOM 330  C C5     . DC  A 1 11 ? -2.231  1.185   -19.803 1.00 0.00 ? 13  DC  B C5     1 
ATOM 331  C C6     . DC  A 1 11 ? -3.000  0.684   -18.806 1.00 0.00 ? 13  DC  B C6     1 
ATOM 332  H "H5'"  . DC  A 1 11 ? -2.102  -1.784  -15.292 1.00 0.00 ? 13  DC  B "H5'"  1 
ATOM 333  H "H5''" . DC  A 1 11 ? -3.495  -2.842  -14.978 1.00 0.00 ? 13  DC  B "H5''" 1 
ATOM 334  H "H4'"  . DC  A 1 11 ? -4.012  -0.646  -14.129 1.00 0.00 ? 13  DC  B "H4'"  1 
ATOM 335  H "H3'"  . DC  A 1 11 ? -5.710  -1.929  -15.931 1.00 0.00 ? 13  DC  B "H3'"  1 
ATOM 336  H "HO3'" . DC  A 1 11 ? -7.227  -0.324  -15.249 1.00 0.00 ? 13  DC  B "HO3'" 1 
ATOM 337  H "H2'"  . DC  A 1 11 ? -5.067  -0.746  -17.863 1.00 0.00 ? 13  DC  B "H2'"  1 
ATOM 338  H "H2''" . DC  A 1 11 ? -6.343  0.364   -17.294 1.00 0.00 ? 13  DC  B "H2''" 1 
ATOM 339  H "H1'"  . DC  A 1 11 ? -4.841  1.747   -16.157 1.00 0.00 ? 13  DC  B "H1'"  1 
ATOM 340  H H41    . DC  A 1 11 ? -1.156  4.182   -20.700 1.00 0.00 ? 13  DC  B H41    1 
ATOM 341  H H42    . DC  A 1 11 ? -0.787  2.633   -21.439 1.00 0.00 ? 13  DC  B H42    1 
ATOM 342  H H5     . DC  A 1 11 ? -1.758  0.523   -20.513 1.00 0.00 ? 13  DC  B H5     1 
ATOM 343  H H6     . DC  A 1 11 ? -3.136  -0.383  -18.736 1.00 0.00 ? 13  DC  B H6     1 
ATOM 344  O "O5'"  . DG  B 2 1  ? -2.044  13.427  -20.116 1.00 0.00 ? 14  DG  C "O5'"  1 
ATOM 345  C "C5'"  . DG  B 2 1  ? -3.278  13.725  -19.494 1.00 0.00 ? 14  DG  C "C5'"  1 
ATOM 346  C "C4'"  . DG  B 2 1  ? -3.386  13.222  -18.046 1.00 0.00 ? 14  DG  C "C4'"  1 
ATOM 347  O "O4'"  . DG  B 2 1  ? -3.595  11.823  -18.040 1.00 0.00 ? 14  DG  C "O4'"  1 
ATOM 348  C "C3'"  . DG  B 2 1  ? -2.174  13.502  -17.143 1.00 0.00 ? 14  DG  C "C3'"  1 
ATOM 349  O "O3'"  . DG  B 2 1  ? -2.707  13.717  -15.842 1.00 0.00 ? 14  DG  C "O3'"  1 
ATOM 350  C "C2'"  . DG  B 2 1  ? -1.354  12.227  -17.327 1.00 0.00 ? 14  DG  C "C2'"  1 
ATOM 351  C "C1'"  . DG  B 2 1  ? -2.450  11.188  -17.515 1.00 0.00 ? 14  DG  C "C1'"  1 
ATOM 352  N N9     . DG  B 2 1  ? -2.055  10.110  -18.431 1.00 0.00 ? 14  DG  C N9     1 
ATOM 353  C C8     . DG  B 2 1  ? -1.366  10.158  -19.620 1.00 0.00 ? 14  DG  C C8     1 
ATOM 354  N N7     . DG  B 2 1  ? -1.136  8.992   -20.146 1.00 0.00 ? 14  DG  C N7     1 
ATOM 355  C C5     . DG  B 2 1  ? -1.722  8.110   -19.246 1.00 0.00 ? 14  DG  C C5     1 
ATOM 356  C C6     . DG  B 2 1  ? -1.789  6.690   -19.267 1.00 0.00 ? 14  DG  C C6     1 
ATOM 357  O O6     . DG  B 2 1  ? -1.328  5.940   -20.118 1.00 0.00 ? 14  DG  C O6     1 
ATOM 358  N N1     . DG  B 2 1  ? -2.473  6.173   -18.166 1.00 0.00 ? 14  DG  C N1     1 
ATOM 359  C C2     . DG  B 2 1  ? -3.048  6.937   -17.170 1.00 0.00 ? 14  DG  C C2     1 
ATOM 360  N N2     . DG  B 2 1  ? -3.678  6.303   -16.184 1.00 0.00 ? 14  DG  C N2     1 
ATOM 361  N N3     . DG  B 2 1  ? -2.989  8.272   -17.148 1.00 0.00 ? 14  DG  C N3     1 
ATOM 362  C C4     . DG  B 2 1  ? -2.310  8.791   -18.209 1.00 0.00 ? 14  DG  C C4     1 
ATOM 363  H "H5'"  . DG  B 2 1  ? -4.085  13.279  -20.079 1.00 0.00 ? 14  DG  C "H5'"  1 
ATOM 364  H "H5''" . DG  B 2 1  ? -3.410  14.806  -19.489 1.00 0.00 ? 14  DG  C "H5''" 1 
ATOM 365  H "H4'"  . DG  B 2 1  ? -4.270  13.688  -17.609 1.00 0.00 ? 14  DG  C "H4'"  1 
ATOM 366  H "H3'"  . DG  B 2 1  ? -1.611  14.375  -17.469 1.00 0.00 ? 14  DG  C "H3'"  1 
ATOM 367  H "H2'"  . DG  B 2 1  ? -0.729  12.316  -18.214 1.00 0.00 ? 14  DG  C "H2'"  1 
ATOM 368  H "H2''" . DG  B 2 1  ? -0.715  11.987  -16.484 1.00 0.00 ? 14  DG  C "H2''" 1 
ATOM 369  H "H1'"  . DG  B 2 1  ? -2.700  10.766  -16.539 1.00 0.00 ? 14  DG  C "H1'"  1 
ATOM 370  H H8     . DG  B 2 1  ? -1.039  11.076  -20.084 1.00 0.00 ? 14  DG  C H8     1 
ATOM 371  H H1     . DG  B 2 1  ? -2.577  5.169   -18.124 1.00 0.00 ? 14  DG  C H1     1 
ATOM 372  H H21    . DG  B 2 1  ? -3.742  5.292   -16.196 1.00 0.00 ? 14  DG  C H21    1 
ATOM 373  H H22    . DG  B 2 1  ? -4.103  6.838   -15.442 1.00 0.00 ? 14  DG  C H22    1 
ATOM 374  H "HO5'" . DG  B 2 1  ? -1.987  13.916  -20.941 1.00 0.00 ? 14  DG  C "HO5'" 1 
ATOM 375  P P      . DC  B 2 2  ? -1.864  13.628  -14.465 1.00 0.00 ? 15  DC  C P      1 
ATOM 376  O OP1    . DC  B 2 2  ? -2.503  14.516  -13.469 1.00 0.00 ? 15  DC  C OP1    1 
ATOM 377  O OP2    . DC  B 2 2  ? -0.418  13.761  -14.749 1.00 0.00 ? 15  DC  C OP2    1 
ATOM 378  O "O5'"  . DC  B 2 2  ? -2.167  12.108  -14.047 1.00 0.00 ? 15  DC  C "O5'"  1 
ATOM 379  C "C5'"  . DC  B 2 2  ? -3.485  11.674  -13.747 1.00 0.00 ? 15  DC  C "C5'"  1 
ATOM 380  C "C4'"  . DC  B 2 2  ? -3.454  10.297  -13.088 1.00 0.00 ? 15  DC  C "C4'"  1 
ATOM 381  O "O4'"  . DC  B 2 2  ? -2.994  9.354   -14.040 1.00 0.00 ? 15  DC  C "O4'"  1 
ATOM 382  C "C3'"  . DC  B 2 2  ? -2.526  10.278  -11.863 1.00 0.00 ? 15  DC  C "C3'"  1 
ATOM 383  O "O3'"  . DC  B 2 2  ? -3.190  9.625   -10.796 1.00 0.00 ? 15  DC  C "O3'"  1 
ATOM 384  C "C2'"  . DC  B 2 2  ? -1.301  9.556   -12.412 1.00 0.00 ? 15  DC  C "C2'"  1 
ATOM 385  C "C1'"  . DC  B 2 2  ? -1.881  8.674   -13.505 1.00 0.00 ? 15  DC  C "C1'"  1 
ATOM 386  N N1     . DC  B 2 2  ? -0.879  8.405   -14.571 1.00 0.00 ? 15  DC  C N1     1 
ATOM 387  C C2     . DC  B 2 2  ? -0.549  7.087   -14.859 1.00 0.00 ? 15  DC  C C2     1 
ATOM 388  O O2     . DC  B 2 2  ? -1.053  6.155   -14.245 1.00 0.00 ? 15  DC  C O2     1 
ATOM 389  N N3     . DC  B 2 2  ? 0.352   6.847   -15.856 1.00 0.00 ? 15  DC  C N3     1 
ATOM 390  C C4     . DC  B 2 2  ? 0.902   7.846   -16.555 1.00 0.00 ? 15  DC  C C4     1 
ATOM 391  N N4     . DC  B 2 2  ? 1.702   7.547   -17.566 1.00 0.00 ? 15  DC  C N4     1 
ATOM 392  C C5     . DC  B 2 2  ? 0.606   9.212   -16.251 1.00 0.00 ? 15  DC  C C5     1 
ATOM 393  C C6     . DC  B 2 2  ? -0.281  9.441   -15.255 1.00 0.00 ? 15  DC  C C6     1 
ATOM 394  H "H5'"  . DC  B 2 2  ? -4.078  11.625  -14.661 1.00 0.00 ? 15  DC  C "H5'"  1 
ATOM 395  H "H5''" . DC  B 2 2  ? -3.952  12.373  -13.054 1.00 0.00 ? 15  DC  C "H5''" 1 
ATOM 396  H "H4'"  . DC  B 2 2  ? -4.466  10.027  -12.786 1.00 0.00 ? 15  DC  C "H4'"  1 
ATOM 397  H "H3'"  . DC  B 2 2  ? -2.252  11.285  -11.548 1.00 0.00 ? 15  DC  C "H3'"  1 
ATOM 398  H "H2'"  . DC  B 2 2  ? -0.608  10.296  -12.809 1.00 0.00 ? 15  DC  C "H2'"  1 
ATOM 399  H "H2''" . DC  B 2 2  ? -0.789  8.957   -11.674 1.00 0.00 ? 15  DC  C "H2''" 1 
ATOM 400  H "H1'"  . DC  B 2 2  ? -2.237  7.749   -13.048 1.00 0.00 ? 15  DC  C "H1'"  1 
ATOM 401  H H41    . DC  B 2 2  ? 1.844   6.569   -17.793 1.00 0.00 ? 15  DC  C H41    1 
ATOM 402  H H42    . DC  B 2 2  ? 2.071   8.268   -18.168 1.00 0.00 ? 15  DC  C H42    1 
ATOM 403  H H5     . DC  B 2 2  ? 1.053   10.041  -16.782 1.00 0.00 ? 15  DC  C H5     1 
ATOM 404  H H6     . DC  B 2 2  ? -0.526  10.454  -14.994 1.00 0.00 ? 15  DC  C H6     1 
ATOM 405  P P      . DT  B 2 3  ? -2.440  9.137   -9.452  1.00 0.00 ? 16  DT  C P      1 
ATOM 406  O OP1    . DT  B 2 3  ? -3.417  9.096   -8.344  1.00 0.00 ? 16  DT  C OP1    1 
ATOM 407  O OP2    . DT  B 2 3  ? -1.153  9.853   -9.287  1.00 0.00 ? 16  DT  C OP2    1 
ATOM 408  O "O5'"  . DT  B 2 3  ? -2.127  7.640   -9.897  1.00 0.00 ? 16  DT  C "O5'"  1 
ATOM 409  C "C5'"  . DT  B 2 3  ? -3.167  6.702   -10.090 1.00 0.00 ? 16  DT  C "C5'"  1 
ATOM 410  C "C4'"  . DT  B 2 3  ? -2.603  5.304   -9.890  1.00 0.00 ? 16  DT  C "C4'"  1 
ATOM 411  O "O4'"  . DT  B 2 3  ? -1.811  4.973   -11.016 1.00 0.00 ? 16  DT  C "O4'"  1 
ATOM 412  C "C3'"  . DT  B 2 3  ? -1.750  5.242   -8.609  1.00 0.00 ? 16  DT  C "C3'"  1 
ATOM 413  O "O3'"  . DT  B 2 3  ? -2.172  4.117   -7.866  1.00 0.00 ? 16  DT  C "O3'"  1 
ATOM 414  C "C2'"  . DT  B 2 3  ? -0.329  5.254   -9.182  1.00 0.00 ? 16  DT  C "C2'"  1 
ATOM 415  C "C1'"  . DT  B 2 3  ? -0.488  4.718   -10.602 1.00 0.00 ? 16  DT  C "C1'"  1 
ATOM 416  N N1     . DT  B 2 3  ? 0.453   5.305   -11.586 1.00 0.00 ? 16  DT  C N1     1 
ATOM 417  C C2     . DT  B 2 3  ? 1.017   4.454   -12.531 1.00 0.00 ? 16  DT  C C2     1 
ATOM 418  O O2     . DT  B 2 3  ? 0.705   3.267   -12.663 1.00 0.00 ? 16  DT  C O2     1 
ATOM 419  N N3     . DT  B 2 3  ? 1.982   5.019   -13.336 1.00 0.00 ? 16  DT  C N3     1 
ATOM 420  C C4     . DT  B 2 3  ? 2.448   6.315   -13.298 1.00 0.00 ? 16  DT  C C4     1 
ATOM 421  O O4     . DT  B 2 3  ? 3.372   6.678   -14.023 1.00 0.00 ? 16  DT  C O4     1 
ATOM 422  C C5     . DT  B 2 3  ? 1.745   7.168   -12.361 1.00 0.00 ? 16  DT  C C5     1 
ATOM 423  C C7     . DT  B 2 3  ? 2.110   8.631   -12.289 1.00 0.00 ? 16  DT  C C7     1 
ATOM 424  C C6     . DT  B 2 3  ? 0.778   6.646   -11.566 1.00 0.00 ? 16  DT  C C6     1 
ATOM 425  H "H5'"  . DT  B 2 3  ? -3.587  6.803   -11.091 1.00 0.00 ? 16  DT  C "H5'"  1 
ATOM 426  H "H5''" . DT  B 2 3  ? -3.954  6.855   -9.350  1.00 0.00 ? 16  DT  C "H5''" 1 
ATOM 427  H "H4'"  . DT  B 2 3  ? -3.429  4.596   -9.827  1.00 0.00 ? 16  DT  C "H4'"  1 
ATOM 428  H "H3'"  . DT  B 2 3  ? -1.888  6.122   -7.981  1.00 0.00 ? 16  DT  C "H3'"  1 
ATOM 429  H "H2'"  . DT  B 2 3  ? 0.010   6.281   -9.172  1.00 0.00 ? 16  DT  C "H2'"  1 
ATOM 430  H "H2''" . DT  B 2 3  ? 0.400   4.682   -8.623  1.00 0.00 ? 16  DT  C "H2''" 1 
ATOM 431  H "H1'"  . DT  B 2 3  ? -0.341  3.640   -10.571 1.00 0.00 ? 16  DT  C "H1'"  1 
ATOM 432  H H3     . DT  B 2 3  ? 2.382   4.407   -14.033 1.00 0.00 ? 16  DT  C H3     1 
ATOM 433  H H71    . DT  B 2 3  ? 1.496   9.153   -11.556 1.00 0.00 ? 16  DT  C H71    1 
ATOM 434  H H72    . DT  B 2 3  ? 3.158   8.723   -12.002 1.00 0.00 ? 16  DT  C H72    1 
ATOM 435  H H73    . DT  B 2 3  ? 1.968   9.085   -13.270 1.00 0.00 ? 16  DT  C H73    1 
ATOM 436  H H6     . DT  B 2 3  ? 0.255   7.306   -10.898 1.00 0.00 ? 16  DT  C H6     1 
ATOM 437  P P      . DG  B 2 4  ? -1.211  3.295   -6.880  1.00 0.00 ? 17  DG  C P      1 
ATOM 438  O OP1    . DG  B 2 4  ? -2.032  2.334   -6.125  1.00 0.00 ? 17  DG  C OP1    1 
ATOM 439  O OP2    . DG  B 2 4  ? -0.284  4.207   -6.175  1.00 0.00 ? 17  DG  C OP2    1 
ATOM 440  O "O5'"  . DG  B 2 4  ? -0.436  2.474   -8.008  1.00 0.00 ? 17  DG  C "O5'"  1 
ATOM 441  C "C5'"  . DG  B 2 4  ? -1.174  1.720   -8.949  1.00 0.00 ? 17  DG  C "C5'"  1 
ATOM 442  C "C4'"  . DG  B 2 4  ? -0.377  0.574   -9.523  1.00 0.00 ? 17  DG  C "C4'"  1 
ATOM 443  O "O4'"  . DG  B 2 4  ? 0.600   1.067   -10.403 1.00 0.00 ? 17  DG  C "O4'"  1 
ATOM 444  C "C3'"  . DG  B 2 4  ? 0.300   -0.187  -8.385  1.00 0.00 ? 17  DG  C "C3'"  1 
ATOM 445  O "O3'"  . DG  B 2 4  ? 0.182   -1.553  -8.714  1.00 0.00 ? 17  DG  C "O3'"  1 
ATOM 446  C "C2'"  . DG  B 2 4  ? 1.708   0.413   -8.383  1.00 0.00 ? 17  DG  C "C2'"  1 
ATOM 447  C "C1'"  . DG  B 2 4  ? 1.868   0.842   -9.835  1.00 0.00 ? 17  DG  C "C1'"  1 
ATOM 448  N N9     . DG  B 2 4  ? 2.635   2.079   -10.052 1.00 0.00 ? 17  DG  C N9     1 
ATOM 449  C C8     . DG  B 2 4  ? 2.688   3.257   -9.349  1.00 0.00 ? 17  DG  C C8     1 
ATOM 450  N N7     . DG  B 2 4  ? 3.402   4.186   -9.928  1.00 0.00 ? 17  DG  C N7     1 
ATOM 451  C C5     . DG  B 2 4  ? 3.891   3.560   -11.070 1.00 0.00 ? 17  DG  C C5     1 
ATOM 452  C C6     . DG  B 2 4  ? 4.769   4.031   -12.093 1.00 0.00 ? 17  DG  C C6     1 
ATOM 453  O O6     . DG  B 2 4  ? 5.275   5.144   -12.198 1.00 0.00 ? 17  DG  C O6     1 
ATOM 454  N N1     . DG  B 2 4  ? 5.066   3.045   -13.031 1.00 0.00 ? 17  DG  C N1     1 
ATOM 455  C C2     . DG  B 2 4  ? 4.585   1.753   -12.987 1.00 0.00 ? 17  DG  C C2     1 
ATOM 456  N N2     . DG  B 2 4  ? 5.063   0.868   -13.856 1.00 0.00 ? 17  DG  C N2     1 
ATOM 457  N N3     . DG  B 2 4  ? 3.720   1.323   -12.069 1.00 0.00 ? 17  DG  C N3     1 
ATOM 458  C C4     . DG  B 2 4  ? 3.428   2.270   -11.140 1.00 0.00 ? 17  DG  C C4     1 
ATOM 459  H "H5'"  . DG  B 2 4  ? -1.585  2.344   -9.740  1.00 0.00 ? 17  DG  C "H5'"  1 
ATOM 460  H "H5''" . DG  B 2 4  ? -1.995  1.262   -8.440  1.00 0.00 ? 17  DG  C "H5''" 1 
ATOM 461  H "H4'"  . DG  B 2 4  ? -1.054  -0.078  -10.075 1.00 0.00 ? 17  DG  C "H4'"  1 
ATOM 462  H "H3'"  . DG  B 2 4  ? -0.189  -0.010  -7.426  1.00 0.00 ? 17  DG  C "H3'"  1 
ATOM 463  H "H2'"  . DG  B 2 4  ? 1.745   1.275   -7.716  1.00 0.00 ? 17  DG  C "H2'"  1 
ATOM 464  H "H2''" . DG  B 2 4  ? 2.473   -0.301  -8.094  1.00 0.00 ? 17  DG  C "H2''" 1 
ATOM 465  H "H1'"  . DG  B 2 4  ? 2.333   0.021   -10.382 1.00 0.00 ? 17  DG  C "H1'"  1 
ATOM 466  H H8     . DG  B 2 4  ? 2.171   3.417   -8.416  1.00 0.00 ? 17  DG  C H8     1 
ATOM 467  H H1     . DG  B 2 4  ? 5.711   3.292   -13.766 1.00 0.00 ? 17  DG  C H1     1 
ATOM 468  H H21    . DG  B 2 4  ? 5.753   1.147   -14.539 1.00 0.00 ? 17  DG  C H21    1 
ATOM 469  H H22    . DG  B 2 4  ? 4.748   -0.088  -13.811 1.00 0.00 ? 17  DG  C H22    1 
ATOM 470  P P      . DG  B 2 5  ? 0.877   -2.712  -7.857  1.00 0.00 ? 18  DG  C P      1 
ATOM 471  O OP1    . DG  B 2 5  ? 0.075   -3.949  -7.969  1.00 0.00 ? 18  DG  C OP1    1 
ATOM 472  O OP2    . DG  B 2 5  ? 1.264   -2.183  -6.539  1.00 0.00 ? 18  DG  C OP2    1 
ATOM 473  O "O5'"  . DG  B 2 5  ? 2.209   -2.852  -8.694  1.00 0.00 ? 18  DG  C "O5'"  1 
ATOM 474  C "C5'"  . DG  B 2 5  ? 2.211   -3.359  -10.004 1.00 0.00 ? 18  DG  C "C5'"  1 
ATOM 475  C "C4'"  . DG  B 2 5  ? 3.648   -3.293  -10.490 1.00 0.00 ? 18  DG  C "C4'"  1 
ATOM 476  O "O4'"  . DG  B 2 5  ? 4.018   -1.939  -10.693 1.00 0.00 ? 18  DG  C "O4'"  1 
ATOM 477  C "C3'"  . DG  B 2 5  ? 4.611   -3.923  -9.467  1.00 0.00 ? 18  DG  C "C3'"  1 
ATOM 478  O "O3'"  . DG  B 2 5  ? 5.162   -5.063  -10.093 1.00 0.00 ? 18  DG  C "O3'"  1 
ATOM 479  C "C2'"  . DG  B 2 5  ? 5.514   -2.739  -9.114  1.00 0.00 ? 18  DG  C "C2'"  1 
ATOM 480  C "C1'"  . DG  B 2 5  ? 5.363   -1.813  -10.308 1.00 0.00 ? 18  DG  C "C1'"  1 
ATOM 481  N N9     . DG  B 2 5  ? 5.668   -0.414  -9.956  1.00 0.00 ? 18  DG  C N9     1 
ATOM 482  C C8     . DG  B 2 5  ? 5.250   0.314   -8.869  1.00 0.00 ? 18  DG  C C8     1 
ATOM 483  N N7     . DG  B 2 5  ? 5.697   1.542   -8.849  1.00 0.00 ? 18  DG  C N7     1 
ATOM 484  C C5     . DG  B 2 5  ? 6.475   1.616   -9.994  1.00 0.00 ? 18  DG  C C5     1 
ATOM 485  C C6     . DG  B 2 5  ? 7.223   2.708   -10.519 1.00 0.00 ? 18  DG  C C6     1 
ATOM 486  O O6     . DG  B 2 5  ? 7.291   3.848   -10.052 1.00 0.00 ? 18  DG  C O6     1 
ATOM 487  N N1     . DG  B 2 5  ? 7.907   2.385   -11.680 1.00 0.00 ? 18  DG  C N1     1 
ATOM 488  C C2     . DG  B 2 5  ? 7.911   1.137   -12.258 1.00 0.00 ? 18  DG  C C2     1 
ATOM 489  N N2     . DG  B 2 5  ? 8.667   0.955   -13.347 1.00 0.00 ? 18  DG  C N2     1 
ATOM 490  N N3     . DG  B 2 5  ? 7.206   0.100   -11.782 1.00 0.00 ? 18  DG  C N3     1 
ATOM 491  C C4     . DG  B 2 5  ? 6.498   0.417   -10.654 1.00 0.00 ? 18  DG  C C4     1 
ATOM 492  H "H5'"  . DG  B 2 5  ? 1.571   -2.757  -10.651 1.00 0.00 ? 18  DG  C "H5'"  1 
ATOM 493  H "H5''" . DG  B 2 5  ? 1.874   -4.395  -9.995  1.00 0.00 ? 18  DG  C "H5''" 1 
ATOM 494  H "H4'"  . DG  B 2 5  ? 3.726   -3.813  -11.446 1.00 0.00 ? 18  DG  C "H4'"  1 
ATOM 495  H "H3'"  . DG  B 2 5  ? 4.110   -4.253  -8.556  1.00 0.00 ? 18  DG  C "H3'"  1 
ATOM 496  H "H2'"  . DG  B 2 5  ? 5.115   -2.266  -8.218  1.00 0.00 ? 18  DG  C "H2'"  1 
ATOM 497  H "H2''" . DG  B 2 5  ? 6.550   -3.000  -8.941  1.00 0.00 ? 18  DG  C "H2''" 1 
ATOM 498  H "H1'"  . DG  B 2 5  ? 6.010   -2.143  -11.121 1.00 0.00 ? 18  DG  C "H1'"  1 
ATOM 499  H H8     . DG  B 2 5  ? 4.607   -0.076  -8.103  1.00 0.00 ? 18  DG  C H8     1 
ATOM 500  H H1     . DG  B 2 5  ? 8.424   3.128   -12.137 1.00 0.00 ? 18  DG  C H1     1 
ATOM 501  H H21    . DG  B 2 5  ? 9.216   1.724   -13.715 1.00 0.00 ? 18  DG  C H21    1 
ATOM 502  H H22    . DG  B 2 5  ? 8.693   0.053   -13.783 1.00 0.00 ? 18  DG  C H22    1 
ATOM 503  P P      . DC  B 2 6  ? 6.596   -5.694  -9.747  1.00 0.00 ? 19  DC  C P      1 
ATOM 504  O OP1    . DC  B 2 6  ? 6.638   -7.085  -10.246 1.00 0.00 ? 19  DC  C OP1    1 
ATOM 505  O OP2    . DC  B 2 6  ? 6.970   -5.391  -8.345  1.00 0.00 ? 19  DC  C OP2    1 
ATOM 506  O "O5'"  . DC  B 2 6  ? 7.455   -4.769  -10.734 1.00 0.00 ? 19  DC  C "O5'"  1 
ATOM 507  C "C5'"  . DC  B 2 6  ? 7.122   -4.626  -12.106 1.00 0.00 ? 19  DC  C "C5'"  1 
ATOM 508  C "C4'"  . DC  B 2 6  ? 8.338   -4.153  -12.895 1.00 0.00 ? 19  DC  C "C4'"  1 
ATOM 509  O "O4'"  . DC  B 2 6  ? 8.649   -2.801  -12.600 1.00 0.00 ? 19  DC  C "O4'"  1 
ATOM 510  C "C3'"  . DC  B 2 6  ? 9.543   -5.026  -12.549 1.00 0.00 ? 19  DC  C "C3'"  1 
ATOM 511  O "O3'"  . DC  B 2 6  ? 10.160  -5.392  -13.766 1.00 0.00 ? 19  DC  C "O3'"  1 
ATOM 512  C "C2'"  . DC  B 2 6  ? 10.356  -4.124  -11.618 1.00 0.00 ? 19  DC  C "C2'"  1 
ATOM 513  C "C1'"  . DC  B 2 6  ? 9.953   -2.715  -12.053 1.00 0.00 ? 19  DC  C "C1'"  1 
ATOM 514  N N1     . DC  B 2 6  ? 9.900   -1.745  -10.923 1.00 0.00 ? 19  DC  C N1     1 
ATOM 515  C C2     . DC  B 2 6  ? 10.597  -0.541  -11.012 1.00 0.00 ? 19  DC  C C2     1 
ATOM 516  O O2     . DC  B 2 6  ? 11.417  -0.342  -11.905 1.00 0.00 ? 19  DC  C O2     1 
ATOM 517  N N3     . DC  B 2 6  ? 10.343  0.429   -10.085 1.00 0.00 ? 19  DC  C N3     1 
ATOM 518  C C4     . DC  B 2 6  ? 9.438   0.248   -9.118  1.00 0.00 ? 19  DC  C C4     1 
ATOM 519  N N4     . DC  B 2 6  ? 9.141   1.253   -8.305  1.00 0.00 ? 19  DC  C N4     1 
ATOM 520  C C5     . DC  B 2 6  ? 8.738   -0.991  -8.987  1.00 0.00 ? 19  DC  C C5     1 
ATOM 521  C C6     . DC  B 2 6  ? 9.018   -1.955  -9.892  1.00 0.00 ? 19  DC  C C6     1 
ATOM 522  H "H5'"  . DC  B 2 6  ? 6.304   -3.915  -12.230 1.00 0.00 ? 19  DC  C "H5'"  1 
ATOM 523  H "H5''" . DC  B 2 6  ? 6.811   -5.591  -12.506 1.00 0.00 ? 19  DC  C "H5''" 1 
ATOM 524  H "H4'"  . DC  B 2 6  ? 8.115   -4.234  -13.959 1.00 0.00 ? 19  DC  C "H4'"  1 
ATOM 525  H "H3'"  . DC  B 2 6  ? 9.234   -5.926  -12.015 1.00 0.00 ? 19  DC  C "H3'"  1 
ATOM 526  H "H2'"  . DC  B 2 6  ? 10.061  -4.314  -10.587 1.00 0.00 ? 19  DC  C "H2'"  1 
ATOM 527  H "H2''" . DC  B 2 6  ? 11.422  -4.285  -11.703 1.00 0.00 ? 19  DC  C "H2''" 1 
ATOM 528  H "H1'"  . DC  B 2 6  ? 10.637  -2.377  -12.834 1.00 0.00 ? 19  DC  C "H1'"  1 
ATOM 529  H H41    . DC  B 2 6  ? 9.609   2.144   -8.426  1.00 0.00 ? 19  DC  C H41    1 
ATOM 530  H H42    . DC  B 2 6  ? 8.396   1.165   -7.628  1.00 0.00 ? 19  DC  C H42    1 
ATOM 531  H H5     . DC  B 2 6  ? 7.974   -1.168  -8.251  1.00 0.00 ? 19  DC  C H5     1 
ATOM 532  H H6     . DC  B 2 6  ? 8.491   -2.885  -9.830  1.00 0.00 ? 19  DC  C H6     1 
ATOM 533  P P      . DG  B 2 7  ? 11.247  -6.575  -13.846 1.00 0.00 ? 20  DG  C P      1 
ATOM 534  O OP1    . DG  B 2 7  ? 11.433  -6.968  -15.258 1.00 0.00 ? 20  DG  C OP1    1 
ATOM 535  O OP2    . DG  B 2 7  ? 10.941  -7.599  -12.819 1.00 0.00 ? 20  DG  C OP2    1 
ATOM 536  O "O5'"  . DG  B 2 7  ? 12.527  -5.766  -13.368 1.00 0.00 ? 20  DG  C "O5'"  1 
ATOM 537  C "C5'"  . DG  B 2 7  ? 13.081  -4.715  -14.131 1.00 0.00 ? 20  DG  C "C5'"  1 
ATOM 538  C "C4'"  . DG  B 2 7  ? 14.063  -3.953  -13.252 1.00 0.00 ? 20  DG  C "C4'"  1 
ATOM 539  O "O4'"  . DG  B 2 7  ? 13.390  -3.027  -12.438 1.00 0.00 ? 20  DG  C "O4'"  1 
ATOM 540  C "C3'"  . DG  B 2 7  ? 14.884  -4.851  -12.310 1.00 0.00 ? 20  DG  C "C3'"  1 
ATOM 541  O "O3'"  . DG  B 2 7  ? 16.048  -5.208  -13.025 1.00 0.00 ? 20  DG  C "O3'"  1 
ATOM 542  C "C2'"  . DG  B 2 7  ? 14.998  -4.002  -11.040 1.00 0.00 ? 20  DG  C "C2'"  1 
ATOM 543  C "C1'"  . DG  B 2 7  ? 14.306  -2.710  -11.429 1.00 0.00 ? 20  DG  C "C1'"  1 
ATOM 544  N N9     . DG  B 2 7  ? 13.619  -2.107  -10.287 1.00 0.00 ? 20  DG  C N9     1 
ATOM 545  C C8     . DG  B 2 7  ? 12.740  -2.660  -9.397  1.00 0.00 ? 20  DG  C C8     1 
ATOM 546  N N7     . DG  B 2 7  ? 12.407  -1.850  -8.429  1.00 0.00 ? 20  DG  C N7     1 
ATOM 547  C C5     . DG  B 2 7  ? 13.110  -0.682  -8.715  1.00 0.00 ? 20  DG  C C5     1 
ATOM 548  C C6     . DG  B 2 7  ? 13.178  0.565   -8.025  1.00 0.00 ? 20  DG  C C6     1 
ATOM 549  O O6     . DG  B 2 7  ? 12.630  0.890   -6.972  1.00 0.00 ? 20  DG  C O6     1 
ATOM 550  N N1     . DG  B 2 7  ? 14.009  1.479   -8.656  1.00 0.00 ? 20  DG  C N1     1 
ATOM 551  C C2     . DG  B 2 7  ? 14.719  1.229   -9.807  1.00 0.00 ? 20  DG  C C2     1 
ATOM 552  N N2     . DG  B 2 7  ? 15.505  2.192   -10.279 1.00 0.00 ? 20  DG  C N2     1 
ATOM 553  N N3     . DG  B 2 7  ? 14.675  0.062   -10.455 1.00 0.00 ? 20  DG  C N3     1 
ATOM 554  C C4     . DG  B 2 7  ? 13.849  -0.839  -9.856  1.00 0.00 ? 20  DG  C C4     1 
ATOM 555  H "H5'"  . DG  B 2 7  ? 12.303  -4.029  -14.467 1.00 0.00 ? 20  DG  C "H5'"  1 
ATOM 556  H "H5''" . DG  B 2 7  ? 13.606  -5.128  -14.991 1.00 0.00 ? 20  DG  C "H5''" 1 
ATOM 557  H "H4'"  . DG  B 2 7  ? 14.741  -3.383  -13.891 1.00 0.00 ? 20  DG  C "H4'"  1 
ATOM 558  H "H3'"  . DG  B 2 7  ? 14.362  -5.760  -12.021 1.00 0.00 ? 20  DG  C "H3'"  1 
ATOM 559  H "H2'"  . DG  B 2 7  ? 14.467  -4.506  -10.232 1.00 0.00 ? 20  DG  C "H2'"  1 
ATOM 560  H "H2''" . DG  B 2 7  ? 16.009  -3.787  -10.725 1.00 0.00 ? 20  DG  C "H2''" 1 
ATOM 561  H "H1'"  . DG  B 2 7  ? 15.049  -2.016  -11.826 1.00 0.00 ? 20  DG  C "H1'"  1 
ATOM 562  H H8     . DG  B 2 7  ? 12.359  -3.666  -9.479  1.00 0.00 ? 20  DG  C H8     1 
ATOM 563  H H1     . DG  B 2 7  ? 14.115  2.379   -8.212  1.00 0.00 ? 20  DG  C H1     1 
ATOM 564  H H21    . DG  B 2 7  ? 15.547  3.085   -9.804  1.00 0.00 ? 20  DG  C H21    1 
ATOM 565  H H22    . DG  B 2 7  ? 16.060  2.017   -11.098 1.00 0.00 ? 20  DG  C H22    1 
ATOM 566  P P      . DG  B 2 8  ? 17.410  -5.689  -12.331 1.00 0.00 ? 21  DG  C P      1 
ATOM 567  O OP1    . DG  B 2 8  ? 18.287  -6.284  -13.363 1.00 0.00 ? 21  DG  C OP1    1 
ATOM 568  O OP2    . DG  B 2 8  ? 17.102  -6.426  -11.086 1.00 0.00 ? 21  DG  C OP2    1 
ATOM 569  O "O5'"  . DG  B 2 8  ? 17.979  -4.246  -11.950 1.00 0.00 ? 21  DG  C "O5'"  1 
ATOM 570  C "C5'"  . DG  B 2 8  ? 17.997  -3.175  -12.881 1.00 0.00 ? 21  DG  C "C5'"  1 
ATOM 571  C "C4'"  . DG  B 2 8  ? 18.654  -1.973  -12.225 1.00 0.00 ? 21  DG  C "C4'"  1 
ATOM 572  O "O4'"  . DG  B 2 8  ? 17.786  -1.421  -11.252 1.00 0.00 ? 21  DG  C "O4'"  1 
ATOM 573  C "C3'"  . DG  B 2 8  ? 19.955  -2.415  -11.549 1.00 0.00 ? 21  DG  C "C3'"  1 
ATOM 574  O "O3'"  . DG  B 2 8  ? 20.970  -1.557  -12.016 1.00 0.00 ? 21  DG  C "O3'"  1 
ATOM 575  C "C2'"  . DG  B 2 8  ? 19.588  -2.333  -10.070 1.00 0.00 ? 21  DG  C "C2'"  1 
ATOM 576  C "C1'"  . DG  B 2 8  ? 18.511  -1.255  -10.056 1.00 0.00 ? 21  DG  C "C1'"  1 
ATOM 577  N N9     . DG  B 2 8  ? 17.572  -1.389  -8.930  1.00 0.00 ? 21  DG  C N9     1 
ATOM 578  C C8     . DG  B 2 8  ? 16.927  -2.515  -8.464  1.00 0.00 ? 21  DG  C C8     1 
ATOM 579  N N7     . DG  B 2 8  ? 16.128  -2.295  -7.466  1.00 0.00 ? 21  DG  C N7     1 
ATOM 580  C C5     . DG  B 2 8  ? 16.285  -0.938  -7.223  1.00 0.00 ? 21  DG  C C5     1 
ATOM 581  C C6     . DG  B 2 8  ? 15.732  -0.132  -6.192  1.00 0.00 ? 21  DG  C C6     1 
ATOM 582  O O6     . DG  B 2 8  ? 14.982  -0.487  -5.305  1.00 0.00 ? 21  DG  C O6     1 
ATOM 583  N N1     . DG  B 2 8  ? 16.142  1.194   -6.260  1.00 0.00 ? 21  DG  C N1     1 
ATOM 584  C C2     . DG  B 2 8  ? 17.006  1.692   -7.209  1.00 0.00 ? 21  DG  C C2     1 
ATOM 585  N N2     . DG  B 2 8  ? 17.281  2.992   -7.132  1.00 0.00 ? 21  DG  C N2     1 
ATOM 586  N N3     . DG  B 2 8  ? 17.563  0.934   -8.165  1.00 0.00 ? 21  DG  C N3     1 
ATOM 587  C C4     . DG  B 2 8  ? 17.163  -0.369  -8.119  1.00 0.00 ? 21  DG  C C4     1 
ATOM 588  H "H5'"  . DG  B 2 8  ? 16.985  -2.898  -13.177 1.00 0.00 ? 21  DG  C "H5'"  1 
ATOM 589  H "H5''" . DG  B 2 8  ? 18.574  -3.460  -13.760 1.00 0.00 ? 21  DG  C "H5''" 1 
ATOM 590  H "H4'"  . DG  B 2 8  ? 18.856  -1.210  -12.978 1.00 0.00 ? 21  DG  C "H4'"  1 
ATOM 591  H "H3'"  . DG  B 2 8  ? 20.232  -3.439  -11.800 1.00 0.00 ? 21  DG  C "H3'"  1 
ATOM 592  H "H2'"  . DG  B 2 8  ? 19.177  -3.290  -9.748  1.00 0.00 ? 21  DG  C "H2'"  1 
ATOM 593  H "H2''" . DG  B 2 8  ? 20.434  -2.080  -9.449  1.00 0.00 ? 21  DG  C "H2''" 1 
ATOM 594  H "H1'"  . DG  B 2 8  ? 18.981  -0.270  -10.044 1.00 0.00 ? 21  DG  C "H1'"  1 
ATOM 595  H H8     . DG  B 2 8  ? 17.064  -3.495  -8.892  1.00 0.00 ? 21  DG  C H8     1 
ATOM 596  H H1     . DG  B 2 8  ? 15.778  1.821   -5.560  1.00 0.00 ? 21  DG  C H1     1 
ATOM 597  H H21    . DG  B 2 8  ? 16.838  3.562   -6.422  1.00 0.00 ? 21  DG  C H21    1 
ATOM 598  H H22    . DG  B 2 8  ? 17.931  3.404   -7.784  1.00 0.00 ? 21  DG  C H22    1 
ATOM 599  P P      . DC  B 2 9  ? 22.459  -1.558  -11.421 1.00 0.00 ? 22  DC  C P      1 
ATOM 600  O OP1    . DC  B 2 9  ? 23.393  -1.111  -12.478 1.00 0.00 ? 22  DC  C OP1    1 
ATOM 601  O OP2    . DC  B 2 9  ? 22.708  -2.815  -10.681 1.00 0.00 ? 22  DC  C OP2    1 
ATOM 602  O "O5'"  . DC  B 2 9  ? 22.248  -0.368  -10.375 1.00 0.00 ? 22  DC  C "O5'"  1 
ATOM 603  C "C5'"  . DC  B 2 9  ? 21.855  0.920   -10.819 1.00 0.00 ? 22  DC  C "C5'"  1 
ATOM 604  C "C4'"  . DC  B 2 9  ? 21.842  1.886   -9.646  1.00 0.00 ? 22  DC  C "C4'"  1 
ATOM 605  O "O4'"  . DC  B 2 9  ? 20.779  1.542   -8.782  1.00 0.00 ? 22  DC  C "O4'"  1 
ATOM 606  C "C3'"  . DC  B 2 9  ? 23.167  1.824   -8.884  1.00 0.00 ? 22  DC  C "C3'"  1 
ATOM 607  O "O3'"  . DC  B 2 9  ? 23.793  3.086   -8.982  1.00 0.00 ? 22  DC  C "O3'"  1 
ATOM 608  C "C2'"  . DC  B 2 9  ? 22.745  1.387   -7.485  1.00 0.00 ? 22  DC  C "C2'"  1 
ATOM 609  C "C1'"  . DC  B 2 9  ? 21.236  1.584   -7.451  1.00 0.00 ? 22  DC  C "C1'"  1 
ATOM 610  N N1     . DC  B 2 9  ? 20.543  0.501   -6.705  1.00 0.00 ? 22  DC  C N1     1 
ATOM 611  C C2     . DC  B 2 9  ? 19.709  0.833   -5.646  1.00 0.00 ? 22  DC  C C2     1 
ATOM 612  O O2     . DC  B 2 9  ? 19.650  1.983   -5.218  1.00 0.00 ? 22  DC  C O2     1 
ATOM 613  N N3     . DC  B 2 9  ? 18.944  -0.148  -5.089  1.00 0.00 ? 22  DC  C N3     1 
ATOM 614  C C4     . DC  B 2 9  ? 18.996  -1.410  -5.525  1.00 0.00 ? 22  DC  C C4     1 
ATOM 615  N N4     . DC  B 2 9  ? 18.161  -2.295  -5.002  1.00 0.00 ? 22  DC  C N4     1 
ATOM 616  C C5     . DC  B 2 9  ? 19.889  -1.791  -6.583  1.00 0.00 ? 22  DC  C C5     1 
ATOM 617  C C6     . DC  B 2 9  ? 20.642  -0.803  -7.129  1.00 0.00 ? 22  DC  C C6     1 
ATOM 618  H "H5'"  . DC  B 2 9  ? 20.858  0.879   -11.259 1.00 0.00 ? 22  DC  C "H5'"  1 
ATOM 619  H "H5''" . DC  B 2 9  ? 22.566  1.280   -11.563 1.00 0.00 ? 22  DC  C "H5''" 1 
ATOM 620  H "H4'"  . DC  B 2 9  ? 21.672  2.898   -10.013 1.00 0.00 ? 22  DC  C "H4'"  1 
ATOM 621  H "H3'"  . DC  B 2 9  ? 23.840  1.073   -9.299  1.00 0.00 ? 22  DC  C "H3'"  1 
ATOM 622  H "H2'"  . DC  B 2 9  ? 23.016  0.341   -7.355  1.00 0.00 ? 22  DC  C "H2'"  1 
ATOM 623  H "H2''" . DC  B 2 9  ? 23.206  1.979   -6.707  1.00 0.00 ? 22  DC  C "H2''" 1 
ATOM 624  H "H1'"  . DC  B 2 9  ? 21.017  2.568   -7.033  1.00 0.00 ? 22  DC  C "H1'"  1 
ATOM 625  H H41    . DC  B 2 9  ? 17.529  -1.976  -4.275  1.00 0.00 ? 22  DC  C H41    1 
ATOM 626  H H42    . DC  B 2 9  ? 18.080  -3.223  -5.386  1.00 0.00 ? 22  DC  C H42    1 
ATOM 627  H H5     . DC  B 2 9  ? 19.967  -2.798  -6.953  1.00 0.00 ? 22  DC  C H5     1 
ATOM 628  H H6     . DC  B 2 9  ? 21.333  -1.034  -7.921  1.00 0.00 ? 22  DC  C H6     1 
ATOM 629  P P      . DT  B 2 10 ? 25.181  3.424   -8.239  1.00 0.00 ? 23  DT  C P      1 
ATOM 630  O OP1    . DT  B 2 10 ? 25.833  4.555   -8.936  1.00 0.00 ? 23  DT  C OP1    1 
ATOM 631  O OP2    . DT  B 2 10 ? 25.926  2.170   -7.990  1.00 0.00 ? 23  DT  C OP2    1 
ATOM 632  O "O5'"  . DT  B 2 10 ? 24.600  3.948   -6.847  1.00 0.00 ? 23  DT  C "O5'"  1 
ATOM 633  C "C5'"  . DT  B 2 10 ? 23.650  4.995   -6.783  1.00 0.00 ? 23  DT  C "C5'"  1 
ATOM 634  C "C4'"  . DT  B 2 10 ? 23.232  5.187   -5.332  1.00 0.00 ? 23  DT  C "C4'"  1 
ATOM 635  O "O4'"  . DT  B 2 10 ? 22.416  4.102   -4.918  1.00 0.00 ? 23  DT  C "O4'"  1 
ATOM 636  C "C3'"  . DT  B 2 10 ? 24.462  5.270   -4.417  1.00 0.00 ? 23  DT  C "C3'"  1 
ATOM 637  O "O3'"  . DT  B 2 10 ? 24.372  6.509   -3.742  1.00 0.00 ? 23  DT  C "O3'"  1 
ATOM 638  C "C2'"  . DT  B 2 10 ? 24.332  3.967   -3.622  1.00 0.00 ? 23  DT  C "C2'"  1 
ATOM 639  C "C1'"  . DT  B 2 10 ? 22.832  3.703   -3.632  1.00 0.00 ? 23  DT  C "C1'"  1 
ATOM 640  N N1     . DT  B 2 10 ? 22.457  2.276   -3.413  1.00 0.00 ? 23  DT  C N1     1 
ATOM 641  C C2     . DT  B 2 10 ? 21.398  2.000   -2.555  1.00 0.00 ? 23  DT  C C2     1 
ATOM 642  O O2     . DT  B 2 10 ? 20.835  2.841   -1.857  1.00 0.00 ? 23  DT  C O2     1 
ATOM 643  N N3     . DT  B 2 10 ? 20.986  0.673   -2.516  1.00 0.00 ? 23  DT  C N3     1 
ATOM 644  C C4     . DT  B 2 10 ? 21.551  -0.391  -3.202  1.00 0.00 ? 23  DT  C C4     1 
ATOM 645  O O4     . DT  B 2 10 ? 21.107  -1.523  -3.093  1.00 0.00 ? 23  DT  C O4     1 
ATOM 646  C C5     . DT  B 2 10 ? 22.668  -0.023  -4.046  1.00 0.00 ? 23  DT  C C5     1 
ATOM 647  C C7     . DT  B 2 10 ? 23.336  -1.101  -4.871  1.00 0.00 ? 23  DT  C C7     1 
ATOM 648  C C6     . DT  B 2 10 ? 23.080  1.266   -4.119  1.00 0.00 ? 23  DT  C C6     1 
ATOM 649  H "H5'"  . DT  B 2 10 ? 22.764  4.749   -7.372  1.00 0.00 ? 23  DT  C "H5'"  1 
ATOM 650  H "H5''" . DT  B 2 10 ? 24.093  5.917   -7.156  1.00 0.00 ? 23  DT  C "H5''" 1 
ATOM 651  H "H4'"  . DT  B 2 10 ? 22.645  6.103   -5.248  1.00 0.00 ? 23  DT  C "H4'"  1 
ATOM 652  H "H3'"  . DT  B 2 10 ? 25.401  5.254   -4.970  1.00 0.00 ? 23  DT  C "H3'"  1 
ATOM 653  H "H2'"  . DT  B 2 10 ? 24.876  3.197   -4.163  1.00 0.00 ? 23  DT  C "H2'"  1 
ATOM 654  H "H2''" . DT  B 2 10 ? 24.729  4.015   -2.618  1.00 0.00 ? 23  DT  C "H2''" 1 
ATOM 655  H "H1'"  . DT  B 2 10 ? 22.359  4.344   -2.888  1.00 0.00 ? 23  DT  C "H1'"  1 
ATOM 656  H H3     . DT  B 2 10 ? 20.195  0.472   -1.931  1.00 0.00 ? 23  DT  C H3     1 
ATOM 657  H H71    . DT  B 2 10 ? 24.154  -0.686  -5.459  1.00 0.00 ? 23  DT  C H71    1 
ATOM 658  H H72    . DT  B 2 10 ? 23.712  -1.881  -4.211  1.00 0.00 ? 23  DT  C H72    1 
ATOM 659  H H73    . DT  B 2 10 ? 22.603  -1.545  -5.542  1.00 0.00 ? 23  DT  C H73    1 
ATOM 660  H H6     . DT  B 2 10 ? 23.900  1.491   -4.776  1.00 0.00 ? 23  DT  C H6     1 
ATOM 661  P P      . DA  B 2 11 ? 25.052  6.808   -2.325  1.00 0.00 ? 24  DA  C P      1 
ATOM 662  O OP1    . DA  B 2 11 ? 25.142  8.269   -2.119  1.00 0.00 ? 24  DA  C OP1    1 
ATOM 663  O OP2    . DA  B 2 11 ? 26.246  5.952   -2.134  1.00 0.00 ? 24  DA  C OP2    1 
ATOM 664  O "O5'"  . DA  B 2 11 ? 23.839  6.227   -1.459  1.00 0.00 ? 24  DA  C "O5'"  1 
ATOM 665  C "C5'"  . DA  B 2 11 ? 22.580  6.869   -1.404  1.00 0.00 ? 24  DA  C "C5'"  1 
ATOM 666  C "C4'"  . DA  B 2 11 ? 22.063  6.878   0.035   1.00 0.00 ? 24  DA  C "C4'"  1 
ATOM 667  O "O4'"  . DA  B 2 11 ? 21.612  5.585   0.394   1.00 0.00 ? 24  DA  C "O4'"  1 
ATOM 668  C "C3'"  . DA  B 2 11 ? 23.145  7.290   1.046   1.00 0.00 ? 24  DA  C "C3'"  1 
ATOM 669  O "O3'"  . DA  B 2 11 ? 22.498  8.025   2.073   1.00 0.00 ? 24  DA  C "O3'"  1 
ATOM 670  C "C2'"  . DA  B 2 11 ? 23.742  5.931   1.432   1.00 0.00 ? 24  DA  C "C2'"  1 
ATOM 671  C "C1'"  . DA  B 2 11 ? 22.563  4.982   1.249   1.00 0.00 ? 24  DA  C "C1'"  1 
ATOM 672  N N9     . DA  B 2 11 ? 22.954  3.681   0.694   1.00 0.00 ? 24  DA  C N9     1 
ATOM 673  C C8     . DA  B 2 11 ? 24.002  3.344   -0.137  1.00 0.00 ? 24  DA  C C8     1 
ATOM 674  N N7     . DA  B 2 11 ? 24.082  2.085   -0.422  1.00 0.00 ? 24  DA  C N7     1 
ATOM 675  C C5     . DA  B 2 11 ? 23.039  1.539   0.309   1.00 0.00 ? 24  DA  C C5     1 
ATOM 676  C C6     . DA  B 2 11 ? 22.594  0.223   0.486   1.00 0.00 ? 24  DA  C C6     1 
ATOM 677  N N6     . DA  B 2 11 ? 23.169  -0.798  -0.139  1.00 0.00 ? 24  DA  C N6     1 
ATOM 678  N N1     . DA  B 2 11 ? 21.577  0.000   1.336   1.00 0.00 ? 24  DA  C N1     1 
ATOM 679  C C2     . DA  B 2 11 ? 21.003  1.022   1.963   1.00 0.00 ? 24  DA  C C2     1 
ATOM 680  N N3     . DA  B 2 11 ? 21.300  2.312   1.853   1.00 0.00 ? 24  DA  C N3     1 
ATOM 681  C C4     . DA  B 2 11 ? 22.348  2.501   1.001   1.00 0.00 ? 24  DA  C C4     1 
ATOM 682  H "H5'"  . DA  B 2 11 ? 21.871  6.354   -2.054  1.00 0.00 ? 24  DA  C "H5'"  1 
ATOM 683  H "H5''" . DA  B 2 11 ? 22.671  7.902   -1.737  1.00 0.00 ? 24  DA  C "H5''" 1 
ATOM 684  H "H4'"  . DA  B 2 11 ? 21.219  7.565   0.085   1.00 0.00 ? 24  DA  C "H4'"  1 
ATOM 685  H "H3'"  . DA  B 2 11 ? 23.909  7.916   0.584   1.00 0.00 ? 24  DA  C "H3'"  1 
ATOM 686  H "H2'"  . DA  B 2 11 ? 24.567  5.701   0.766   1.00 0.00 ? 24  DA  C "H2'"  1 
ATOM 687  H "H2''" . DA  B 2 11 ? 24.140  5.870   2.435   1.00 0.00 ? 24  DA  C "H2''" 1 
ATOM 688  H "H1'"  . DA  B 2 11 ? 22.092  4.819   2.219   1.00 0.00 ? 24  DA  C "H1'"  1 
ATOM 689  H H8     . DA  B 2 11 ? 24.701  4.062   -0.532  1.00 0.00 ? 24  DA  C H8     1 
ATOM 690  H H61    . DA  B 2 11 ? 22.816  -1.734  0.004   1.00 0.00 ? 24  DA  C H61    1 
ATOM 691  H H62    . DA  B 2 11 ? 23.955  -0.633  -0.748  1.00 0.00 ? 24  DA  C H62    1 
ATOM 692  H H2     . DA  B 2 11 ? 20.191  0.776   2.631   1.00 0.00 ? 24  DA  C H2     1 
ATOM 693  N N      . LYS C 3 1  ? 0.699   -14.378 -3.774  1.00 0.00 ? 144 LYS A N      1 
ATOM 694  C CA     . LYS C 3 1  ? 0.008   -13.203 -4.347  1.00 0.00 ? 144 LYS A CA     1 
ATOM 695  C C      . LYS C 3 1  ? 0.893   -11.953 -4.302  1.00 0.00 ? 144 LYS A C      1 
ATOM 696  O O      . LYS C 3 1  ? 1.767   -11.838 -3.443  1.00 0.00 ? 144 LYS A O      1 
ATOM 697  C CB     . LYS C 3 1  ? -1.327  -12.932 -3.627  1.00 0.00 ? 144 LYS A CB     1 
ATOM 698  C CG     . LYS C 3 1  ? -2.346  -14.059 -3.865  1.00 0.00 ? 144 LYS A CG     1 
ATOM 699  C CD     . LYS C 3 1  ? -3.740  -13.760 -3.291  1.00 0.00 ? 144 LYS A CD     1 
ATOM 700  C CE     . LYS C 3 1  ? -4.393  -12.548 -3.968  1.00 0.00 ? 144 LYS A CE     1 
ATOM 701  N NZ     . LYS C 3 1  ? -5.861  -12.572 -3.831  1.00 0.00 ? 144 LYS A NZ     1 
ATOM 702  H H1     . LYS C 3 1  ? 1.579   -14.520 -4.249  1.00 0.00 ? 144 LYS A H1     1 
ATOM 703  H H2     . LYS C 3 1  ? 0.877   -14.214 -2.792  1.00 0.00 ? 144 LYS A H2     1 
ATOM 704  H H3     . LYS C 3 1  ? 0.121   -15.199 -3.880  1.00 0.00 ? 144 LYS A H3     1 
ATOM 705  H HA     . LYS C 3 1  ? -0.212  -13.418 -5.394  1.00 0.00 ? 144 LYS A HA     1 
ATOM 706  H HB2    . LYS C 3 1  ? -1.149  -12.818 -2.555  1.00 0.00 ? 144 LYS A HB2    1 
ATOM 707  H HB3    . LYS C 3 1  ? -1.739  -11.998 -4.008  1.00 0.00 ? 144 LYS A HB3    1 
ATOM 708  H HG2    . LYS C 3 1  ? -2.442  -14.236 -4.938  1.00 0.00 ? 144 LYS A HG2    1 
ATOM 709  H HG3    . LYS C 3 1  ? -1.982  -14.977 -3.401  1.00 0.00 ? 144 LYS A HG3    1 
ATOM 710  H HD2    . LYS C 3 1  ? -4.363  -14.641 -3.457  1.00 0.00 ? 144 LYS A HD2    1 
ATOM 711  H HD3    . LYS C 3 1  ? -3.671  -13.586 -2.216  1.00 0.00 ? 144 LYS A HD3    1 
ATOM 712  H HE2    . LYS C 3 1  ? -4.000  -11.633 -3.523  1.00 0.00 ? 144 LYS A HE2    1 
ATOM 713  H HE3    . LYS C 3 1  ? -4.142  -12.557 -5.029  1.00 0.00 ? 144 LYS A HE3    1 
ATOM 714  H HZ1    . LYS C 3 1  ? -6.221  -13.431 -4.224  1.00 0.00 ? 144 LYS A HZ1    1 
ATOM 715  H HZ2    . LYS C 3 1  ? -6.118  -12.518 -2.855  1.00 0.00 ? 144 LYS A HZ2    1 
ATOM 716  H HZ3    . LYS C 3 1  ? -6.262  -11.788 -4.328  1.00 0.00 ? 144 LYS A HZ3    1 
ATOM 717  N N      . HIS C 3 2  ? 0.623   -11.007 -5.214  1.00 0.00 ? 145 HIS A N      1 
ATOM 718  C CA     . HIS C 3 2  ? 1.092   -9.625  -5.134  1.00 0.00 ? 145 HIS A CA     1 
ATOM 719  C C      . HIS C 3 2  ? -0.065  -8.714  -4.713  1.00 0.00 ? 145 HIS A C      1 
ATOM 720  O O      . HIS C 3 2  ? -1.218  -9.148  -4.638  1.00 0.00 ? 145 HIS A O      1 
ATOM 721  C CB     . HIS C 3 2  ? 1.717   -9.183  -6.469  1.00 0.00 ? 145 HIS A CB     1 
ATOM 722  C CG     . HIS C 3 2  ? 0.766   -9.184  -7.636  1.00 0.00 ? 145 HIS A CG     1 
ATOM 723  N ND1    . HIS C 3 2  ? 0.723   -10.135 -8.636  1.00 0.00 ? 145 HIS A ND1    1 
ATOM 724  C CD2    . HIS C 3 2  ? -0.191  -8.244  -7.920  1.00 0.00 ? 145 HIS A CD2    1 
ATOM 725  C CE1    . HIS C 3 2  ? -0.243  -9.771  -9.492  1.00 0.00 ? 145 HIS A CE1    1 
ATOM 726  N NE2    . HIS C 3 2  ? -0.834  -8.632  -9.099  1.00 0.00 ? 145 HIS A NE2    1 
ATOM 727  H H      . HIS C 3 2  ? -0.123  -11.171 -5.874  1.00 0.00 ? 145 HIS A H      1 
ATOM 728  H HA     . HIS C 3 2  ? 1.866   -9.549  -4.369  1.00 0.00 ? 145 HIS A HA     1 
ATOM 729  H HB2    . HIS C 3 2  ? 2.122   -8.176  -6.353  1.00 0.00 ? 145 HIS A HB2    1 
ATOM 730  H HB3    . HIS C 3 2  ? 2.555   -9.843  -6.694  1.00 0.00 ? 145 HIS A HB3    1 
ATOM 731  H HD1    . HIS C 3 2  ? 1.327   -10.940 -8.715  1.00 0.00 ? 145 HIS A HD1    1 
ATOM 732  H HD2    . HIS C 3 2  ? -0.411  -7.358  -7.340  1.00 0.00 ? 145 HIS A HD2    1 
ATOM 733  H HE1    . HIS C 3 2  ? -0.508  -10.319 -10.388 1.00 0.00 ? 145 HIS A HE1    1 
ATOM 734  N N      . TYR C 3 3  ? 0.255   -7.448  -4.424  1.00 0.00 ? 146 TYR A N      1 
ATOM 735  C CA     . TYR C 3 3  ? -0.679  -6.492  -3.854  1.00 0.00 ? 146 TYR A CA     1 
ATOM 736  C C      . TYR C 3 3  ? -0.355  -5.060  -4.303  1.00 0.00 ? 146 TYR A C      1 
ATOM 737  O O      . TYR C 3 3  ? 0.744   -4.767  -4.765  1.00 0.00 ? 146 TYR A O      1 
ATOM 738  C CB     . TYR C 3 3  ? -0.612  -6.614  -2.328  1.00 0.00 ? 146 TYR A CB     1 
ATOM 739  C CG     . TYR C 3 3  ? -1.166  -7.895  -1.730  1.00 0.00 ? 146 TYR A CG     1 
ATOM 740  C CD1    . TYR C 3 3  ? -2.556  -8.075  -1.620  1.00 0.00 ? 146 TYR A CD1    1 
ATOM 741  C CD2    . TYR C 3 3  ? -0.292  -8.875  -1.219  1.00 0.00 ? 146 TYR A CD2    1 
ATOM 742  C CE1    . TYR C 3 3  ? -3.079  -9.231  -1.019  1.00 0.00 ? 146 TYR A CE1    1 
ATOM 743  C CE2    . TYR C 3 3  ? -0.804  -10.040 -0.620  1.00 0.00 ? 146 TYR A CE2    1 
ATOM 744  C CZ     . TYR C 3 3  ? -2.203  -10.228 -0.531  1.00 0.00 ? 146 TYR A CZ     1 
ATOM 745  O OH     . TYR C 3 3  ? -2.708  -11.369 0.015   1.00 0.00 ? 146 TYR A OH     1 
ATOM 746  H H      . TYR C 3 3  ? 1.209   -7.133  -4.551  1.00 0.00 ? 146 TYR A H      1 
ATOM 747  H HA     . TYR C 3 3  ? -1.693  -6.723  -4.182  1.00 0.00 ? 146 TYR A HA     1 
ATOM 748  H HB2    . TYR C 3 3  ? 0.422   -6.534  -2.015  1.00 0.00 ? 146 TYR A HB2    1 
ATOM 749  H HB3    . TYR C 3 3  ? -1.137  -5.770  -1.888  1.00 0.00 ? 146 TYR A HB3    1 
ATOM 750  H HD1    . TYR C 3 3  ? -3.232  -7.322  -1.993  1.00 0.00 ? 146 TYR A HD1    1 
ATOM 751  H HD2    . TYR C 3 3  ? 0.778   -8.736  -1.279  1.00 0.00 ? 146 TYR A HD2    1 
ATOM 752  H HE1    . TYR C 3 3  ? -4.148  -9.345  -0.925  1.00 0.00 ? 146 TYR A HE1    1 
ATOM 753  H HE2    . TYR C 3 3  ? -0.133  -10.789 -0.227  1.00 0.00 ? 146 TYR A HE2    1 
ATOM 754  H HH     . TYR C 3 3  ? -3.663  -11.421 -0.056  1.00 0.00 ? 146 TYR A HH     1 
ATOM 755  N N      . ARG C 3 4  ? -1.346  -4.181  -4.129  1.00 0.00 ? 147 ARG A N      1 
ATOM 756  C CA     . ARG C 3 4  ? -1.320  -2.762  -4.457  1.00 0.00 ? 147 ARG A CA     1 
ATOM 757  C C      . ARG C 3 4  ? -0.378  -2.033  -3.498  1.00 0.00 ? 147 ARG A C      1 
ATOM 758  O O      . ARG C 3 4  ? -0.470  -2.194  -2.282  1.00 0.00 ? 147 ARG A O      1 
ATOM 759  C CB     . ARG C 3 4  ? -2.750  -2.188  -4.448  1.00 0.00 ? 147 ARG A CB     1 
ATOM 760  C CG     . ARG C 3 4  ? -3.709  -3.063  -5.290  1.00 0.00 ? 147 ARG A CG     1 
ATOM 761  C CD     . ARG C 3 4  ? -5.052  -2.414  -5.633  1.00 0.00 ? 147 ARG A CD     1 
ATOM 762  N NE     . ARG C 3 4  ? -4.846  -1.416  -6.681  1.00 0.00 ? 147 ARG A NE     1 
ATOM 763  C CZ     . ARG C 3 4  ? -4.591  -0.121  -6.486  1.00 0.00 ? 147 ARG A CZ     1 
ATOM 764  N NH1    . ARG C 3 4  ? -4.972  0.565   -5.415  1.00 0.00 ? 147 ARG A NH1    1 
ATOM 765  N NH2    . ARG C 3 4  ? -3.871  0.500   -7.395  1.00 0.00 ? 147 ARG A NH2    1 
ATOM 766  H H      . ARG C 3 4  ? -2.208  -4.522  -3.728  1.00 0.00 ? 147 ARG A H      1 
ATOM 767  H HA     . ARG C 3 4  ? -0.936  -2.664  -5.471  1.00 0.00 ? 147 ARG A HA     1 
ATOM 768  H HB2    . ARG C 3 4  ? -3.127  -2.118  -3.428  1.00 0.00 ? 147 ARG A HB2    1 
ATOM 769  H HB3    . ARG C 3 4  ? -2.699  -1.181  -4.861  1.00 0.00 ? 147 ARG A HB3    1 
ATOM 770  H HG2    . ARG C 3 4  ? -3.211  -3.334  -6.224  1.00 0.00 ? 147 ARG A HG2    1 
ATOM 771  H HG3    . ARG C 3 4  ? -3.921  -3.985  -4.755  1.00 0.00 ? 147 ARG A HG3    1 
ATOM 772  H HD2    . ARG C 3 4  ? -5.715  -3.185  -6.030  1.00 0.00 ? 147 ARG A HD2    1 
ATOM 773  H HD3    . ARG C 3 4  ? -5.512  -1.981  -4.744  1.00 0.00 ? 147 ARG A HD3    1 
ATOM 774  H HE     . ARG C 3 4  ? -4.595  -1.788  -7.585  1.00 0.00 ? 147 ARG A HE     1 
ATOM 775  H HH11   . ARG C 3 4  ? -5.564  0.143   -4.713  1.00 0.00 ? 147 ARG A HH11   1 
ATOM 776  H HH12   . ARG C 3 4  ? -4.682  1.527   -5.308  1.00 0.00 ? 147 ARG A HH12   1 
ATOM 777  H HH21   . ARG C 3 4  ? -3.437  -0.039  -8.128  1.00 0.00 ? 147 ARG A HH21   1 
ATOM 778  H HH22   . ARG C 3 4  ? -3.528  1.432   -7.192  1.00 0.00 ? 147 ARG A HH22   1 
ATOM 779  N N      . GLY C 3 5  ? 0.568   -1.284  -4.068  1.00 0.00 ? 148 GLY A N      1 
ATOM 780  C CA     . GLY C 3 5  ? 1.737   -0.708  -3.432  1.00 0.00 ? 148 GLY A CA     1 
ATOM 781  C C      . GLY C 3 5  ? 2.908   -1.672  -3.220  1.00 0.00 ? 148 GLY A C      1 
ATOM 782  O O      . GLY C 3 5  ? 4.019   -1.200  -2.993  1.00 0.00 ? 148 GLY A O      1 
ATOM 783  H H      . GLY C 3 5  ? 0.568   -1.240  -5.079  1.00 0.00 ? 148 GLY A H      1 
ATOM 784  H HA2    . GLY C 3 5  ? 2.087   0.123   -4.042  1.00 0.00 ? 148 GLY A HA2    1 
ATOM 785  H HA3    . GLY C 3 5  ? 1.450   -0.336  -2.450  1.00 0.00 ? 148 GLY A HA3    1 
ATOM 786  N N      . VAL C 3 6  ? 2.669   -2.990  -3.255  1.00 0.00 ? 149 VAL A N      1 
ATOM 787  C CA     . VAL C 3 6  ? 3.561   -3.960  -2.627  1.00 0.00 ? 149 VAL A CA     1 
ATOM 788  C C      . VAL C 3 6  ? 4.557   -4.535  -3.610  1.00 0.00 ? 149 VAL A C      1 
ATOM 789  O O      . VAL C 3 6  ? 4.205   -5.026  -4.683  1.00 0.00 ? 149 VAL A O      1 
ATOM 790  C CB     . VAL C 3 6  ? 2.788   -5.074  -1.922  1.00 0.00 ? 149 VAL A CB     1 
ATOM 791  C CG1    . VAL C 3 6  ? 3.719   -6.088  -1.244  1.00 0.00 ? 149 VAL A CG1    1 
ATOM 792  C CG2    . VAL C 3 6  ? 1.905   -4.454  -0.841  1.00 0.00 ? 149 VAL A CG2    1 
ATOM 793  H H      . VAL C 3 6  ? 1.763   -3.324  -3.547  1.00 0.00 ? 149 VAL A H      1 
ATOM 794  H HA     . VAL C 3 6  ? 4.110   -3.427  -1.858  1.00 0.00 ? 149 VAL A HA     1 
ATOM 795  H HB     . VAL C 3 6  ? 2.187   -5.601  -2.656  1.00 0.00 ? 149 VAL A HB     1 
ATOM 796  H HG11   . VAL C 3 6  ? 4.400   -5.553  -0.585  1.00 0.00 ? 149 VAL A HG11   1 
ATOM 797  H HG12   . VAL C 3 6  ? 3.142   -6.810  -0.664  1.00 0.00 ? 149 VAL A HG12   1 
ATOM 798  H HG13   . VAL C 3 6  ? 4.288   -6.636  -1.992  1.00 0.00 ? 149 VAL A HG13   1 
ATOM 799  H HG21   . VAL C 3 6  ? 2.471   -3.735  -0.247  1.00 0.00 ? 149 VAL A HG21   1 
ATOM 800  H HG22   . VAL C 3 6  ? 1.049   -3.959  -1.292  1.00 0.00 ? 149 VAL A HG22   1 
ATOM 801  H HG23   . VAL C 3 6  ? 1.553   -5.245  -0.192  1.00 0.00 ? 149 VAL A HG23   1 
ATOM 802  N N      . ARG C 3 7  ? 5.819   -4.478  -3.182  1.00 0.00 ? 150 ARG A N      1 
ATOM 803  C CA     . ARG C 3 7  ? 6.973   -4.707  -4.010  1.00 0.00 ? 150 ARG A CA     1 
ATOM 804  C C      . ARG C 3 7  ? 7.953   -5.601  -3.270  1.00 0.00 ? 150 ARG A C      1 
ATOM 805  O O      . ARG C 3 7  ? 8.590   -5.174  -2.303  1.00 0.00 ? 150 ARG A O      1 
ATOM 806  C CB     . ARG C 3 7  ? 7.610   -3.362  -4.336  1.00 0.00 ? 150 ARG A CB     1 
ATOM 807  C CG     . ARG C 3 7  ? 6.701   -2.430  -5.166  1.00 0.00 ? 150 ARG A CG     1 
ATOM 808  C CD     . ARG C 3 7  ? 7.394   -1.083  -5.383  1.00 0.00 ? 150 ARG A CD     1 
ATOM 809  N NE     . ARG C 3 7  ? 8.747   -1.331  -5.876  1.00 0.00 ? 150 ARG A NE     1 
ATOM 810  C CZ     . ARG C 3 7  ? 9.843   -0.595  -5.734  1.00 0.00 ? 150 ARG A CZ     1 
ATOM 811  N NH1    . ARG C 3 7  ? 9.832   0.667   -5.317  1.00 0.00 ? 150 ARG A NH1    1 
ATOM 812  N NH2    . ARG C 3 7  ? 10.992  -1.164  -6.050  1.00 0.00 ? 150 ARG A NH2    1 
ATOM 813  H H      . ARG C 3 7  ? 5.990   -4.071  -2.271  1.00 0.00 ? 150 ARG A H      1 
ATOM 814  H HA     . ARG C 3 7  ? 6.682   -5.190  -4.944  1.00 0.00 ? 150 ARG A HA     1 
ATOM 815  H HB2    . ARG C 3 7  ? 7.884   -2.853  -3.410  1.00 0.00 ? 150 ARG A HB2    1 
ATOM 816  H HB3    . ARG C 3 7  ? 8.522   -3.589  -4.890  1.00 0.00 ? 150 ARG A HB3    1 
ATOM 817  H HG2    . ARG C 3 7  ? 6.488   -2.896  -6.128  1.00 0.00 ? 150 ARG A HG2    1 
ATOM 818  H HG3    . ARG C 3 7  ? 5.762   -2.248  -4.649  1.00 0.00 ? 150 ARG A HG3    1 
ATOM 819  H HD2    . ARG C 3 7  ? 6.832   -0.492  -6.107  1.00 0.00 ? 150 ARG A HD2    1 
ATOM 820  H HD3    . ARG C 3 7  ? 7.439   -0.550  -4.433  1.00 0.00 ? 150 ARG A HD3    1 
ATOM 821  H HE     . ARG C 3 7  ? 8.886   -2.255  -6.257  1.00 0.00 ? 150 ARG A HE     1 
ATOM 822  H HH11   . ARG C 3 7  ? 8.951   1.116   -5.099  1.00 0.00 ? 150 ARG A HH11   1 
ATOM 823  H HH12   . ARG C 3 7  ? 10.687  1.201   -5.329  1.00 0.00 ? 150 ARG A HH12   1 
ATOM 824  H HH21   . ARG C 3 7  ? 10.999  -2.066  -6.503  1.00 0.00 ? 150 ARG A HH21   1 
ATOM 825  H HH22   . ARG C 3 7  ? 11.831  -0.603  -6.057  1.00 0.00 ? 150 ARG A HH22   1 
ATOM 826  N N      . GLN C 3 8  ? 8.067   -6.844  -3.744  1.00 0.00 ? 151 GLN A N      1 
ATOM 827  C CA     . GLN C 3 8  ? 9.062   -7.782  -3.270  1.00 0.00 ? 151 GLN A CA     1 
ATOM 828  C C      . GLN C 3 8  ? 10.470  -7.206  -3.480  1.00 0.00 ? 151 GLN A C      1 
ATOM 829  O O      . GLN C 3 8  ? 10.850  -6.814  -4.582  1.00 0.00 ? 151 GLN A O      1 
ATOM 830  C CB     . GLN C 3 8  ? 8.913   -9.125  -3.984  1.00 0.00 ? 151 GLN A CB     1 
ATOM 831  C CG     . GLN C 3 8  ? 9.668   -10.231 -3.233  1.00 0.00 ? 151 GLN A CG     1 
ATOM 832  C CD     . GLN C 3 8  ? 9.691   -11.511 -4.057  1.00 0.00 ? 151 GLN A CD     1 
ATOM 833  O OE1    . GLN C 3 8  ? 10.711  -11.866 -4.638  1.00 0.00 ? 151 GLN A OE1    1 
ATOM 834  N NE2    . GLN C 3 8  ? 8.554   -12.202 -4.135  1.00 0.00 ? 151 GLN A NE2    1 
ATOM 835  H H      . GLN C 3 8  ? 7.475   -7.133  -4.510  1.00 0.00 ? 151 GLN A H      1 
ATOM 836  H HA     . GLN C 3 8  ? 8.878   -7.939  -2.208  1.00 0.00 ? 151 GLN A HA     1 
ATOM 837  H HB2    . GLN C 3 8  ? 7.857   -9.395  -4.037  1.00 0.00 ? 151 GLN A HB2    1 
ATOM 838  H HB3    . GLN C 3 8  ? 9.303   -9.040  -4.999  1.00 0.00 ? 151 GLN A HB3    1 
ATOM 839  H HG2    . GLN C 3 8  ? 10.696  -9.921  -3.045  1.00 0.00 ? 151 GLN A HG2    1 
ATOM 840  H HG3    . GLN C 3 8  ? 9.186   -10.417 -2.272  1.00 0.00 ? 151 GLN A HG3    1 
ATOM 841  H HE21   . GLN C 3 8  ? 7.733   -11.883 -3.643  1.00 0.00 ? 151 GLN A HE21   1 
ATOM 842  H HE22   . GLN C 3 8  ? 8.524   -13.023 -4.719  1.00 0.00 ? 151 GLN A HE22   1 
ATOM 843  N N      . ARG C 3 9  ? 11.225  -7.182  -2.387  1.00 0.00 ? 152 ARG A N      1 
ATOM 844  C CA     . ARG C 3 9  ? 12.651  -6.934  -2.323  1.00 0.00 ? 152 ARG A CA     1 
ATOM 845  C C      . ARG C 3 9  ? 13.361  -8.288  -2.347  1.00 0.00 ? 152 ARG A C      1 
ATOM 846  O O      . ARG C 3 9  ? 12.886  -9.218  -1.689  1.00 0.00 ? 152 ARG A O      1 
ATOM 847  C CB     . ARG C 3 9  ? 12.933  -6.148  -1.034  1.00 0.00 ? 152 ARG A CB     1 
ATOM 848  C CG     . ARG C 3 9  ? 13.200  -4.665  -1.309  1.00 0.00 ? 152 ARG A CG     1 
ATOM 849  C CD     . ARG C 3 9  ? 12.053  -3.949  -2.049  1.00 0.00 ? 152 ARG A CD     1 
ATOM 850  N NE     . ARG C 3 9  ? 12.350  -3.755  -3.479  1.00 0.00 ? 152 ARG A NE     1 
ATOM 851  C CZ     . ARG C 3 9  ? 13.341  -2.998  -3.969  1.00 0.00 ? 152 ARG A CZ     1 
ATOM 852  N NH1    . ARG C 3 9  ? 14.113  -2.260  -3.169  1.00 0.00 ? 152 ARG A NH1    1 
ATOM 853  N NH2    . ARG C 3 9  ? 13.577  -2.984  -5.280  1.00 0.00 ? 152 ARG A NH2    1 
ATOM 854  H H      . ARG C 3 9  ? 10.808  -7.513  -1.531  1.00 0.00 ? 152 ARG A H      1 
ATOM 855  H HA     . ARG C 3 9  ? 12.945  -6.342  -3.189  1.00 0.00 ? 152 ARG A HA     1 
ATOM 856  H HB2    . ARG C 3 9  ? 12.106  -6.239  -0.328  1.00 0.00 ? 152 ARG A HB2    1 
ATOM 857  H HB3    . ARG C 3 9  ? 13.808  -6.574  -0.558  1.00 0.00 ? 152 ARG A HB3    1 
ATOM 858  H HG2    . ARG C 3 9  ? 13.361  -4.161  -0.357  1.00 0.00 ? 152 ARG A HG2    1 
ATOM 859  H HG3    . ARG C 3 9  ? 14.126  -4.594  -1.882  1.00 0.00 ? 152 ARG A HG3    1 
ATOM 860  H HD2    . ARG C 3 9  ? 11.136  -4.529  -1.951  1.00 0.00 ? 152 ARG A HD2    1 
ATOM 861  H HD3    . ARG C 3 9  ? 11.882  -2.977  -1.585  1.00 0.00 ? 152 ARG A HD3    1 
ATOM 862  H HE     . ARG C 3 9  ? 11.790  -4.279  -4.135  1.00 0.00 ? 152 ARG A HE     1 
ATOM 863  H HH11   . ARG C 3 9  ? 13.963  -2.251  -2.171  1.00 0.00 ? 152 ARG A HH11   1 
ATOM 864  H HH12   . ARG C 3 9  ? 14.869  -1.709  -3.558  1.00 0.00 ? 152 ARG A HH12   1 
ATOM 865  H HH21   . ARG C 3 9  ? 13.011  -3.519  -5.918  1.00 0.00 ? 152 ARG A HH21   1 
ATOM 866  H HH22   . ARG C 3 9  ? 14.329  -2.405  -5.635  1.00 0.00 ? 152 ARG A HH22   1 
ATOM 867  N N      . PRO C 3 10 ? 14.465  -8.446  -3.112  1.00 0.00 ? 153 PRO A N      1 
ATOM 868  C CA     . PRO C 3 10 ? 14.933  -9.748  -3.582  1.00 0.00 ? 153 PRO A CA     1 
ATOM 869  C C      . PRO C 3 10 ? 15.408  -10.751 -2.504  1.00 0.00 ? 153 PRO A C      1 
ATOM 870  O O      . PRO C 3 10 ? 15.398  -11.949 -2.776  1.00 0.00 ? 153 PRO A O      1 
ATOM 871  C CB     . PRO C 3 10 ? 16.023  -9.456  -4.623  1.00 0.00 ? 153 PRO A CB     1 
ATOM 872  C CG     . PRO C 3 10 ? 16.405  -7.994  -4.396  1.00 0.00 ? 153 PRO A CG     1 
ATOM 873  C CD     . PRO C 3 10 ? 15.119  -7.381  -3.857  1.00 0.00 ? 153 PRO A CD     1 
ATOM 874  H HA     . PRO C 3 10 ? 14.102  -10.224 -4.103  1.00 0.00 ? 153 PRO A HA     1 
ATOM 875  H HB2    . PRO C 3 10 ? 16.890  -10.108 -4.514  1.00 0.00 ? 153 PRO A HB2    1 
ATOM 876  H HB3    . PRO C 3 10 ? 15.598  -9.564  -5.623  1.00 0.00 ? 153 PRO A HB3    1 
ATOM 877  H HG2    . PRO C 3 10 ? 17.186  -7.931  -3.639  1.00 0.00 ? 153 PRO A HG2    1 
ATOM 878  H HG3    . PRO C 3 10 ? 16.723  -7.508  -5.320  1.00 0.00 ? 153 PRO A HG3    1 
ATOM 879  H HD2    . PRO C 3 10 ? 15.340  -6.520  -3.225  1.00 0.00 ? 153 PRO A HD2    1 
ATOM 880  H HD3    . PRO C 3 10 ? 14.481  -7.084  -4.691  1.00 0.00 ? 153 PRO A HD3    1 
ATOM 881  N N      . TRP C 3 11 ? 15.762  -10.295 -1.298  1.00 0.00 ? 154 TRP A N      1 
ATOM 882  C CA     . TRP C 3 11 ? 16.050  -11.147 -0.125  1.00 0.00 ? 154 TRP A CA     1 
ATOM 883  C C      . TRP C 3 11 ? 14.792  -11.739 0.536   1.00 0.00 ? 154 TRP A C      1 
ATOM 884  O O      . TRP C 3 11 ? 14.926  -12.544 1.457   1.00 0.00 ? 154 TRP A O      1 
ATOM 885  C CB     . TRP C 3 11 ? 16.871  -10.351 0.903   1.00 0.00 ? 154 TRP A CB     1 
ATOM 886  C CG     . TRP C 3 11 ? 16.434  -8.939  1.078   1.00 0.00 ? 154 TRP A CG     1 
ATOM 887  C CD1    . TRP C 3 11 ? 15.473  -8.483  1.915   1.00 0.00 ? 154 TRP A CD1    1 
ATOM 888  C CD2    . TRP C 3 11 ? 16.873  -7.793  0.296   1.00 0.00 ? 154 TRP A CD2    1 
ATOM 889  N NE1    . TRP C 3 11 ? 15.280  -7.140  1.689   1.00 0.00 ? 154 TRP A NE1    1 
ATOM 890  C CE2    . TRP C 3 11 ? 16.084  -6.677  0.667   1.00 0.00 ? 154 TRP A CE2    1 
ATOM 891  C CE3    . TRP C 3 11 ? 17.820  -7.610  -0.735  1.00 0.00 ? 154 TRP A CE3    1 
ATOM 892  C CZ2    . TRP C 3 11 ? 16.195  -5.447  0.011   1.00 0.00 ? 154 TRP A CZ2    1 
ATOM 893  C CZ3    . TRP C 3 11 ? 17.964  -6.368  -1.376  1.00 0.00 ? 154 TRP A CZ3    1 
ATOM 894  C CH2    . TRP C 3 11 ? 17.140  -5.288  -1.015  1.00 0.00 ? 154 TRP A CH2    1 
ATOM 895  H H      . TRP C 3 11 ? 15.774  -9.298  -1.143  1.00 0.00 ? 154 TRP A H      1 
ATOM 896  H HA     . TRP C 3 11 ? 16.664  -11.985 -0.454  1.00 0.00 ? 154 TRP A HA     1 
ATOM 897  H HB2    . TRP C 3 11 ? 16.862  -10.857 1.871   1.00 0.00 ? 154 TRP A HB2    1 
ATOM 898  H HB3    . TRP C 3 11 ? 17.907  -10.332 0.563   1.00 0.00 ? 154 TRP A HB3    1 
ATOM 899  H HD1    . TRP C 3 11 ? 14.917  -9.085  2.622   1.00 0.00 ? 154 TRP A HD1    1 
ATOM 900  H HE1    . TRP C 3 11 ? 14.636  -6.577  2.235   1.00 0.00 ? 154 TRP A HE1    1 
ATOM 901  H HE3    . TRP C 3 11 ? 18.433  -8.445  -1.043  1.00 0.00 ? 154 TRP A HE3    1 
ATOM 902  H HZ2    . TRP C 3 11 ? 15.542  -4.639  0.295   1.00 0.00 ? 154 TRP A HZ2    1 
ATOM 903  H HZ3    . TRP C 3 11 ? 18.697  -6.249  -2.161  1.00 0.00 ? 154 TRP A HZ3    1 
ATOM 904  H HH2    . TRP C 3 11 ? 17.234  -4.340  -1.524  1.00 0.00 ? 154 TRP A HH2    1 
ATOM 905  N N      . GLY C 3 12 ? 13.582  -11.383 0.073   1.00 0.00 ? 155 GLY A N      1 
ATOM 906  C CA     . GLY C 3 12 ? 12.322  -11.973 0.511   1.00 0.00 ? 155 GLY A CA     1 
ATOM 907  C C      . GLY C 3 12 ? 11.534  -11.116 1.495   1.00 0.00 ? 155 GLY A C      1 
ATOM 908  O O      . GLY C 3 12 ? 10.927  -11.677 2.411   1.00 0.00 ? 155 GLY A O      1 
ATOM 909  H H      . GLY C 3 12 ? 13.539  -10.729 -0.696  1.00 0.00 ? 155 GLY A H      1 
ATOM 910  H HA2    . GLY C 3 12 ? 11.699  -12.137 -0.370  1.00 0.00 ? 155 GLY A HA2    1 
ATOM 911  H HA3    . GLY C 3 12 ? 12.509  -12.946 0.966   1.00 0.00 ? 155 GLY A HA3    1 
ATOM 912  N N      . LYS C 3 13 ? 11.504  -9.780  1.320   1.00 0.00 ? 156 LYS A N      1 
ATOM 913  C CA     . LYS C 3 13 ? 10.649  -8.886  2.098   1.00 0.00 ? 156 LYS A CA     1 
ATOM 914  C C      . LYS C 3 13 ? 9.761   -8.028  1.182   1.00 0.00 ? 156 LYS A C      1 
ATOM 915  O O      . LYS C 3 13 ? 9.940   -8.046  -0.025  1.00 0.00 ? 156 LYS A O      1 
ATOM 916  C CB     . LYS C 3 13 ? 11.502  -8.046  3.059   1.00 0.00 ? 156 LYS A CB     1 
ATOM 917  C CG     . LYS C 3 13 ? 10.650  -7.530  4.227   1.00 0.00 ? 156 LYS A CG     1 
ATOM 918  C CD     . LYS C 3 13 ? 11.509  -7.193  5.434   1.00 0.00 ? 156 LYS A CD     1 
ATOM 919  C CE     . LYS C 3 13 ? 10.722  -6.316  6.406   1.00 0.00 ? 156 LYS A CE     1 
ATOM 920  N NZ     . LYS C 3 13 ? 11.528  -5.981  7.588   1.00 0.00 ? 156 LYS A NZ     1 
ATOM 921  H H      . LYS C 3 13 ? 12.030  -9.380  0.552   1.00 0.00 ? 156 LYS A H      1 
ATOM 922  H HA     . LYS C 3 13 ? 9.971   -9.495  2.696   1.00 0.00 ? 156 LYS A HA     1 
ATOM 923  H HB2    . LYS C 3 13 ? 12.304  -8.671  3.457   1.00 0.00 ? 156 LYS A HB2    1 
ATOM 924  H HB3    . LYS C 3 13 ? 11.951  -7.202  2.529   1.00 0.00 ? 156 LYS A HB3    1 
ATOM 925  H HG2    . LYS C 3 13 ? 10.113  -6.635  3.912   1.00 0.00 ? 156 LYS A HG2    1 
ATOM 926  H HG3    . LYS C 3 13 ? 9.936   -8.297  4.531   1.00 0.00 ? 156 LYS A HG3    1 
ATOM 927  H HD2    . LYS C 3 13 ? 11.828  -8.115  5.921   1.00 0.00 ? 156 LYS A HD2    1 
ATOM 928  H HD3    . LYS C 3 13 ? 12.386  -6.658  5.095   1.00 0.00 ? 156 LYS A HD3    1 
ATOM 929  H HE2    . LYS C 3 13 ? 10.433  -5.398  5.897   1.00 0.00 ? 156 LYS A HE2    1 
ATOM 930  H HE3    . LYS C 3 13 ? 9.823   -6.845  6.721   1.00 0.00 ? 156 LYS A HE3    1 
ATOM 931  H HZ1    . LYS C 3 13 ? 12.387  -5.536  7.282   1.00 0.00 ? 156 LYS A HZ1    1 
ATOM 932  H HZ2    . LYS C 3 13 ? 11.020  -5.355  8.194   1.00 0.00 ? 156 LYS A HZ2    1 
ATOM 933  H HZ3    . LYS C 3 13 ? 11.751  -6.839  8.079   1.00 0.00 ? 156 LYS A HZ3    1 
ATOM 934  N N      . PHE C 3 14 ? 8.802   -7.307  1.764   1.00 0.00 ? 157 PHE A N      1 
ATOM 935  C CA     . PHE C 3 14 ? 7.778   -6.563  1.035   1.00 0.00 ? 157 PHE A CA     1 
ATOM 936  C C      . PHE C 3 14 ? 7.738   -5.121  1.504   1.00 0.00 ? 157 PHE A C      1 
ATOM 937  O O      . PHE C 3 14 ? 7.312   -4.825  2.621   1.00 0.00 ? 157 PHE A O      1 
ATOM 938  C CB     . PHE C 3 14 ? 6.434   -7.269  1.209   1.00 0.00 ? 157 PHE A CB     1 
ATOM 939  C CG     . PHE C 3 14 ? 6.420   -8.650  0.596   1.00 0.00 ? 157 PHE A CG     1 
ATOM 940  C CD1    . PHE C 3 14 ? 6.199   -8.813  -0.785  1.00 0.00 ? 157 PHE A CD1    1 
ATOM 941  C CD2    . PHE C 3 14 ? 6.685   -9.773  1.402   1.00 0.00 ? 157 PHE A CD2    1 
ATOM 942  C CE1    . PHE C 3 14 ? 6.215   -10.097 -1.353  1.00 0.00 ? 157 PHE A CE1    1 
ATOM 943  C CE2    . PHE C 3 14 ? 6.718   -11.055 0.830   1.00 0.00 ? 157 PHE A CE2    1 
ATOM 944  C CZ     . PHE C 3 14 ? 6.479   -11.218 -0.546  1.00 0.00 ? 157 PHE A CZ     1 
ATOM 945  H H      . PHE C 3 14 ? 8.683   -7.360  2.765   1.00 0.00 ? 157 PHE A H      1 
ATOM 946  H HA     . PHE C 3 14 ? 8.011   -6.566  -0.030  1.00 0.00 ? 157 PHE A HA     1 
ATOM 947  H HB2    . PHE C 3 14 ? 6.187   -7.336  2.270   1.00 0.00 ? 157 PHE A HB2    1 
ATOM 948  H HB3    . PHE C 3 14 ? 5.665   -6.668  0.735   1.00 0.00 ? 157 PHE A HB3    1 
ATOM 949  H HD1    . PHE C 3 14 ? 6.026   -7.952  -1.413  1.00 0.00 ? 157 PHE A HD1    1 
ATOM 950  H HD2    . PHE C 3 14 ? 6.872   -9.649  2.460   1.00 0.00 ? 157 PHE A HD2    1 
ATOM 951  H HE1    . PHE C 3 14 ? 6.027   -10.220 -2.410  1.00 0.00 ? 157 PHE A HE1    1 
ATOM 952  H HE2    . PHE C 3 14 ? 6.922   -11.912 1.453   1.00 0.00 ? 157 PHE A HE2    1 
ATOM 953  H HZ     . PHE C 3 14 ? 6.491   -12.206 -0.982  1.00 0.00 ? 157 PHE A HZ     1 
ATOM 954  N N      . ALA C 3 15 ? 8.176   -4.213  0.624   1.00 0.00 ? 158 ALA A N      1 
ATOM 955  C CA     . ALA C 3 15 ? 7.942   -2.791  0.761   1.00 0.00 ? 158 ALA A CA     1 
ATOM 956  C C      . ALA C 3 15 ? 6.512   -2.450  0.354   1.00 0.00 ? 158 ALA A C      1 
ATOM 957  O O      . ALA C 3 15 ? 5.862   -3.230  -0.341  1.00 0.00 ? 158 ALA A O      1 
ATOM 958  C CB     . ALA C 3 15 ? 8.925   -2.042  -0.132  1.00 0.00 ? 158 ALA A CB     1 
ATOM 959  H H      . ALA C 3 15 ? 8.478   -4.535  -0.287  1.00 0.00 ? 158 ALA A H      1 
ATOM 960  H HA     . ALA C 3 15 ? 8.096   -2.483  1.793   1.00 0.00 ? 158 ALA A HA     1 
ATOM 961  H HB1    . ALA C 3 15 ? 8.852   -2.396  -1.161  1.00 0.00 ? 158 ALA A HB1    1 
ATOM 962  H HB2    . ALA C 3 15 ? 8.682   -0.982  -0.107  1.00 0.00 ? 158 ALA A HB2    1 
ATOM 963  H HB3    . ALA C 3 15 ? 9.938   -2.200  0.236   1.00 0.00 ? 158 ALA A HB3    1 
ATOM 964  N N      . ALA C 3 16 ? 6.054   -1.259  0.747   1.00 0.00 ? 159 ALA A N      1 
ATOM 965  C CA     . ALA C 3 16 ? 4.790   -0.709  0.302   1.00 0.00 ? 159 ALA A CA     1 
ATOM 966  C C      . ALA C 3 16 ? 4.961   0.790   0.051   1.00 0.00 ? 159 ALA A C      1 
ATOM 967  O O      . ALA C 3 16 ? 5.370   1.533   0.936   1.00 0.00 ? 159 ALA A O      1 
ATOM 968  C CB     . ALA C 3 16 ? 3.688   -1.024  1.309   1.00 0.00 ? 159 ALA A CB     1 
ATOM 969  H H      . ALA C 3 16 ? 6.638   -0.668  1.323   1.00 0.00 ? 159 ALA A H      1 
ATOM 970  H HA     . ALA C 3 16 ? 4.513   -1.181  -0.635  1.00 0.00 ? 159 ALA A HA     1 
ATOM 971  H HB1    . ALA C 3 16 ? 3.679   -2.097  1.491   1.00 0.00 ? 159 ALA A HB1    1 
ATOM 972  H HB2    . ALA C 3 16 ? 3.860   -0.505  2.248   1.00 0.00 ? 159 ALA A HB2    1 
ATOM 973  H HB3    . ALA C 3 16 ? 2.720   -0.729  0.904   1.00 0.00 ? 159 ALA A HB3    1 
ATOM 974  N N      . GLU C 3 17 ? 4.649   1.191   -1.176  1.00 0.00 ? 160 GLU A N      1 
ATOM 975  C CA     . GLU C 3 17 ? 4.522   2.576   -1.615  1.00 0.00 ? 160 GLU A CA     1 
ATOM 976  C C      . GLU C 3 17 ? 3.067   2.847   -1.939  1.00 0.00 ? 160 GLU A C      1 
ATOM 977  O O      . GLU C 3 17 ? 2.325   1.946   -2.312  1.00 0.00 ? 160 GLU A O      1 
ATOM 978  C CB     . GLU C 3 17 ? 5.316   2.782   -2.909  1.00 0.00 ? 160 GLU A CB     1 
ATOM 979  C CG     . GLU C 3 17 ? 6.818   2.849   -2.655  1.00 0.00 ? 160 GLU A CG     1 
ATOM 980  C CD     . GLU C 3 17 ? 7.596   2.941   -3.969  1.00 0.00 ? 160 GLU A CD     1 
ATOM 981  O OE1    . GLU C 3 17 ? 7.391   2.051   -4.822  1.00 0.00 ? 160 GLU A OE1    1 
ATOM 982  O OE2    . GLU C 3 17 ? 8.404   3.889   -4.106  1.00 0.00 ? 160 GLU A OE2    1 
ATOM 983  H H      . GLU C 3 17 ? 4.358   0.496   -1.848  1.00 0.00 ? 160 GLU A H      1 
ATOM 984  H HA     . GLU C 3 17 ? 4.864   3.269   -0.846  1.00 0.00 ? 160 GLU A HA     1 
ATOM 985  H HB2    . GLU C 3 17 ? 5.087   1.965   -3.597  1.00 0.00 ? 160 GLU A HB2    1 
ATOM 986  H HB3    . GLU C 3 17 ? 5.013   3.719   -3.381  1.00 0.00 ? 160 GLU A HB3    1 
ATOM 987  H HG2    . GLU C 3 17 ? 7.019   3.726   -2.038  1.00 0.00 ? 160 GLU A HG2    1 
ATOM 988  H HG3    . GLU C 3 17 ? 7.134   1.956   -2.113  1.00 0.00 ? 160 GLU A HG3    1 
ATOM 989  N N      . ILE C 3 18 ? 2.704   4.123   -1.938  1.00 0.00 ? 161 ILE A N      1 
ATOM 990  C CA     . ILE C 3 18 ? 1.568   4.619   -2.691  1.00 0.00 ? 161 ILE A CA     1 
ATOM 991  C C      . ILE C 3 18 ? 2.018   5.864   -3.442  1.00 0.00 ? 161 ILE A C      1 
ATOM 992  O O      . ILE C 3 18 ? 2.878   6.605   -2.957  1.00 0.00 ? 161 ILE A O      1 
ATOM 993  C CB     . ILE C 3 18 ? 0.384   4.871   -1.742  1.00 0.00 ? 161 ILE A CB     1 
ATOM 994  C CG1    . ILE C 3 18 ? -0.877  5.222   -2.554  1.00 0.00 ? 161 ILE A CG1    1 
ATOM 995  C CG2    . ILE C 3 18 ? 0.698   5.962   -0.706  1.00 0.00 ? 161 ILE A CG2    1 
ATOM 996  C CD1    . ILE C 3 18 ? -2.141  5.010   -1.736  1.00 0.00 ? 161 ILE A CD1    1 
ATOM 997  H H      . ILE C 3 18 ? 3.346   4.817   -1.582  1.00 0.00 ? 161 ILE A H      1 
ATOM 998  H HA     . ILE C 3 18 ? 1.269   3.867   -3.425  1.00 0.00 ? 161 ILE A HA     1 
ATOM 999  H HB     . ILE C 3 18 ? 0.198   3.939   -1.204  1.00 0.00 ? 161 ILE A HB     1 
ATOM 1000 H HG12   . ILE C 3 18 ? -0.838  6.257   -2.887  1.00 0.00 ? 161 ILE A HG12   1 
ATOM 1001 H HG13   . ILE C 3 18 ? -0.937  4.596   -3.441  1.00 0.00 ? 161 ILE A HG13   1 
ATOM 1002 H HG21   . ILE C 3 18 ? 1.624   5.727   -0.187  1.00 0.00 ? 161 ILE A HG21   1 
ATOM 1003 H HG22   . ILE C 3 18 ? 0.827   6.923   -1.198  1.00 0.00 ? 161 ILE A HG22   1 
ATOM 1004 H HG23   . ILE C 3 18 ? -0.106  6.032   0.023   1.00 0.00 ? 161 ILE A HG23   1 
ATOM 1005 H HD11   . ILE C 3 18 ? -2.110  4.041   -1.238  1.00 0.00 ? 161 ILE A HD11   1 
ATOM 1006 H HD12   . ILE C 3 18 ? -2.225  5.789   -0.983  1.00 0.00 ? 161 ILE A HD12   1 
ATOM 1007 H HD13   . ILE C 3 18 ? -3.007  5.051   -2.397  1.00 0.00 ? 161 ILE A HD13   1 
ATOM 1008 N N      . ARG C 3 19 ? 1.415   6.111   -4.610  1.00 0.00 ? 162 ARG A N      1 
ATOM 1009 C CA     . ARG C 3 19 ? 1.562   7.378   -5.296  1.00 0.00 ? 162 ARG A CA     1 
ATOM 1010 C C      . ARG C 3 19 ? 0.412   8.315   -4.891  1.00 0.00 ? 162 ARG A C      1 
ATOM 1011 O O      . ARG C 3 19 ? -0.754  7.935   -4.942  1.00 0.00 ? 162 ARG A O      1 
ATOM 1012 C CB     . ARG C 3 19 ? 1.631   7.170   -6.808  1.00 0.00 ? 162 ARG A CB     1 
ATOM 1013 C CG     . ARG C 3 19 ? 2.364   8.368   -7.423  1.00 0.00 ? 162 ARG A CG     1 
ATOM 1014 C CD     . ARG C 3 19 ? 2.552   8.231   -8.933  1.00 0.00 ? 162 ARG A CD     1 
ATOM 1015 N NE     . ARG C 3 19 ? 3.566   7.222   -9.284  1.00 0.00 ? 162 ARG A NE     1 
ATOM 1016 C CZ     . ARG C 3 19 ? 4.899   7.355   -9.192  1.00 0.00 ? 162 ARG A CZ     1 
ATOM 1017 N NH1    . ARG C 3 19 ? 5.479   8.488   -8.799  1.00 0.00 ? 162 ARG A NH1    1 
ATOM 1018 N NH2    . ARG C 3 19 ? 5.690   6.331   -9.492  1.00 0.00 ? 162 ARG A NH2    1 
ATOM 1019 H H      . ARG C 3 19 ? 0.743   5.447   -4.980  1.00 0.00 ? 162 ARG A H      1 
ATOM 1020 H HA     . ARG C 3 19 ? 2.507   7.818   -4.982  1.00 0.00 ? 162 ARG A HA     1 
ATOM 1021 H HB2    . ARG C 3 19 ? 2.177   6.253   -7.035  1.00 0.00 ? 162 ARG A HB2    1 
ATOM 1022 H HB3    . ARG C 3 19 ? 0.620   7.099   -7.208  1.00 0.00 ? 162 ARG A HB3    1 
ATOM 1023 H HG2    . ARG C 3 19 ? 1.789   9.272   -7.225  1.00 0.00 ? 162 ARG A HG2    1 
ATOM 1024 H HG3    . ARG C 3 19 ? 3.342   8.471   -6.954  1.00 0.00 ? 162 ARG A HG3    1 
ATOM 1025 H HD2    . ARG C 3 19 ? 1.596   7.955   -9.369  1.00 0.00 ? 162 ARG A HD2    1 
ATOM 1026 H HD3    . ARG C 3 19 ? 2.843   9.197   -9.346  1.00 0.00 ? 162 ARG A HD3    1 
ATOM 1027 H HE     . ARG C 3 19 ? 3.220   6.330   -9.613  1.00 0.00 ? 162 ARG A HE     1 
ATOM 1028 H HH11   . ARG C 3 19 ? 4.903   9.276   -8.535  1.00 0.00 ? 162 ARG A HH11   1 
ATOM 1029 H HH12   . ARG C 3 19 ? 6.482   8.567   -8.765  1.00 0.00 ? 162 ARG A HH12   1 
ATOM 1030 H HH21   . ARG C 3 19 ? 5.289   5.462   -9.817  1.00 0.00 ? 162 ARG A HH21   1 
ATOM 1031 H HH22   . ARG C 3 19 ? 6.690   6.419   -9.419  1.00 0.00 ? 162 ARG A HH22   1 
ATOM 1032 N N      . ASP C 3 20 ? 0.782   9.531   -4.495  1.00 0.00 ? 163 ASP A N      1 
ATOM 1033 C CA     . ASP C 3 20 ? -0.089  10.596  -4.010  1.00 0.00 ? 163 ASP A CA     1 
ATOM 1034 C C      . ASP C 3 20 ? -0.254  11.662  -5.105  1.00 0.00 ? 163 ASP A C      1 
ATOM 1035 O O      . ASP C 3 20 ? 0.708   12.391  -5.373  1.00 0.00 ? 163 ASP A O      1 
ATOM 1036 C CB     . ASP C 3 20 ? 0.537   11.171  -2.724  1.00 0.00 ? 163 ASP A CB     1 
ATOM 1037 C CG     . ASP C 3 20 ? -0.370  12.171  -2.002  1.00 0.00 ? 163 ASP A CG     1 
ATOM 1038 O OD1    . ASP C 3 20 ? -0.947  13.045  -2.687  1.00 0.00 ? 163 ASP A OD1    1 
ATOM 1039 O OD2    . ASP C 3 20 ? -0.454  12.072  -0.762  1.00 0.00 ? 163 ASP A OD2    1 
ATOM 1040 H H      . ASP C 3 20 ? 1.768   9.738   -4.488  1.00 0.00 ? 163 ASP A H      1 
ATOM 1041 H HA     . ASP C 3 20 ? -1.049  10.164  -3.740  1.00 0.00 ? 163 ASP A HA     1 
ATOM 1042 H HB2    . ASP C 3 20 ? 0.751   10.349  -2.040  1.00 0.00 ? 163 ASP A HB2    1 
ATOM 1043 H HB3    . ASP C 3 20 ? 1.485   11.653  -2.958  1.00 0.00 ? 163 ASP A HB3    1 
ATOM 1044 N N      . PRO C 3 21 ? -1.441  11.805  -5.742  1.00 0.00 ? 164 PRO A N      1 
ATOM 1045 C CA     . PRO C 3 21 ? -1.687  12.811  -6.774  1.00 0.00 ? 164 PRO A CA     1 
ATOM 1046 C C      . PRO C 3 21 ? -1.882  14.236  -6.251  1.00 0.00 ? 164 PRO A C      1 
ATOM 1047 O O      . PRO C 3 21 ? -1.680  15.179  -7.018  1.00 0.00 ? 164 PRO A O      1 
ATOM 1048 C CB     . PRO C 3 21 ? -2.979  12.380  -7.468  1.00 0.00 ? 164 PRO A CB     1 
ATOM 1049 C CG     . PRO C 3 21 ? -3.733  11.648  -6.360  1.00 0.00 ? 164 PRO A CG     1 
ATOM 1050 C CD     . PRO C 3 21 ? -2.613  10.955  -5.582  1.00 0.00 ? 164 PRO A CD     1 
ATOM 1051 H HA     . PRO C 3 21 ? -0.873  12.807  -7.501  1.00 0.00 ? 164 PRO A HA     1 
ATOM 1052 H HB2    . PRO C 3 21 ? -3.549  13.229  -7.850  1.00 0.00 ? 164 PRO A HB2    1 
ATOM 1053 H HB3    . PRO C 3 21 ? -2.744  11.704  -8.284  1.00 0.00 ? 164 PRO A HB3    1 
ATOM 1054 H HG2    . PRO C 3 21 ? -4.228  12.374  -5.714  1.00 0.00 ? 164 PRO A HG2    1 
ATOM 1055 H HG3    . PRO C 3 21 ? -4.459  10.940  -6.759  1.00 0.00 ? 164 PRO A HG3    1 
ATOM 1056 H HD2    . PRO C 3 21 ? -2.901  10.853  -4.537  1.00 0.00 ? 164 PRO A HD2    1 
ATOM 1057 H HD3    . PRO C 3 21 ? -2.411  9.977   -6.020  1.00 0.00 ? 164 PRO A HD3    1 
ATOM 1058 N N      . ALA C 3 22 ? -2.284  14.421  -4.981  1.00 0.00 ? 165 ALA A N      1 
ATOM 1059 C CA     . ALA C 3 22 ? -2.440  15.740  -4.381  1.00 0.00 ? 165 ALA A CA     1 
ATOM 1060 C C      . ALA C 3 22 ? -1.068  16.427  -4.235  1.00 0.00 ? 165 ALA A C      1 
ATOM 1061 O O      . ALA C 3 22 ? -0.960  17.630  -4.451  1.00 0.00 ? 165 ALA A O      1 
ATOM 1062 C CB     . ALA C 3 22 ? -3.163  15.620  -3.034  1.00 0.00 ? 165 ALA A CB     1 
ATOM 1063 H H      . ALA C 3 22 ? -2.389  13.614  -4.377  1.00 0.00 ? 165 ALA A H      1 
ATOM 1064 H HA     . ALA C 3 22 ? -3.059  16.353  -5.040  1.00 0.00 ? 165 ALA A HA     1 
ATOM 1065 H HB1    . ALA C 3 22 ? -2.652  14.913  -2.383  1.00 0.00 ? 165 ALA A HB1    1 
ATOM 1066 H HB2    . ALA C 3 22 ? -3.196  16.593  -2.544  1.00 0.00 ? 165 ALA A HB2    1 
ATOM 1067 H HB3    . ALA C 3 22 ? -4.186  15.276  -3.200  1.00 0.00 ? 165 ALA A HB3    1 
ATOM 1068 N N      . LYS C 3 23 ? -0.031  15.630  -3.950  1.00 0.00 ? 166 LYS A N      1 
ATOM 1069 C CA     . LYS C 3 23 ? 1.389   15.996  -3.977  1.00 0.00 ? 166 LYS A CA     1 
ATOM 1070 C C      . LYS C 3 23 ? 1.989   15.915  -5.398  1.00 0.00 ? 166 LYS A C      1 
ATOM 1071 O O      . LYS C 3 23 ? 3.210   15.835  -5.540  1.00 0.00 ? 166 LYS A O      1 
ATOM 1072 C CB     . LYS C 3 23 ? 2.152   15.091  -2.991  1.00 0.00 ? 166 LYS A CB     1 
ATOM 1073 C CG     . LYS C 3 23 ? 1.646   15.185  -1.541  1.00 0.00 ? 166 LYS A CG     1 
ATOM 1074 C CD     . LYS C 3 23 ? 2.457   14.260  -0.618  1.00 0.00 ? 166 LYS A CD     1 
ATOM 1075 C CE     . LYS C 3 23 ? 2.033   14.365  0.853   1.00 0.00 ? 166 LYS A CE     1 
ATOM 1076 N NZ     . LYS C 3 23 ? 0.606   14.049  1.055   1.00 0.00 ? 166 LYS A NZ     1 
ATOM 1077 H H      . LYS C 3 23 ? -0.238  14.660  -3.753  1.00 0.00 ? 166 LYS A H      1 
ATOM 1078 H HA     . LYS C 3 23 ? 1.486   17.028  -3.638  1.00 0.00 ? 166 LYS A HA     1 
ATOM 1079 H HB2    . LYS C 3 23 ? 2.072   14.059  -3.332  1.00 0.00 ? 166 LYS A HB2    1 
ATOM 1080 H HB3    . LYS C 3 23 ? 3.204   15.381  -2.998  1.00 0.00 ? 166 LYS A HB3    1 
ATOM 1081 H HG2    . LYS C 3 23 ? 1.735   16.214  -1.193  1.00 0.00 ? 166 LYS A HG2    1 
ATOM 1082 H HG3    . LYS C 3 23 ? 0.597   14.893  -1.501  1.00 0.00 ? 166 LYS A HG3    1 
ATOM 1083 H HD2    . LYS C 3 23 ? 2.345   13.227  -0.948  1.00 0.00 ? 166 LYS A HD2    1 
ATOM 1084 H HD3    . LYS C 3 23 ? 3.512   14.529  -0.685  1.00 0.00 ? 166 LYS A HD3    1 
ATOM 1085 H HE2    . LYS C 3 23 ? 2.635   13.667  1.436   1.00 0.00 ? 166 LYS A HE2    1 
ATOM 1086 H HE3    . LYS C 3 23 ? 2.232   15.376  1.211   1.00 0.00 ? 166 LYS A HE3    1 
ATOM 1087 H HZ1    . LYS C 3 23 ? 0.392   13.142  0.655   1.00 0.00 ? 166 LYS A HZ1    1 
ATOM 1088 H HZ2    . LYS C 3 23 ? 0.386   14.046  2.041   1.00 0.00 ? 166 LYS A HZ2    1 
ATOM 1089 H HZ3    . LYS C 3 23 ? 0.038   14.740  0.586   1.00 0.00 ? 166 LYS A HZ3    1 
ATOM 1090 N N      . ASN C 3 24 ? 1.149   15.935  -6.450  1.00 0.00 ? 167 ASN A N      1 
ATOM 1091 C CA     . ASN C 3 24 ? 1.504   15.867  -7.868  1.00 0.00 ? 167 ASN A CA     1 
ATOM 1092 C C      . ASN C 3 24 ? 2.377   14.645  -8.200  1.00 0.00 ? 167 ASN A C      1 
ATOM 1093 O O      . ASN C 3 24 ? 3.474   14.765  -8.744  1.00 0.00 ? 167 ASN A O      1 
ATOM 1094 C CB     . ASN C 3 24 ? 2.074   17.223  -8.325  1.00 0.00 ? 167 ASN A CB     1 
ATOM 1095 C CG     . ASN C 3 24 ? 2.276   17.308  -9.846  1.00 0.00 ? 167 ASN A CG     1 
ATOM 1096 O OD1    . ASN C 3 24 ? 1.349   17.083  -10.611 1.00 0.00 ? 167 ASN A OD1    1 
ATOM 1097 N ND2    . ASN C 3 24 ? 3.485   17.650  -10.276 1.00 0.00 ? 167 ASN A ND2    1 
ATOM 1098 H H      . ASN C 3 24 ? 0.160   15.998  -6.253  1.00 0.00 ? 167 ASN A H      1 
ATOM 1099 H HA     . ASN C 3 24 ? 0.568   15.725  -8.413  1.00 0.00 ? 167 ASN A HA     1 
ATOM 1100 H HB2    . ASN C 3 24 ? 1.376   18.010  -8.041  1.00 0.00 ? 167 ASN A HB2    1 
ATOM 1101 H HB3    . ASN C 3 24 ? 3.021   17.407  -7.817  1.00 0.00 ? 167 ASN A HB3    1 
ATOM 1102 H HD21   . ASN C 3 24 ? 4.234   17.816  -9.626  1.00 0.00 ? 167 ASN A HD21   1 
ATOM 1103 H HD22   . ASN C 3 24 ? 3.644   17.721  -11.276 1.00 0.00 ? 167 ASN A HD22   1 
ATOM 1104 N N      . GLY C 3 25 ? 1.859   13.454  -7.870  1.00 0.00 ? 168 GLY A N      1 
ATOM 1105 C CA     . GLY C 3 25 ? 2.442   12.175  -8.244  1.00 0.00 ? 168 GLY A CA     1 
ATOM 1106 C C      . GLY C 3 25 ? 3.626   11.738  -7.381  1.00 0.00 ? 168 GLY A C      1 
ATOM 1107 O O      . GLY C 3 25 ? 4.385   10.883  -7.824  1.00 0.00 ? 168 GLY A O      1 
ATOM 1108 H H      . GLY C 3 25 ? 0.977   13.426  -7.377  1.00 0.00 ? 168 GLY A H      1 
ATOM 1109 H HA2    . GLY C 3 25 ? 1.664   11.413  -8.174  1.00 0.00 ? 168 GLY A HA2    1 
ATOM 1110 H HA3    . GLY C 3 25 ? 2.768   12.221  -9.284  1.00 0.00 ? 168 GLY A HA3    1 
ATOM 1111 N N      . ALA C 3 26 ? 3.824   12.301  -6.176  1.00 0.00 ? 169 ALA A N      1 
ATOM 1112 C CA     . ALA C 3 26 ? 4.879   11.889  -5.255  1.00 0.00 ? 169 ALA A CA     1 
ATOM 1113 C C      . ALA C 3 26 ? 4.703   10.417  -4.823  1.00 0.00 ? 169 ALA A C      1 
ATOM 1114 O O      . ALA C 3 26 ? 3.586   10.008  -4.540  1.00 0.00 ? 169 ALA A O      1 
ATOM 1115 C CB     . ALA C 3 26 ? 4.831   12.784  -4.016  1.00 0.00 ? 169 ALA A CB     1 
ATOM 1116 H H      . ALA C 3 26 ? 3.186   13.024  -5.869  1.00 0.00 ? 169 ALA A H      1 
ATOM 1117 H HA     . ALA C 3 26 ? 5.847   12.008  -5.742  1.00 0.00 ? 169 ALA A HA     1 
ATOM 1118 H HB1    . ALA C 3 26 ? 4.927   13.830  -4.310  1.00 0.00 ? 169 ALA A HB1    1 
ATOM 1119 H HB2    . ALA C 3 26 ? 3.883   12.639  -3.495  1.00 0.00 ? 169 ALA A HB2    1 
ATOM 1120 H HB3    . ALA C 3 26 ? 5.644   12.525  -3.338  1.00 0.00 ? 169 ALA A HB3    1 
ATOM 1121 N N      . ARG C 3 27 ? 5.799   9.663   -4.703  1.00 0.00 ? 170 ARG A N      1 
ATOM 1122 C CA     . ARG C 3 27 ? 5.789   8.412   -3.924  1.00 0.00 ? 170 ARG A CA     1 
ATOM 1123 C C      . ARG C 3 27 ? 5.781   8.756   -2.438  1.00 0.00 ? 170 ARG A C      1 
ATOM 1124 O O      . ARG C 3 27 ? 6.289   9.798   -2.014  1.00 0.00 ? 170 ARG A O      1 
ATOM 1125 C CB     . ARG C 3 27 ? 6.985   7.500   -4.248  1.00 0.00 ? 170 ARG A CB     1 
ATOM 1126 C CG     . ARG C 3 27 ? 8.313   8.258   -4.177  1.00 0.00 ? 170 ARG A CG     1 
ATOM 1127 C CD     . ARG C 3 27 ? 9.541   7.351   -4.128  1.00 0.00 ? 170 ARG A CD     1 
ATOM 1128 N NE     . ARG C 3 27 ? 10.679  8.099   -4.678  1.00 0.00 ? 170 ARG A NE     1 
ATOM 1129 C CZ     . ARG C 3 27 ? 10.886  8.273   -5.991  1.00 0.00 ? 170 ARG A CZ     1 
ATOM 1130 N NH1    . ARG C 3 27 ? 10.240  7.534   -6.895  1.00 0.00 ? 170 ARG A NH1    1 
ATOM 1131 N NH2    . ARG C 3 27 ? 11.747  9.198   -6.406  1.00 0.00 ? 170 ARG A NH2    1 
ATOM 1132 H H      . ARG C 3 27 ? 6.701   10.062  -4.908  1.00 0.00 ? 170 ARG A H      1 
ATOM 1133 H HA     . ARG C 3 27 ? 4.877   7.860   -4.154  1.00 0.00 ? 170 ARG A HA     1 
ATOM 1134 H HB2    . ARG C 3 27 ? 7.000   6.667   -3.540  1.00 0.00 ? 170 ARG A HB2    1 
ATOM 1135 H HB3    . ARG C 3 27 ? 6.862   7.086   -5.249  1.00 0.00 ? 170 ARG A HB3    1 
ATOM 1136 H HG2    . ARG C 3 27 ? 8.365   8.894   -5.062  1.00 0.00 ? 170 ARG A HG2    1 
ATOM 1137 H HG3    . ARG C 3 27 ? 8.347   8.901   -3.298  1.00 0.00 ? 170 ARG A HG3    1 
ATOM 1138 H HD2    . ARG C 3 27 ? 9.745   7.065   -3.094  1.00 0.00 ? 170 ARG A HD2    1 
ATOM 1139 H HD3    . ARG C 3 27 ? 9.368   6.444   -4.708  1.00 0.00 ? 170 ARG A HD3    1 
ATOM 1140 H HE     . ARG C 3 27 ? 11.230  8.652   -4.035  1.00 0.00 ? 170 ARG A HE     1 
ATOM 1141 H HH11   . ARG C 3 27 ? 9.609   6.811   -6.587  1.00 0.00 ? 170 ARG A HH11   1 
ATOM 1142 H HH12   . ARG C 3 27 ? 10.509  7.583   -7.867  1.00 0.00 ? 170 ARG A HH12   1 
ATOM 1143 H HH21   . ARG C 3 27 ? 12.228  9.760   -5.712  1.00 0.00 ? 170 ARG A HH21   1 
ATOM 1144 H HH22   . ARG C 3 27 ? 11.895  9.363   -7.388  1.00 0.00 ? 170 ARG A HH22   1 
ATOM 1145 N N      . VAL C 3 28 ? 5.222   7.840   -1.648  1.00 0.00 ? 171 VAL A N      1 
ATOM 1146 C CA     . VAL C 3 28 ? 5.098   7.947   -0.207  1.00 0.00 ? 171 VAL A CA     1 
ATOM 1147 C C      . VAL C 3 28 ? 5.343   6.543   0.325   1.00 0.00 ? 171 VAL A C      1 
ATOM 1148 O O      . VAL C 3 28 ? 4.476   5.672   0.245   1.00 0.00 ? 171 VAL A O      1 
ATOM 1149 C CB     . VAL C 3 28 ? 3.731   8.540   0.201   1.00 0.00 ? 171 VAL A CB     1 
ATOM 1150 C CG1    . VAL C 3 28 ? 3.673   8.676   1.730   1.00 0.00 ? 171 VAL A CG1    1 
ATOM 1151 C CG2    . VAL C 3 28 ? 3.478   9.909   -0.457  1.00 0.00 ? 171 VAL A CG2    1 
ATOM 1152 H H      . VAL C 3 28 ? 4.844   7.006   -2.075  1.00 0.00 ? 171 VAL A H      1 
ATOM 1153 H HA     . VAL C 3 28 ? 5.886   8.602   0.171   1.00 0.00 ? 171 VAL A HA     1 
ATOM 1154 H HB     . VAL C 3 28 ? 2.935   7.868   -0.117  1.00 0.00 ? 171 VAL A HB     1 
ATOM 1155 H HG11   . VAL C 3 28 ? 4.607   9.094   2.111   1.00 0.00 ? 171 VAL A HG11   1 
ATOM 1156 H HG12   . VAL C 3 28 ? 2.848   9.325   2.023   1.00 0.00 ? 171 VAL A HG12   1 
ATOM 1157 H HG13   . VAL C 3 28 ? 3.514   7.696   2.176   1.00 0.00 ? 171 VAL A HG13   1 
ATOM 1158 H HG21   . VAL C 3 28 ? 4.344   10.560  -0.330  1.00 0.00 ? 171 VAL A HG21   1 
ATOM 1159 H HG22   . VAL C 3 28 ? 3.282   9.775   -1.523  1.00 0.00 ? 171 VAL A HG22   1 
ATOM 1160 H HG23   . VAL C 3 28 ? 2.605   10.388  -0.014  1.00 0.00 ? 171 VAL A HG23   1 
ATOM 1161 N N      . TRP C 3 29 ? 6.580   6.326   0.776   1.00 0.00 ? 172 TRP A N      1 
ATOM 1162 C CA     . TRP C 3 29 ? 7.085   5.036   1.191   1.00 0.00 ? 172 TRP A CA     1 
ATOM 1163 C C      . TRP C 3 29 ? 6.595   4.723   2.598   1.00 0.00 ? 172 TRP A C      1 
ATOM 1164 O O      . TRP C 3 29 ? 7.060   5.288   3.589   1.00 0.00 ? 172 TRP A O      1 
ATOM 1165 C CB     . TRP C 3 29 ? 8.602   5.057   1.105   1.00 0.00 ? 172 TRP A CB     1 
ATOM 1166 C CG     . TRP C 3 29 ? 9.228   3.716   1.272   1.00 0.00 ? 172 TRP A CG     1 
ATOM 1167 C CD1    . TRP C 3 29 ? 9.501   3.131   2.453   1.00 0.00 ? 172 TRP A CD1    1 
ATOM 1168 C CD2    . TRP C 3 29 ? 9.654   2.778   0.243   1.00 0.00 ? 172 TRP A CD2    1 
ATOM 1169 N NE1    . TRP C 3 29 ? 10.026  1.884   2.217   1.00 0.00 ? 172 TRP A NE1    1 
ATOM 1170 C CE2    . TRP C 3 29 ? 10.186  1.625   0.882   1.00 0.00 ? 172 TRP A CE2    1 
ATOM 1171 C CE3    . TRP C 3 29 ? 9.676   2.788   -1.164  1.00 0.00 ? 172 TRP A CE3    1 
ATOM 1172 C CZ2    . TRP C 3 29 ? 10.756  0.560   0.171   1.00 0.00 ? 172 TRP A CZ2    1 
ATOM 1173 C CZ3    . TRP C 3 29 ? 10.167  1.690   -1.893  1.00 0.00 ? 172 TRP A CZ3    1 
ATOM 1174 C CH2    . TRP C 3 29 ? 10.732  0.587   -1.234  1.00 0.00 ? 172 TRP A CH2    1 
ATOM 1175 H H      . TRP C 3 29 ? 7.234   7.094   0.806   1.00 0.00 ? 172 TRP A H      1 
ATOM 1176 H HA     . TRP C 3 29 ? 6.723   4.274   0.497   1.00 0.00 ? 172 TRP A HA     1 
ATOM 1177 H HB2    . TRP C 3 29 ? 8.887   5.440   0.125   1.00 0.00 ? 172 TRP A HB2    1 
ATOM 1178 H HB3    . TRP C 3 29 ? 8.993   5.733   1.868   1.00 0.00 ? 172 TRP A HB3    1 
ATOM 1179 H HD1    . TRP C 3 29 ? 9.318   3.562   3.427   1.00 0.00 ? 172 TRP A HD1    1 
ATOM 1180 H HE1    . TRP C 3 29 ? 10.301  1.259   2.965   1.00 0.00 ? 172 TRP A HE1    1 
ATOM 1181 H HE3    . TRP C 3 29 ? 9.311   3.662   -1.681  1.00 0.00 ? 172 TRP A HE3    1 
ATOM 1182 H HZ2    . TRP C 3 29 ? 11.188  -0.274  0.703   1.00 0.00 ? 172 TRP A HZ2    1 
ATOM 1183 H HZ3    . TRP C 3 29 ? 10.159  1.731   -2.971  1.00 0.00 ? 172 TRP A HZ3    1 
ATOM 1184 H HH2    . TRP C 3 29 ? 11.148  -0.234  -1.799  1.00 0.00 ? 172 TRP A HH2    1 
ATOM 1185 N N      . LEU C 3 30 ? 5.614   3.825   2.659   1.00 0.00 ? 173 LEU A N      1 
ATOM 1186 C CA     . LEU C 3 30 ? 4.891   3.431   3.854   1.00 0.00 ? 173 LEU A CA     1 
ATOM 1187 C C      . LEU C 3 30 ? 5.761   2.581   4.801   1.00 0.00 ? 173 LEU A C      1 
ATOM 1188 O O      . LEU C 3 30 ? 5.414   2.441   5.970   1.00 0.00 ? 173 LEU A O      1 
ATOM 1189 C CB     . LEU C 3 30 ? 3.618   2.675   3.432   1.00 0.00 ? 173 LEU A CB     1 
ATOM 1190 C CG     . LEU C 3 30 ? 2.838   3.369   2.289   1.00 0.00 ? 173 LEU A CG     1 
ATOM 1191 C CD1    . LEU C 3 30 ? 1.608   2.541   1.923   1.00 0.00 ? 173 LEU A CD1    1 
ATOM 1192 C CD2    . LEU C 3 30 ? 2.463   4.809   2.669   1.00 0.00 ? 173 LEU A CD2    1 
ATOM 1193 H H      . LEU C 3 30 ? 5.310   3.397   1.792   1.00 0.00 ? 173 LEU A H      1 
ATOM 1194 H HA     . LEU C 3 30 ? 4.597   4.333   4.393   1.00 0.00 ? 173 LEU A HA     1 
ATOM 1195 H HB2    . LEU C 3 30 ? 3.893   1.672   3.108   1.00 0.00 ? 173 LEU A HB2    1 
ATOM 1196 H HB3    . LEU C 3 30 ? 2.968   2.574   4.302   1.00 0.00 ? 173 LEU A HB3    1 
ATOM 1197 H HG     . LEU C 3 30 ? 3.451   3.406   1.389   1.00 0.00 ? 173 LEU A HG     1 
ATOM 1198 H HD11   . LEU C 3 30 ? 1.000   2.370   2.808   1.00 0.00 ? 173 LEU A HD11   1 
ATOM 1199 H HD12   . LEU C 3 30 ? 1.028   3.065   1.164   1.00 0.00 ? 173 LEU A HD12   1 
ATOM 1200 H HD13   . LEU C 3 30 ? 1.922   1.581   1.511   1.00 0.00 ? 173 LEU A HD13   1 
ATOM 1201 H HD21   . LEU C 3 30 ? 1.942   4.832   3.625   1.00 0.00 ? 173 LEU A HD21   1 
ATOM 1202 H HD22   . LEU C 3 30 ? 3.363   5.419   2.740   1.00 0.00 ? 173 LEU A HD22   1 
ATOM 1203 H HD23   . LEU C 3 30 ? 1.829   5.246   1.904   1.00 0.00 ? 173 LEU A HD23   1 
ATOM 1204 N N      . GLY C 3 31 ? 6.885   2.068   4.291   1.00 0.00 ? 174 GLY A N      1 
ATOM 1205 C CA     . GLY C 3 31 ? 7.877   1.283   5.018   1.00 0.00 ? 174 GLY A CA     1 
ATOM 1206 C C      . GLY C 3 31 ? 8.100   -0.069  4.350   1.00 0.00 ? 174 GLY A C      1 
ATOM 1207 O O      . GLY C 3 31 ? 7.849   -0.255  3.156   1.00 0.00 ? 174 GLY A O      1 
ATOM 1208 H H      . GLY C 3 31 ? 7.080   2.233   3.315   1.00 0.00 ? 174 GLY A H      1 
ATOM 1209 H HA2    . GLY C 3 31 ? 8.817   1.833   5.023   1.00 0.00 ? 174 GLY A HA2    1 
ATOM 1210 H HA3    . GLY C 3 31 ? 7.557   1.136   6.048   1.00 0.00 ? 174 GLY A HA3    1 
ATOM 1211 N N      . THR C 3 32 ? 8.590   -1.014  5.158   1.00 0.00 ? 175 THR A N      1 
ATOM 1212 C CA     . THR C 3 32 ? 8.806   -2.420  4.825   1.00 0.00 ? 175 THR A CA     1 
ATOM 1213 C C      . THR C 3 32 ? 8.246   -3.295  5.937   1.00 0.00 ? 175 THR A C      1 
ATOM 1214 O O      . THR C 3 32 ? 8.214   -2.920  7.111   1.00 0.00 ? 175 THR A O      1 
ATOM 1215 C CB     . THR C 3 32 ? 10.291  -2.774  4.652   1.00 0.00 ? 175 THR A CB     1 
ATOM 1216 O OG1    . THR C 3 32 ? 11.062  -2.017  5.550   1.00 0.00 ? 175 THR A OG1    1 
ATOM 1217 C CG2    . THR C 3 32 ? 10.793  -2.657  3.210   1.00 0.00 ? 175 THR A CG2    1 
ATOM 1218 H H      . THR C 3 32 ? 8.752   -0.762  6.122   1.00 0.00 ? 175 THR A H      1 
ATOM 1219 H HA     . THR C 3 32 ? 8.273   -2.659  3.907   1.00 0.00 ? 175 THR A HA     1 
ATOM 1220 H HB     . THR C 3 32 ? 10.427  -3.815  4.925   1.00 0.00 ? 175 THR A HB     1 
ATOM 1221 H HG1    . THR C 3 32 ? 11.134  -1.125  5.183   1.00 0.00 ? 175 THR A HG1    1 
ATOM 1222 H HG21   . THR C 3 32 ? 10.581  -1.672  2.797   1.00 0.00 ? 175 THR A HG21   1 
ATOM 1223 H HG22   . THR C 3 32 ? 11.865  -2.848  3.185   1.00 0.00 ? 175 THR A HG22   1 
ATOM 1224 H HG23   . THR C 3 32 ? 10.297  -3.414  2.601   1.00 0.00 ? 175 THR A HG23   1 
ATOM 1225 N N      . PHE C 3 33 ? 7.811   -4.484  5.521   1.00 0.00 ? 176 PHE A N      1 
ATOM 1226 C CA     . PHE C 3 33 ? 6.939   -5.366  6.271   1.00 0.00 ? 176 PHE A CA     1 
ATOM 1227 C C      . PHE C 3 33 ? 7.330   -6.806  5.957   1.00 0.00 ? 176 PHE A C      1 
ATOM 1228 O O      . PHE C 3 33 ? 7.600   -7.136  4.800   1.00 0.00 ? 176 PHE A O      1 
ATOM 1229 C CB     . PHE C 3 33 ? 5.501   -5.083  5.825   1.00 0.00 ? 176 PHE A CB     1 
ATOM 1230 C CG     . PHE C 3 33 ? 5.109   -3.614  5.889   1.00 0.00 ? 176 PHE A CG     1 
ATOM 1231 C CD1    . PHE C 3 33 ? 4.609   -3.072  7.085   1.00 0.00 ? 176 PHE A CD1    1 
ATOM 1232 C CD2    . PHE C 3 33 ? 5.320   -2.771  4.778   1.00 0.00 ? 176 PHE A CD2    1 
ATOM 1233 C CE1    . PHE C 3 33 ? 4.291   -1.706  7.162   1.00 0.00 ? 176 PHE A CE1    1 
ATOM 1234 C CE2    . PHE C 3 33 ? 5.008   -1.404  4.857   1.00 0.00 ? 176 PHE A CE2    1 
ATOM 1235 C CZ     . PHE C 3 33 ? 4.487   -0.874  6.048   1.00 0.00 ? 176 PHE A CZ     1 
ATOM 1236 H H      . PHE C 3 33 ? 7.876   -4.684  4.532   1.00 0.00 ? 176 PHE A H      1 
ATOM 1237 H HA     . PHE C 3 33 ? 7.034   -5.171  7.340   1.00 0.00 ? 176 PHE A HA     1 
ATOM 1238 H HB2    . PHE C 3 33 ? 5.399   -5.425  4.801   1.00 0.00 ? 176 PHE A HB2    1 
ATOM 1239 H HB3    . PHE C 3 33 ? 4.816   -5.672  6.432   1.00 0.00 ? 176 PHE A HB3    1 
ATOM 1240 H HD1    . PHE C 3 33 ? 4.481   -3.697  7.954   1.00 0.00 ? 176 PHE A HD1    1 
ATOM 1241 H HD2    . PHE C 3 33 ? 5.726   -3.165  3.859   1.00 0.00 ? 176 PHE A HD2    1 
ATOM 1242 H HE1    . PHE C 3 33 ? 3.902   -1.296  8.082   1.00 0.00 ? 176 PHE A HE1    1 
ATOM 1243 H HE2    . PHE C 3 33 ? 5.179   -0.761  4.008   1.00 0.00 ? 176 PHE A HE2    1 
ATOM 1244 H HZ     . PHE C 3 33 ? 4.229   0.172   6.105   1.00 0.00 ? 176 PHE A HZ     1 
ATOM 1245 N N      . GLU C 3 34 ? 7.364   -7.660  6.988   1.00 0.00 ? 177 GLU A N      1 
ATOM 1246 C CA     . GLU C 3 34 ? 7.834   -9.040  6.877   1.00 0.00 ? 177 GLU A CA     1 
ATOM 1247 C C      . GLU C 3 34 ? 6.984   -9.865  5.899   1.00 0.00 ? 177 GLU A C      1 
ATOM 1248 O O      . GLU C 3 34 ? 7.538   -10.690 5.176   1.00 0.00 ? 177 GLU A O      1 
ATOM 1249 C CB     . GLU C 3 34 ? 7.825   -9.710  8.261   1.00 0.00 ? 177 GLU A CB     1 
ATOM 1250 C CG     . GLU C 3 34 ? 8.921   -9.195  9.207   1.00 0.00 ? 177 GLU A CG     1 
ATOM 1251 C CD     . GLU C 3 34 ? 10.326  -9.599  8.754   1.00 0.00 ? 177 GLU A CD     1 
ATOM 1252 O OE1    . GLU C 3 34 ? 10.628  -10.812 8.818   1.00 0.00 ? 177 GLU A OE1    1 
ATOM 1253 O OE2    . GLU C 3 34 ? 11.085  -8.691  8.363   1.00 0.00 ? 177 GLU A OE2    1 
ATOM 1254 H H      . GLU C 3 34 ? 7.095   -7.329  7.904   1.00 0.00 ? 177 GLU A H      1 
ATOM 1255 H HA     . GLU C 3 34 ? 8.857   -9.030  6.500   1.00 0.00 ? 177 GLU A HA     1 
ATOM 1256 H HB2    . GLU C 3 34 ? 6.852   -9.546  8.726   1.00 0.00 ? 177 GLU A HB2    1 
ATOM 1257 H HB3    . GLU C 3 34 ? 7.957   -10.785 8.135   1.00 0.00 ? 177 GLU A HB3    1 
ATOM 1258 H HG2    . GLU C 3 34 ? 8.853   -8.109  9.292   1.00 0.00 ? 177 GLU A HG2    1 
ATOM 1259 H HG3    . GLU C 3 34 ? 8.747   -9.617  10.197  1.00 0.00 ? 177 GLU A HG3    1 
ATOM 1260 N N      . THR C 3 35 ? 5.666   -9.623  5.867   1.00 0.00 ? 178 THR A N      1 
ATOM 1261 C CA     . THR C 3 35 ? 4.709   -10.370 5.049   1.00 0.00 ? 178 THR A CA     1 
ATOM 1262 C C      . THR C 3 35 ? 4.104   -9.459  3.978   1.00 0.00 ? 178 THR A C      1 
ATOM 1263 O O      . THR C 3 35 ? 4.005   -8.242  4.156   1.00 0.00 ? 178 THR A O      1 
ATOM 1264 C CB     . THR C 3 35 ? 3.625   -11.028 5.927   1.00 0.00 ? 178 THR A CB     1 
ATOM 1265 O OG1    . THR C 3 35 ? 2.789   -10.059 6.517   1.00 0.00 ? 178 THR A OG1    1 
ATOM 1266 C CG2    . THR C 3 35 ? 4.208   -11.916 7.037   1.00 0.00 ? 178 THR A CG2    1 
ATOM 1267 H H      . THR C 3 35 ? 5.294   -8.905  6.470   1.00 0.00 ? 178 THR A H      1 
ATOM 1268 H HA     . THR C 3 35 ? 5.237   -11.174 4.536   1.00 0.00 ? 178 THR A HA     1 
ATOM 1269 H HB     . THR C 3 35 ? 3.005   -11.654 5.287   1.00 0.00 ? 178 THR A HB     1 
ATOM 1270 H HG1    . THR C 3 35 ? 3.285   -9.593  7.194   1.00 0.00 ? 178 THR A HG1    1 
ATOM 1271 H HG21   . THR C 3 35 ? 4.879   -11.346 7.682   1.00 0.00 ? 178 THR A HG21   1 
ATOM 1272 H HG22   . THR C 3 35 ? 3.399   -12.314 7.651   1.00 0.00 ? 178 THR A HG22   1 
ATOM 1273 H HG23   . THR C 3 35 ? 4.757   -12.746 6.593   1.00 0.00 ? 178 THR A HG23   1 
ATOM 1274 N N      . ALA C 3 36 ? 3.685   -10.072 2.864   1.00 0.00 ? 179 ALA A N      1 
ATOM 1275 C CA     . ALA C 3 36 ? 3.096   -9.375  1.727   1.00 0.00 ? 179 ALA A CA     1 
ATOM 1276 C C      . ALA C 3 36 ? 1.743   -8.764  2.094   1.00 0.00 ? 179 ALA A C      1 
ATOM 1277 O O      . ALA C 3 36 ? 1.434   -7.669  1.639   1.00 0.00 ? 179 ALA A O      1 
ATOM 1278 C CB     . ALA C 3 36 ? 2.968   -10.352 0.554   1.00 0.00 ? 179 ALA A CB     1 
ATOM 1279 H H      . ALA C 3 36 ? 3.765   -11.076 2.795   1.00 0.00 ? 179 ALA A H      1 
ATOM 1280 H HA     . ALA C 3 36 ? 3.768   -8.569  1.430   1.00 0.00 ? 179 ALA A HA     1 
ATOM 1281 H HB1    . ALA C 3 36 ? 3.908   -10.878 0.408   1.00 0.00 ? 179 ALA A HB1    1 
ATOM 1282 H HB2    . ALA C 3 36 ? 2.186   -11.085 0.753   1.00 0.00 ? 179 ALA A HB2    1 
ATOM 1283 H HB3    . ALA C 3 36 ? 2.730   -9.805  -0.358  1.00 0.00 ? 179 ALA A HB3    1 
ATOM 1284 N N      . GLU C 3 37 ? 0.963   -9.450  2.946   1.00 0.00 ? 180 GLU A N      1 
ATOM 1285 C CA     . GLU C 3 37 ? -0.336  -9.040  3.455   1.00 0.00 ? 180 GLU A CA     1 
ATOM 1286 C C      . GLU C 3 37 ? -0.262  -7.875  4.454   1.00 0.00 ? 180 GLU A C      1 
ATOM 1287 O O      . GLU C 3 37 ? -1.267  -7.199  4.645   1.00 0.00 ? 180 GLU A O      1 
ATOM 1288 C CB     . GLU C 3 37 ? -1.047  -10.216 4.153   1.00 0.00 ? 180 GLU A CB     1 
ATOM 1289 C CG     . GLU C 3 37 ? -1.069  -11.553 3.391   1.00 0.00 ? 180 GLU A CG     1 
ATOM 1290 C CD     . GLU C 3 37 ? 0.123   -12.462 3.723   1.00 0.00 ? 180 GLU A CD     1 
ATOM 1291 O OE1    . GLU C 3 37 ? 1.202   -12.267 3.118   1.00 0.00 ? 180 GLU A OE1    1 
ATOM 1292 O OE2    . GLU C 3 37 ? -0.064  -13.356 4.577   1.00 0.00 ? 180 GLU A OE2    1 
ATOM 1293 H H      . GLU C 3 37 ? 1.279   -10.374 3.210   1.00 0.00 ? 180 GLU A H      1 
ATOM 1294 H HA     . GLU C 3 37 ? -0.944  -8.730  2.607   1.00 0.00 ? 180 GLU A HA     1 
ATOM 1295 H HB2    . GLU C 3 37 ? -0.603  -10.376 5.137   1.00 0.00 ? 180 GLU A HB2    1 
ATOM 1296 H HB3    . GLU C 3 37 ? -2.083  -9.911  4.311   1.00 0.00 ? 180 GLU A HB3    1 
ATOM 1297 H HG2    . GLU C 3 37 ? -1.983  -12.079 3.674   1.00 0.00 ? 180 GLU A HG2    1 
ATOM 1298 H HG3    . GLU C 3 37 ? -1.116  -11.368 2.318   1.00 0.00 ? 180 GLU A HG3    1 
ATOM 1299 N N      . ASP C 3 38 ? 0.888   -7.632  5.097   1.00 0.00 ? 181 ASP A N      1 
ATOM 1300 C CA     . ASP C 3 38 ? 1.067   -6.534  6.049   1.00 0.00 ? 181 ASP A CA     1 
ATOM 1301 C C      . ASP C 3 38 ? 1.580   -5.275  5.341   1.00 0.00 ? 181 ASP A C      1 
ATOM 1302 O O      . ASP C 3 38 ? 1.181   -4.167  5.692   1.00 0.00 ? 181 ASP A O      1 
ATOM 1303 C CB     . ASP C 3 38 ? 2.019   -6.995  7.159   1.00 0.00 ? 181 ASP A CB     1 
ATOM 1304 C CG     . ASP C 3 38 ? 2.152   -5.997  8.310   1.00 0.00 ? 181 ASP A CG     1 
ATOM 1305 O OD1    . ASP C 3 38 ? 1.102   -5.496  8.772   1.00 0.00 ? 181 ASP A OD1    1 
ATOM 1306 O OD2    . ASP C 3 38 ? 3.306   -5.781  8.738   1.00 0.00 ? 181 ASP A OD2    1 
ATOM 1307 H H      . ASP C 3 38 ? 1.685   -8.228  4.914   1.00 0.00 ? 181 ASP A H      1 
ATOM 1308 H HA     . ASP C 3 38 ? 0.105   -6.303  6.510   1.00 0.00 ? 181 ASP A HA     1 
ATOM 1309 H HB2    . ASP C 3 38 ? 1.637   -7.925  7.579   1.00 0.00 ? 181 ASP A HB2    1 
ATOM 1310 H HB3    . ASP C 3 38 ? 3.001   -7.190  6.725   1.00 0.00 ? 181 ASP A HB3    1 
ATOM 1311 N N      . ALA C 3 39 ? 2.399   -5.457  4.295   1.00 0.00 ? 182 ALA A N      1 
ATOM 1312 C CA     . ALA C 3 39 ? 2.752   -4.441  3.312   1.00 0.00 ? 182 ALA A CA     1 
ATOM 1313 C C      . ALA C 3 39 ? 1.501   -3.936  2.588   1.00 0.00 ? 182 ALA A C      1 
ATOM 1314 O O      . ALA C 3 39 ? 1.307   -2.737  2.408   1.00 0.00 ? 182 ALA A O      1 
ATOM 1315 C CB     . ALA C 3 39 ? 3.739   -5.066  2.317   1.00 0.00 ? 182 ALA A CB     1 
ATOM 1316 H H      . ALA C 3 39 ? 2.697   -6.402  4.094   1.00 0.00 ? 182 ALA A H      1 
ATOM 1317 H HA     . ALA C 3 39 ? 3.213   -3.596  3.811   1.00 0.00 ? 182 ALA A HA     1 
ATOM 1318 H HB1    . ALA C 3 39 ? 4.611   -5.451  2.838   1.00 0.00 ? 182 ALA A HB1    1 
ATOM 1319 H HB2    . ALA C 3 39 ? 3.270   -5.898  1.795   1.00 0.00 ? 182 ALA A HB2    1 
ATOM 1320 H HB3    . ALA C 3 39 ? 4.066   -4.330  1.588   1.00 0.00 ? 182 ALA A HB3    1 
ATOM 1321 N N      . ALA C 3 40 ? 0.649   -4.879  2.199   1.00 0.00 ? 183 ALA A N      1 
ATOM 1322 C CA     . ALA C 3 40 ? -0.595  -4.643  1.497   1.00 0.00 ? 183 ALA A CA     1 
ATOM 1323 C C      . ALA C 3 40 ? -1.652  -4.041  2.415   1.00 0.00 ? 183 ALA A C      1 
ATOM 1324 O O      . ALA C 3 40 ? -2.432  -3.204  1.962   1.00 0.00 ? 183 ALA A O      1 
ATOM 1325 C CB     . ALA C 3 40 ? -1.020  -5.987  0.920   1.00 0.00 ? 183 ALA A CB     1 
ATOM 1326 H H      . ALA C 3 40 ? 0.903   -5.844  2.355   1.00 0.00 ? 183 ALA A H      1 
ATOM 1327 H HA     . ALA C 3 40 ? -0.415  -3.949  0.674   1.00 0.00 ? 183 ALA A HA     1 
ATOM 1328 H HB1    . ALA C 3 40 ? -0.236  -6.355  0.269   1.00 0.00 ? 183 ALA A HB1    1 
ATOM 1329 H HB2    . ALA C 3 40 ? -1.148  -6.718  1.708   1.00 0.00 ? 183 ALA A HB2    1 
ATOM 1330 H HB3    . ALA C 3 40 ? -1.931  -5.885  0.349   1.00 0.00 ? 183 ALA A HB3    1 
ATOM 1331 N N      . LEU C 3 41 ? -1.657  -4.395  3.712   1.00 0.00 ? 184 LEU A N      1 
ATOM 1332 C CA     . LEU C 3 41 ? -2.498  -3.728  4.690   1.00 0.00 ? 184 LEU A CA     1 
ATOM 1333 C C      . LEU C 3 41 ? -1.984  -2.308  5.005   1.00 0.00 ? 184 LEU A C      1 
ATOM 1334 O O      . LEU C 3 41 ? -2.789  -1.444  5.345   1.00 0.00 ? 184 LEU A O      1 
ATOM 1335 C CB     . LEU C 3 41 ? -2.672  -4.600  5.946   1.00 0.00 ? 184 LEU A CB     1 
ATOM 1336 C CG     . LEU C 3 41 ? -3.729  -4.014  6.907   1.00 0.00 ? 184 LEU A CG     1 
ATOM 1337 C CD1    . LEU C 3 41 ? -4.597  -5.117  7.531   1.00 0.00 ? 184 LEU A CD1    1 
ATOM 1338 C CD2    . LEU C 3 41 ? -3.086  -3.189  8.029   1.00 0.00 ? 184 LEU A CD2    1 
ATOM 1339 H H      . LEU C 3 41 ? -1.027  -5.122  4.031   1.00 0.00 ? 184 LEU A H      1 
ATOM 1340 H HA     . LEU C 3 41 ? -3.488  -3.637  4.248   1.00 0.00 ? 184 LEU A HA     1 
ATOM 1341 H HB2    . LEU C 3 41 ? -3.014  -5.583  5.620   1.00 0.00 ? 184 LEU A HB2    1 
ATOM 1342 H HB3    . LEU C 3 41 ? -1.716  -4.728  6.457   1.00 0.00 ? 184 LEU A HB3    1 
ATOM 1343 H HG     . LEU C 3 41 ? -4.406  -3.366  6.347   1.00 0.00 ? 184 LEU A HG     1 
ATOM 1344 H HD11   . LEU C 3 41 ? -3.967  -5.869  8.006   1.00 0.00 ? 184 LEU A HD11   1 
ATOM 1345 H HD12   . LEU C 3 41 ? -5.268  -4.685  8.274   1.00 0.00 ? 184 LEU A HD12   1 
ATOM 1346 H HD13   . LEU C 3 41 ? -5.201  -5.588  6.753   1.00 0.00 ? 184 LEU A HD13   1 
ATOM 1347 H HD21   . LEU C 3 41 ? -2.456  -2.398  7.628   1.00 0.00 ? 184 LEU A HD21   1 
ATOM 1348 H HD22   . LEU C 3 41 ? -3.877  -2.728  8.610   1.00 0.00 ? 184 LEU A HD22   1 
ATOM 1349 H HD23   . LEU C 3 41 ? -2.480  -3.823  8.674   1.00 0.00 ? 184 LEU A HD23   1 
ATOM 1350 N N      . ALA C 3 42 ? -0.682  -2.024  4.854   1.00 0.00 ? 185 ALA A N      1 
ATOM 1351 C CA     . ALA C 3 42 ? -0.174  -0.664  5.049   1.00 0.00 ? 185 ALA A CA     1 
ATOM 1352 C C      . ALA C 3 42 ? -0.701  0.261   3.957   1.00 0.00 ? 185 ALA A C      1 
ATOM 1353 O O      . ALA C 3 42 ? -1.193  1.348   4.259   1.00 0.00 ? 185 ALA A O      1 
ATOM 1354 C CB     . ALA C 3 42 ? 1.353   -0.635  5.068   1.00 0.00 ? 185 ALA A CB     1 
ATOM 1355 H H      . ALA C 3 42 ? -0.033  -2.747  4.572   1.00 0.00 ? 185 ALA A H      1 
ATOM 1356 H HA     . ALA C 3 42 ? -0.533  -0.307  6.014   1.00 0.00 ? 185 ALA A HA     1 
ATOM 1357 H HB1    . ALA C 3 42 ? 1.725   -1.353  5.797   1.00 0.00 ? 185 ALA A HB1    1 
ATOM 1358 H HB2    . ALA C 3 42 ? 1.758   -0.865  4.084   1.00 0.00 ? 185 ALA A HB2    1 
ATOM 1359 H HB3    . ALA C 3 42 ? 1.677   0.368   5.349   1.00 0.00 ? 185 ALA A HB3    1 
ATOM 1360 N N      . TYR C 3 43 ? -0.639  -0.205  2.701   1.00 0.00 ? 186 TYR A N      1 
ATOM 1361 C CA     . TYR C 3 43 ? -1.241  0.450   1.555   1.00 0.00 ? 186 TYR A CA     1 
ATOM 1362 C C      . TYR C 3 43 ? -2.748  0.656   1.749   1.00 0.00 ? 186 TYR A C      1 
ATOM 1363 O O      . TYR C 3 43 ? -3.258  1.710   1.375   1.00 0.00 ? 186 TYR A O      1 
ATOM 1364 C CB     . TYR C 3 43 ? -0.964  -0.383  0.303   1.00 0.00 ? 186 TYR A CB     1 
ATOM 1365 C CG     . TYR C 3 43 ? -1.568  0.255   -0.924  1.00 0.00 ? 186 TYR A CG     1 
ATOM 1366 C CD1    . TYR C 3 43 ? -2.929  0.065   -1.232  1.00 0.00 ? 186 TYR A CD1    1 
ATOM 1367 C CD2    . TYR C 3 43 ? -0.786  1.127   -1.692  1.00 0.00 ? 186 TYR A CD2    1 
ATOM 1368 C CE1    . TYR C 3 43 ? -3.529  0.837   -2.237  1.00 0.00 ? 186 TYR A CE1    1 
ATOM 1369 C CE2    . TYR C 3 43 ? -1.351  1.824   -2.768  1.00 0.00 ? 186 TYR A CE2    1 
ATOM 1370 C CZ     . TYR C 3 43 ? -2.746  1.740   -2.987  1.00 0.00 ? 186 TYR A CZ     1 
ATOM 1371 O OH     . TYR C 3 43 ? -3.360  2.570   -3.870  1.00 0.00 ? 186 TYR A OH     1 
ATOM 1372 H H      . TYR C 3 43 ? -0.194  -1.098  2.538   1.00 0.00 ? 186 TYR A H      1 
ATOM 1373 H HA     . TYR C 3 43 ? -0.780  1.427   1.424   1.00 0.00 ? 186 TYR A HA     1 
ATOM 1374 H HB2    . TYR C 3 43 ? 0.115   -0.478  0.171   1.00 0.00 ? 186 TYR A HB2    1 
ATOM 1375 H HB3    . TYR C 3 43 ? -1.375  -1.383  0.425   1.00 0.00 ? 186 TYR A HB3    1 
ATOM 1376 H HD1    . TYR C 3 43 ? -3.538  -0.601  -0.643  1.00 0.00 ? 186 TYR A HD1    1 
ATOM 1377 H HD2    . TYR C 3 43 ? 0.243   1.281   -1.420  1.00 0.00 ? 186 TYR A HD2    1 
ATOM 1378 H HE1    . TYR C 3 43 ? -4.590  0.767   -2.414  1.00 0.00 ? 186 TYR A HE1    1 
ATOM 1379 H HE2    . TYR C 3 43 ? -0.727  2.467   -3.366  1.00 0.00 ? 186 TYR A HE2    1 
ATOM 1380 H HH     . TYR C 3 43 ? -2.749  2.837   -4.571  1.00 0.00 ? 186 TYR A HH     1 
ATOM 1381 N N      . ASP C 3 44 ? -3.437  -0.335  2.329   1.00 0.00 ? 187 ASP A N      1 
ATOM 1382 C CA     . ASP C 3 44 ? -4.873  -0.318  2.594   1.00 0.00 ? 187 ASP A CA     1 
ATOM 1383 C C      . ASP C 3 44 ? -5.284  0.964   3.318   1.00 0.00 ? 187 ASP A C      1 
ATOM 1384 O O      . ASP C 3 44 ? -6.181  1.660   2.845   1.00 0.00 ? 187 ASP A O      1 
ATOM 1385 C CB     . ASP C 3 44 ? -5.256  -1.570  3.390   1.00 0.00 ? 187 ASP A CB     1 
ATOM 1386 C CG     . ASP C 3 44 ? -6.738  -1.901  3.315   1.00 0.00 ? 187 ASP A CG     1 
ATOM 1387 O OD1    . ASP C 3 44 ? -7.516  -1.207  4.051   1.00 0.00 ? 187 ASP A OD1    1 
ATOM 1388 O OD2    . ASP C 3 44 ? -7.065  -2.814  2.582   1.00 0.00 ? 187 ASP A OD2    1 
ATOM 1389 H H      . ASP C 3 44 ? -2.945  -1.186  2.561   1.00 0.00 ? 187 ASP A H      1 
ATOM 1390 H HA     . ASP C 3 44 ? -5.379  -0.363  1.632   1.00 0.00 ? 187 ASP A HA     1 
ATOM 1391 H HB2    . ASP C 3 44 ? -4.715  -2.424  2.980   1.00 0.00 ? 187 ASP A HB2    1 
ATOM 1392 H HB3    . ASP C 3 44 ? -4.992  -1.451  4.433   1.00 0.00 ? 187 ASP A HB3    1 
ATOM 1393 N N      . ARG C 3 45 ? -4.596  1.304   4.424   1.00 0.00 ? 188 ARG A N      1 
ATOM 1394 C CA     . ARG C 3 45 ? -4.821  2.523   5.189   1.00 0.00 ? 188 ARG A CA     1 
ATOM 1395 C C      . ARG C 3 45 ? -4.229  3.772   4.496   1.00 0.00 ? 188 ARG A C      1 
ATOM 1396 O O      . ARG C 3 45 ? -4.839  4.826   4.608   1.00 0.00 ? 188 ARG A O      1 
ATOM 1397 C CB     . ARG C 3 45 ? -4.259  2.372   6.615   1.00 0.00 ? 188 ARG A CB     1 
ATOM 1398 C CG     . ARG C 3 45 ? -5.039  1.342   7.459   1.00 0.00 ? 188 ARG A CG     1 
ATOM 1399 C CD     . ARG C 3 45 ? -4.202  0.792   8.623   1.00 0.00 ? 188 ARG A CD     1 
ATOM 1400 N NE     . ARG C 3 45 ? -4.943  -0.251  9.352   1.00 0.00 ? 188 ARG A NE     1 
ATOM 1401 C CZ     . ARG C 3 45 ? -4.534  -0.932  10.434  1.00 0.00 ? 188 ARG A CZ     1 
ATOM 1402 N NH1    . ARG C 3 45 ? -3.414  -0.629  11.094  1.00 0.00 ? 188 ARG A NH1    1 
ATOM 1403 N NH2    . ARG C 3 45 ? -5.259  -1.971  10.854  1.00 0.00 ? 188 ARG A NH2    1 
ATOM 1404 H H      . ARG C 3 45 ? -3.873  0.669   4.745   1.00 0.00 ? 188 ARG A H      1 
ATOM 1405 H HA     . ARG C 3 45 ? -5.897  2.685   5.267   1.00 0.00 ? 188 ARG A HA     1 
ATOM 1406 H HB2    . ARG C 3 45 ? -3.208  2.083   6.553   1.00 0.00 ? 188 ARG A HB2    1 
ATOM 1407 H HB3    . ARG C 3 45 ? -4.316  3.335   7.125   1.00 0.00 ? 188 ARG A HB3    1 
ATOM 1408 H HG2    . ARG C 3 45 ? -5.939  1.817   7.856   1.00 0.00 ? 188 ARG A HG2    1 
ATOM 1409 H HG3    . ARG C 3 45 ? -5.345  0.503   6.834   1.00 0.00 ? 188 ARG A HG3    1 
ATOM 1410 H HD2    . ARG C 3 45 ? -3.291  0.349   8.218   1.00 0.00 ? 188 ARG A HD2    1 
ATOM 1411 H HD3    . ARG C 3 45 ? -3.934  1.604   9.301   1.00 0.00 ? 188 ARG A HD3    1 
ATOM 1412 H HE     . ARG C 3 45 ? -5.811  -0.545  8.930   1.00 0.00 ? 188 ARG A HE     1 
ATOM 1413 H HH11   . ARG C 3 45 ? -2.843  0.147   10.797  1.00 0.00 ? 188 ARG A HH11   1 
ATOM 1414 H HH12   . ARG C 3 45 ? -3.143  -1.175  11.898  1.00 0.00 ? 188 ARG A HH12   1 
ATOM 1415 H HH21   . ARG C 3 45 ? -6.100  -2.230  10.360  1.00 0.00 ? 188 ARG A HH21   1 
ATOM 1416 H HH22   . ARG C 3 45 ? -4.933  -2.537  11.622  1.00 0.00 ? 188 ARG A HH22   1 
ATOM 1417 N N      . ALA C 3 46 ? -3.096  3.675   3.789   1.00 0.00 ? 189 ALA A N      1 
ATOM 1418 C CA     . ALA C 3 46 ? -2.463  4.833   3.135   1.00 0.00 ? 189 ALA A CA     1 
ATOM 1419 C C      . ALA C 3 46 ? -3.313  5.415   2.000   1.00 0.00 ? 189 ALA A C      1 
ATOM 1420 O O      . ALA C 3 46 ? -3.496  6.633   1.954   1.00 0.00 ? 189 ALA A O      1 
ATOM 1421 C CB     . ALA C 3 46 ? -1.077  4.459   2.618   1.00 0.00 ? 189 ALA A CB     1 
ATOM 1422 H H      . ALA C 3 46 ? -2.613  2.789   3.734   1.00 0.00 ? 189 ALA A H      1 
ATOM 1423 H HA     . ALA C 3 46 ? -2.331  5.610   3.889   1.00 0.00 ? 189 ALA A HA     1 
ATOM 1424 H HB1    . ALA C 3 46 ? -0.465  4.092   3.441   1.00 0.00 ? 189 ALA A HB1    1 
ATOM 1425 H HB2    . ALA C 3 46 ? -1.157  3.698   1.842   1.00 0.00 ? 189 ALA A HB2    1 
ATOM 1426 H HB3    . ALA C 3 46 ? -0.602  5.348   2.200   1.00 0.00 ? 189 ALA A HB3    1 
ATOM 1427 N N      . ALA C 3 47 ? -3.857  4.564   1.111   1.00 0.00 ? 190 ALA A N      1 
ATOM 1428 C CA     . ALA C 3 47 ? -4.827  4.970   0.096   1.00 0.00 ? 190 ALA A CA     1 
ATOM 1429 C C      . ALA C 3 47 ? -6.071  5.552   0.746   1.00 0.00 ? 190 ALA A C      1 
ATOM 1430 O O      . ALA C 3 47 ? -6.560  6.578   0.282   1.00 0.00 ? 190 ALA A O      1 
ATOM 1431 C CB     . ALA C 3 47 ? -5.217  3.796   -0.808  1.00 0.00 ? 190 ALA A CB     1 
ATOM 1432 H H      . ALA C 3 47 ? -3.634  3.580   1.176   1.00 0.00 ? 190 ALA A H      1 
ATOM 1433 H HA     . ALA C 3 47 ? -4.384  5.748   -0.523  1.00 0.00 ? 190 ALA A HA     1 
ATOM 1434 H HB1    . ALA C 3 47 ? -4.335  3.356   -1.260  1.00 0.00 ? 190 ALA A HB1    1 
ATOM 1435 H HB2    . ALA C 3 47 ? -5.738  3.033   -0.232  1.00 0.00 ? 190 ALA A HB2    1 
ATOM 1436 H HB3    . ALA C 3 47 ? -5.873  4.159   -1.601  1.00 0.00 ? 190 ALA A HB3    1 
ATOM 1437 N N      . PHE C 3 48 ? -6.554  4.931   1.833   1.00 0.00 ? 191 PHE A N      1 
ATOM 1438 C CA     . PHE C 3 48 ? -7.724  5.413   2.547   1.00 0.00 ? 191 PHE A CA     1 
ATOM 1439 C C      . PHE C 3 48 ? -7.512  6.813   3.131   1.00 0.00 ? 191 PHE A C      1 
ATOM 1440 O O      . PHE C 3 48 ? -8.465  7.583   3.148   1.00 0.00 ? 191 PHE A O      1 
ATOM 1441 C CB     . PHE C 3 48 ? -8.140  4.428   3.650   1.00 0.00 ? 191 PHE A CB     1 
ATOM 1442 C CG     . PHE C 3 48 ? -9.639  4.232   3.742   1.00 0.00 ? 191 PHE A CG     1 
ATOM 1443 C CD1    . PHE C 3 48 ? -10.451 5.192   4.375   1.00 0.00 ? 191 PHE A CD1    1 
ATOM 1444 C CD2    . PHE C 3 48 ? -10.227 3.082   3.182   1.00 0.00 ? 191 PHE A CD2    1 
ATOM 1445 C CE1    . PHE C 3 48 ? -11.840 4.992   4.463   1.00 0.00 ? 191 PHE A CE1    1 
ATOM 1446 C CE2    . PHE C 3 48 ? -11.615 2.882   3.267   1.00 0.00 ? 191 PHE A CE2    1 
ATOM 1447 C CZ     . PHE C 3 48 ? -12.423 3.837   3.912   1.00 0.00 ? 191 PHE A CZ     1 
ATOM 1448 H H      . PHE C 3 48 ? -6.107  4.084   2.158   1.00 0.00 ? 191 PHE A H      1 
ATOM 1449 H HA     . PHE C 3 48 ? -8.536  5.464   1.820   1.00 0.00 ? 191 PHE A HA     1 
ATOM 1450 H HB2    . PHE C 3 48 ? -7.692  3.459   3.462   1.00 0.00 ? 191 PHE A HB2    1 
ATOM 1451 H HB3    . PHE C 3 48 ? -7.759  4.770   4.614   1.00 0.00 ? 191 PHE A HB3    1 
ATOM 1452 H HD1    . PHE C 3 48 ? -10.014 6.085   4.798   1.00 0.00 ? 191 PHE A HD1    1 
ATOM 1453 H HD2    . PHE C 3 48 ? -9.608  2.347   2.690   1.00 0.00 ? 191 PHE A HD2    1 
ATOM 1454 H HE1    . PHE C 3 48 ? -12.459 5.728   4.953   1.00 0.00 ? 191 PHE A HE1    1 
ATOM 1455 H HE2    . PHE C 3 48 ? -12.060 1.993   2.844   1.00 0.00 ? 191 PHE A HE2    1 
ATOM 1456 H HZ     . PHE C 3 48 ? -13.489 3.680   3.986   1.00 0.00 ? 191 PHE A HZ     1 
ATOM 1457 N N      . ARG C 3 49 ? -6.297  7.164   3.592   1.00 0.00 ? 192 ARG A N      1 
ATOM 1458 C CA     . ARG C 3 49 ? -6.018  8.486   4.156   1.00 0.00 ? 192 ARG A CA     1 
ATOM 1459 C C      . ARG C 3 49 ? -5.966  9.569   3.068   1.00 0.00 ? 192 ARG A C      1 
ATOM 1460 O O      . ARG C 3 49 ? -6.574  10.618  3.276   1.00 0.00 ? 192 ARG A O      1 
ATOM 1461 C CB     . ARG C 3 49 ? -4.760  8.476   5.052   1.00 0.00 ? 192 ARG A CB     1 
ATOM 1462 C CG     . ARG C 3 49 ? -5.027  7.723   6.372   1.00 0.00 ? 192 ARG A CG     1 
ATOM 1463 C CD     . ARG C 3 49 ? -3.807  7.563   7.294   1.00 0.00 ? 192 ARG A CD     1 
ATOM 1464 N NE     . ARG C 3 49 ? -3.431  8.803   8.001   1.00 0.00 ? 192 ARG A NE     1 
ATOM 1465 C CZ     . ARG C 3 49 ? -2.688  8.864   9.119   1.00 0.00 ? 192 ARG A CZ     1 
ATOM 1466 N NH1    . ARG C 3 49 ? -2.258  7.762   9.741   1.00 0.00 ? 192 ARG A NH1    1 
ATOM 1467 N NH2    . ARG C 3 49 ? -2.357  10.046  9.641   1.00 0.00 ? 192 ARG A NH2    1 
ATOM 1468 H H      . ARG C 3 49 ? -5.555  6.476   3.592   1.00 0.00 ? 192 ARG A H      1 
ATOM 1469 H HA     . ARG C 3 49 ? -6.859  8.746   4.800   1.00 0.00 ? 192 ARG A HA     1 
ATOM 1470 H HB2    . ARG C 3 49 ? -3.923  8.022   4.519   1.00 0.00 ? 192 ARG A HB2    1 
ATOM 1471 H HB3    . ARG C 3 49 ? -4.497  9.506   5.296   1.00 0.00 ? 192 ARG A HB3    1 
ATOM 1472 H HG2    . ARG C 3 49 ? -5.824  8.225   6.923   1.00 0.00 ? 192 ARG A HG2    1 
ATOM 1473 H HG3    . ARG C 3 49 ? -5.381  6.723   6.137   1.00 0.00 ? 192 ARG A HG3    1 
ATOM 1474 H HD2    . ARG C 3 49 ? -4.057  6.805   8.037   1.00 0.00 ? 192 ARG A HD2    1 
ATOM 1475 H HD3    . ARG C 3 49 ? -2.955  7.205   6.714   1.00 0.00 ? 192 ARG A HD3    1 
ATOM 1476 H HE     . ARG C 3 49 ? -3.751  9.671   7.599   1.00 0.00 ? 192 ARG A HE     1 
ATOM 1477 H HH11   . ARG C 3 49 ? -2.499  6.855   9.371   1.00 0.00 ? 192 ARG A HH11   1 
ATOM 1478 H HH12   . ARG C 3 49 ? -1.708  7.834   10.583  1.00 0.00 ? 192 ARG A HH12   1 
ATOM 1479 H HH21   . ARG C 3 49 ? -2.658  10.903  9.200   1.00 0.00 ? 192 ARG A HH21   1 
ATOM 1480 H HH22   . ARG C 3 49 ? -1.790  10.085  10.474  1.00 0.00 ? 192 ARG A HH22   1 
ATOM 1481 N N      . MET C 3 50 ? -5.308  9.341   1.914   1.00 0.00 ? 193 MET A N      1 
ATOM 1482 C CA     . MET C 3 50 ? -5.275  10.342  0.836   1.00 0.00 ? 193 MET A CA     1 
ATOM 1483 C C      . MET C 3 50 ? -6.611  10.484  0.081   1.00 0.00 ? 193 MET A C      1 
ATOM 1484 O O      . MET C 3 50 ? -6.893  11.569  -0.423  1.00 0.00 ? 193 MET A O      1 
ATOM 1485 C CB     . MET C 3 50 ? -4.109  10.105  -0.137  1.00 0.00 ? 193 MET A CB     1 
ATOM 1486 C CG     . MET C 3 50 ? -4.247  8.862   -1.025  1.00 0.00 ? 193 MET A CG     1 
ATOM 1487 S SD     . MET C 3 50 ? -2.931  8.648   -2.251  1.00 0.00 ? 193 MET A SD     1 
ATOM 1488 C CE     . MET C 3 50 ? -1.474  8.620   -1.179  1.00 0.00 ? 193 MET A CE     1 
ATOM 1489 H H      . MET C 3 50 ? -4.801  8.474   1.787   1.00 0.00 ? 193 MET A H      1 
ATOM 1490 H HA     . MET C 3 50 ? -5.078  11.307  1.305   1.00 0.00 ? 193 MET A HA     1 
ATOM 1491 H HB2    . MET C 3 50 ? -4.029  10.975  -0.792  1.00 0.00 ? 193 MET A HB2    1 
ATOM 1492 H HB3    . MET C 3 50 ? -3.190  10.037  0.441   1.00 0.00 ? 193 MET A HB3    1 
ATOM 1493 H HG2    . MET C 3 50 ? -4.284  7.976   -0.396  1.00 0.00 ? 193 MET A HG2    1 
ATOM 1494 H HG3    . MET C 3 50 ? -5.179  8.933   -1.580  1.00 0.00 ? 193 MET A HG3    1 
ATOM 1495 H HE1    . MET C 3 50 ? -1.599  7.862   -0.407  1.00 0.00 ? 193 MET A HE1    1 
ATOM 1496 H HE2    . MET C 3 50 ? -0.600  8.396   -1.786  1.00 0.00 ? 193 MET A HE2    1 
ATOM 1497 H HE3    . MET C 3 50 ? -1.334  9.592   -0.711  1.00 0.00 ? 193 MET A HE3    1 
ATOM 1498 N N      . ARG C 3 51 ? -7.428  9.422   0.014   1.00 0.00 ? 194 ARG A N      1 
ATOM 1499 C CA     . ARG C 3 51 ? -8.732  9.417   -0.664  1.00 0.00 ? 194 ARG A CA     1 
ATOM 1500 C C      . ARG C 3 51 ? -9.878  9.804   0.279   1.00 0.00 ? 194 ARG A C      1 
ATOM 1501 O O      . ARG C 3 51 ? -10.912 10.287  -0.179  1.00 0.00 ? 194 ARG A O      1 
ATOM 1502 C CB     . ARG C 3 51 ? -8.993  8.024   -1.262  1.00 0.00 ? 194 ARG A CB     1 
ATOM 1503 C CG     . ARG C 3 51 ? -8.017  7.715   -2.409  1.00 0.00 ? 194 ARG A CG     1 
ATOM 1504 C CD     . ARG C 3 51 ? -8.182  6.292   -2.944  1.00 0.00 ? 194 ARG A CD     1 
ATOM 1505 N NE     . ARG C 3 51 ? -9.431  6.129   -3.701  1.00 0.00 ? 194 ARG A NE     1 
ATOM 1506 C CZ     . ARG C 3 51 ? -9.610  6.387   -5.004  1.00 0.00 ? 194 ARG A CZ     1 
ATOM 1507 N NH1    . ARG C 3 51 ? -8.654  6.954   -5.742  1.00 0.00 ? 194 ARG A NH1    1 
ATOM 1508 N NH2    . ARG C 3 51 ? -10.770 6.074   -5.582  1.00 0.00 ? 194 ARG A NH2    1 
ATOM 1509 H H      . ARG C 3 51 ? -7.120  8.552   0.427   1.00 0.00 ? 194 ARG A H      1 
ATOM 1510 H HA     . ARG C 3 51 ? -8.715  10.137  -1.484  1.00 0.00 ? 194 ARG A HA     1 
ATOM 1511 H HB2    . ARG C 3 51 ? -8.905  7.268   -0.479  1.00 0.00 ? 194 ARG A HB2    1 
ATOM 1512 H HB3    . ARG C 3 51 ? -10.010 7.987   -1.651  1.00 0.00 ? 194 ARG A HB3    1 
ATOM 1513 H HG2    . ARG C 3 51 ? -8.172  8.430   -3.219  1.00 0.00 ? 194 ARG A HG2    1 
ATOM 1514 H HG3    . ARG C 3 51 ? -6.992  7.813   -2.059  1.00 0.00 ? 194 ARG A HG3    1 
ATOM 1515 H HD2    . ARG C 3 51 ? -7.336  6.053   -3.588  1.00 0.00 ? 194 ARG A HD2    1 
ATOM 1516 H HD3    . ARG C 3 51 ? -8.166  5.596   -2.107  1.00 0.00 ? 194 ARG A HD3    1 
ATOM 1517 H HE     . ARG C 3 51 ? -10.227 5.770   -3.189  1.00 0.00 ? 194 ARG A HE     1 
ATOM 1518 H HH11   . ARG C 3 51 ? -7.784  7.215   -5.306  1.00 0.00 ? 194 ARG A HH11   1 
ATOM 1519 H HH12   . ARG C 3 51 ? -8.815  7.154   -6.717  1.00 0.00 ? 194 ARG A HH12   1 
ATOM 1520 H HH21   . ARG C 3 51 ? -11.507 5.670   -5.019  1.00 0.00 ? 194 ARG A HH21   1 
ATOM 1521 H HH22   . ARG C 3 51 ? -10.917 6.248   -6.563  1.00 0.00 ? 194 ARG A HH22   1 
ATOM 1522 N N      . GLY C 3 52 ? -9.692  9.585   1.589   1.00 0.00 ? 195 GLY A N      1 
ATOM 1523 C CA     . GLY C 3 52 ? -10.638 9.793   2.680   1.00 0.00 ? 195 GLY A CA     1 
ATOM 1524 C C      . GLY C 3 52 ? -11.665 8.664   2.829   1.00 0.00 ? 195 GLY A C      1 
ATOM 1525 O O      . GLY C 3 52 ? -12.055 8.332   3.948   1.00 0.00 ? 195 GLY A O      1 
ATOM 1526 H H      . GLY C 3 52 ? -8.816  9.158   1.854   1.00 0.00 ? 195 GLY A H      1 
ATOM 1527 H HA2    . GLY C 3 52 ? -10.068 9.864   3.608   1.00 0.00 ? 195 GLY A HA2    1 
ATOM 1528 H HA3    . GLY C 3 52 ? -11.166 10.735  2.529   1.00 0.00 ? 195 GLY A HA3    1 
ATOM 1529 N N      . SER C 3 53 ? -12.101 8.086   1.701   1.00 0.00 ? 196 SER A N      1 
ATOM 1530 C CA     . SER C 3 53 ? -13.071 7.005   1.548   1.00 0.00 ? 196 SER A CA     1 
ATOM 1531 C C      . SER C 3 53 ? -13.060 6.559   0.074   1.00 0.00 ? 196 SER A C      1 
ATOM 1532 O O      . SER C 3 53 ? -12.351 7.152   -0.741  1.00 0.00 ? 196 SER A O      1 
ATOM 1533 C CB     . SER C 3 53 ? -14.467 7.513   1.955   1.00 0.00 ? 196 SER A CB     1 
ATOM 1534 O OG     . SER C 3 53 ? -15.370 6.443   2.143   1.00 0.00 ? 196 SER A OG     1 
ATOM 1535 H H      . SER C 3 53 ? -11.699 8.418   0.835   1.00 0.00 ? 196 SER A H      1 
ATOM 1536 H HA     . SER C 3 53 ? -12.782 6.168   2.183   1.00 0.00 ? 196 SER A HA     1 
ATOM 1537 H HB2    . SER C 3 53 ? -14.403 8.067   2.892   1.00 0.00 ? 196 SER A HB2    1 
ATOM 1538 H HB3    . SER C 3 53 ? -14.847 8.181   1.182   1.00 0.00 ? 196 SER A HB3    1 
ATOM 1539 H HG     . SER C 3 53 ? -15.235 6.083   3.023   1.00 0.00 ? 196 SER A HG     1 
ATOM 1540 N N      . ARG C 3 54 ? -13.874 5.548   -0.277  1.00 0.00 ? 197 ARG A N      1 
ATOM 1541 C CA     . ARG C 3 54 ? -14.074 5.047   -1.641  1.00 0.00 ? 197 ARG A CA     1 
ATOM 1542 C C      . ARG C 3 54 ? -12.733 4.730   -2.318  1.00 0.00 ? 197 ARG A C      1 
ATOM 1543 O O      . ARG C 3 54 ? -12.280 5.478   -3.181  1.00 0.00 ? 197 ARG A O      1 
ATOM 1544 C CB     . ARG C 3 54 ? -14.937 6.042   -2.456  1.00 0.00 ? 197 ARG A CB     1 
ATOM 1545 C CG     . ARG C 3 54 ? -16.382 6.155   -1.948  1.00 0.00 ? 197 ARG A CG     1 
ATOM 1546 C CD     . ARG C 3 54 ? -17.191 7.160   -2.783  1.00 0.00 ? 197 ARG A CD     1 
ATOM 1547 N NE     . ARG C 3 54 ? -18.605 7.174   -2.364  1.00 0.00 ? 197 ARG A NE     1 
ATOM 1548 C CZ     . ARG C 3 54 ? -19.401 8.248   -2.236  1.00 0.00 ? 197 ARG A CZ     1 
ATOM 1549 N NH1    . ARG C 3 54 ? -19.025 9.465   -2.637  1.00 0.00 ? 197 ARG A NH1    1 
ATOM 1550 N NH2    . ARG C 3 54 ? -20.608 8.108   -1.686  1.00 0.00 ? 197 ARG A NH2    1 
ATOM 1551 H H      . ARG C 3 54 ? -14.428 5.123   0.454   1.00 0.00 ? 197 ARG A H      1 
ATOM 1552 H HA     . ARG C 3 54 ? -14.627 4.110   -1.578  1.00 0.00 ? 197 ARG A HA     1 
ATOM 1553 H HB2    . ARG C 3 54 ? -14.473 7.030   -2.432  1.00 0.00 ? 197 ARG A HB2    1 
ATOM 1554 H HB3    . ARG C 3 54 ? -14.964 5.709   -3.495  1.00 0.00 ? 197 ARG A HB3    1 
ATOM 1555 H HG2    . ARG C 3 54 ? -16.856 5.174   -2.011  1.00 0.00 ? 197 ARG A HG2    1 
ATOM 1556 H HG3    . ARG C 3 54 ? -16.383 6.482   -0.908  1.00 0.00 ? 197 ARG A HG3    1 
ATOM 1557 H HD2    . ARG C 3 54 ? -16.753 8.150   -2.653  1.00 0.00 ? 197 ARG A HD2    1 
ATOM 1558 H HD3    . ARG C 3 54 ? -17.134 6.886   -3.836  1.00 0.00 ? 197 ARG A HD3    1 
ATOM 1559 H HE     . ARG C 3 54 ? -18.995 6.280   -2.106  1.00 0.00 ? 197 ARG A HE     1 
ATOM 1560 H HH11   . ARG C 3 54 ? -18.134 9.592   -3.090  1.00 0.00 ? 197 ARG A HH11   1 
ATOM 1561 H HH12   . ARG C 3 54 ? -19.648 10.248  -2.518  1.00 0.00 ? 197 ARG A HH12   1 
ATOM 1562 H HH21   . ARG C 3 54 ? -20.931 7.200   -1.386  1.00 0.00 ? 197 ARG A HH21   1 
ATOM 1563 H HH22   . ARG C 3 54 ? -21.189 8.918   -1.542  1.00 0.00 ? 197 ARG A HH22   1 
ATOM 1564 N N      . ALA C 3 55 ? -12.096 3.622   -1.910  1.00 0.00 ? 198 ALA A N      1 
ATOM 1565 C CA     . ALA C 3 55 ? -10.754 3.236   -2.334  1.00 0.00 ? 198 ALA A CA     1 
ATOM 1566 C C      . ALA C 3 55 ? -10.696 1.781   -2.821  1.00 0.00 ? 198 ALA A C      1 
ATOM 1567 O O      . ALA C 3 55 ? -11.522 0.948   -2.449  1.00 0.00 ? 198 ALA A O      1 
ATOM 1568 C CB     . ALA C 3 55 ? -9.783  3.506   -1.177  1.00 0.00 ? 198 ALA A CB     1 
ATOM 1569 H H      . ALA C 3 55 ? -12.534 3.040   -1.212  1.00 0.00 ? 198 ALA A H      1 
ATOM 1570 H HA     . ALA C 3 55 ? -10.450 3.854   -3.176  1.00 0.00 ? 198 ALA A HA     1 
ATOM 1571 H HB1    . ALA C 3 55 ? -9.818  4.561   -0.903  1.00 0.00 ? 198 ALA A HB1    1 
ATOM 1572 H HB2    . ALA C 3 55 ? -10.061 2.909   -0.309  1.00 0.00 ? 198 ALA A HB2    1 
ATOM 1573 H HB3    . ALA C 3 55 ? -8.765  3.259   -1.480  1.00 0.00 ? 198 ALA A HB3    1 
ATOM 1574 N N      . LEU C 3 56 ? -9.682  1.504   -3.649  1.00 0.00 ? 199 LEU A N      1 
ATOM 1575 C CA     . LEU C 3 56 ? -9.362  0.214   -4.253  1.00 0.00 ? 199 LEU A CA     1 
ATOM 1576 C C      . LEU C 3 56 ? -8.141  -0.315  -3.502  1.00 0.00 ? 199 LEU A C      1 
ATOM 1577 O O      . LEU C 3 56 ? -7.062  0.264   -3.569  1.00 0.00 ? 199 LEU A O      1 
ATOM 1578 C CB     . LEU C 3 56 ? -9.176  0.409   -5.770  1.00 0.00 ? 199 LEU A CB     1 
ATOM 1579 C CG     . LEU C 3 56 ? -8.406  -0.667  -6.566  1.00 0.00 ? 199 LEU A CG     1 
ATOM 1580 C CD1    . LEU C 3 56 ? -8.836  -2.117  -6.295  1.00 0.00 ? 199 LEU A CD1    1 
ATOM 1581 C CD2    . LEU C 3 56 ? -8.545  -0.353  -8.064  1.00 0.00 ? 199 LEU A CD2    1 
ATOM 1582 H H      . LEU C 3 56 ? -9.034  2.249   -3.862  1.00 0.00 ? 199 LEU A H      1 
ATOM 1583 H HA     . LEU C 3 56 ? -10.189 -0.480  -4.101  1.00 0.00 ? 199 LEU A HA     1 
ATOM 1584 H HB2    . LEU C 3 56 ? -10.175 0.506   -6.197  1.00 0.00 ? 199 LEU A HB2    1 
ATOM 1585 H HB3    . LEU C 3 56 ? -8.659  1.356   -5.936  1.00 0.00 ? 199 LEU A HB3    1 
ATOM 1586 H HG     . LEU C 3 56 ? -7.355  -0.586  -6.310  1.00 0.00 ? 199 LEU A HG     1 
ATOM 1587 H HD11   . LEU C 3 56 ? -9.923  -2.200  -6.295  1.00 0.00 ? 199 LEU A HD11   1 
ATOM 1588 H HD12   . LEU C 3 56 ? -8.426  -2.775  -7.062  1.00 0.00 ? 199 LEU A HD12   1 
ATOM 1589 H HD13   . LEU C 3 56 ? -8.442  -2.447  -5.333  1.00 0.00 ? 199 LEU A HD13   1 
ATOM 1590 H HD21   . LEU C 3 56 ? -9.597  -0.339  -8.351  1.00 0.00 ? 199 LEU A HD21   1 
ATOM 1591 H HD22   . LEU C 3 56 ? -8.104  0.622   -8.278  1.00 0.00 ? 199 LEU A HD22   1 
ATOM 1592 H HD23   . LEU C 3 56 ? -8.025  -1.104  -8.660  1.00 0.00 ? 199 LEU A HD23   1 
ATOM 1593 N N      . LEU C 3 57 ? -8.374  -1.363  -2.716  1.00 0.00 ? 200 LEU A N      1 
ATOM 1594 C CA     . LEU C 3 57 ? -7.501  -1.782  -1.625  1.00 0.00 ? 200 LEU A CA     1 
ATOM 1595 C C      . LEU C 3 57 ? -7.118  -3.252  -1.774  1.00 0.00 ? 200 LEU A C      1 
ATOM 1596 O O      . LEU C 3 57 ? -7.578  -3.950  -2.680  1.00 0.00 ? 200 LEU A O      1 
ATOM 1597 C CB     . LEU C 3 57 ? -8.235  -1.558  -0.294  1.00 0.00 ? 200 LEU A CB     1 
ATOM 1598 C CG     . LEU C 3 57 ? -8.836  -0.161  -0.051  1.00 0.00 ? 200 LEU A CG     1 
ATOM 1599 C CD1    . LEU C 3 57 ? -9.619  -0.162  1.268   1.00 0.00 ? 200 LEU A CD1    1 
ATOM 1600 C CD2    . LEU C 3 57 ? -7.753  0.930   -0.044  1.00 0.00 ? 200 LEU A CD2    1 
ATOM 1601 H H      . LEU C 3 57 ? -9.288  -1.786  -2.730  1.00 0.00 ? 200 LEU A H      1 
ATOM 1602 H HA     . LEU C 3 57 ? -6.588  -1.185  -1.626  1.00 0.00 ? 200 LEU A HA     1 
ATOM 1603 H HB2    . LEU C 3 57 ? -9.034  -2.298  -0.223  1.00 0.00 ? 200 LEU A HB2    1 
ATOM 1604 H HB3    . LEU C 3 57 ? -7.525  -1.749  0.502   1.00 0.00 ? 200 LEU A HB3    1 
ATOM 1605 H HG     . LEU C 3 57 ? -9.550  0.061   -0.841  1.00 0.00 ? 200 LEU A HG     1 
ATOM 1606 H HD11   . LEU C 3 57 ? -10.149 -1.106  1.396   1.00 0.00 ? 200 LEU A HD11   1 
ATOM 1607 H HD12   . LEU C 3 57 ? -8.944  -0.019  2.111   1.00 0.00 ? 200 LEU A HD12   1 
ATOM 1608 H HD13   . LEU C 3 57 ? -10.355 0.640   1.248   1.00 0.00 ? 200 LEU A HD13   1 
ATOM 1609 H HD21   . LEU C 3 57 ? -6.830  0.544   0.380   1.00 0.00 ? 200 LEU A HD21   1 
ATOM 1610 H HD22   . LEU C 3 57 ? -7.552  1.260   -1.061  1.00 0.00 ? 200 LEU A HD22   1 
ATOM 1611 H HD23   . LEU C 3 57 ? -8.075  1.785   0.553   1.00 0.00 ? 200 LEU A HD23   1 
ATOM 1612 N N      . ASN C 3 58 ? -6.276  -3.724  -0.849  1.00 0.00 ? 201 ASN A N      1 
ATOM 1613 C CA     . ASN C 3 58 ? -5.861  -5.113  -0.756  1.00 0.00 ? 201 ASN A CA     1 
ATOM 1614 C C      . ASN C 3 58 ? -6.791  -5.927  0.138   1.00 0.00 ? 201 ASN A C      1 
ATOM 1615 O O      . ASN C 3 58 ? -7.106  -7.068  -0.204  1.00 0.00 ? 201 ASN A O      1 
ATOM 1616 C CB     . ASN C 3 58 ? -4.424  -5.133  -0.248  1.00 0.00 ? 201 ASN A CB     1 
ATOM 1617 C CG     . ASN C 3 58 ? -3.528  -4.460  -1.288  1.00 0.00 ? 201 ASN A CG     1 
ATOM 1618 O OD1    . ASN C 3 58 ? -3.540  -4.859  -2.442  1.00 0.00 ? 201 ASN A OD1    1 
ATOM 1619 N ND2    . ASN C 3 58 ? -2.782  -3.436  -0.900  1.00 0.00 ? 201 ASN A ND2    1 
ATOM 1620 H H      . ASN C 3 58 ? -5.929  -3.090  -0.140  1.00 0.00 ? 201 ASN A H      1 
ATOM 1621 H HA     . ASN C 3 58 ? -5.879  -5.566  -1.749  1.00 0.00 ? 201 ASN A HA     1 
ATOM 1622 H HB2    . ASN C 3 58 ? -4.356  -4.620  0.712   1.00 0.00 ? 201 ASN A HB2    1 
ATOM 1623 H HB3    . ASN C 3 58 ? -4.110  -6.167  -0.114  1.00 0.00 ? 201 ASN A HB3    1 
ATOM 1624 H HD21   . ASN C 3 58 ? -2.776  -3.146  0.067   1.00 0.00 ? 201 ASN A HD21   1 
ATOM 1625 H HD22   . ASN C 3 58 ? -2.182  -2.965  -1.573  1.00 0.00 ? 201 ASN A HD22   1 
ATOM 1626 N N      . PHE C 3 59 ? -7.259  -5.332  1.243   1.00 0.00 ? 202 PHE A N      1 
ATOM 1627 C CA     . PHE C 3 59 ? -8.186  -5.933  2.193   1.00 0.00 ? 202 PHE A CA     1 
ATOM 1628 C C      . PHE C 3 59 ? -9.356  -4.968  2.456   1.00 0.00 ? 202 PHE A C      1 
ATOM 1629 O O      . PHE C 3 59 ? -9.412  -4.344  3.515   1.00 0.00 ? 202 PHE A O      1 
ATOM 1630 C CB     . PHE C 3 59 ? -7.449  -6.377  3.464   1.00 0.00 ? 202 PHE A CB     1 
ATOM 1631 C CG     . PHE C 3 59 ? -6.193  -7.151  3.133   1.00 0.00 ? 202 PHE A CG     1 
ATOM 1632 C CD1    . PHE C 3 59 ? -6.279  -8.424  2.538   1.00 0.00 ? 202 PHE A CD1    1 
ATOM 1633 C CD2    . PHE C 3 59 ? -4.946  -6.520  3.266   1.00 0.00 ? 202 PHE A CD2    1 
ATOM 1634 C CE1    . PHE C 3 59 ? -5.118  -9.063  2.069   1.00 0.00 ? 202 PHE A CE1    1 
ATOM 1635 C CE2    . PHE C 3 59 ? -3.796  -7.160  2.798   1.00 0.00 ? 202 PHE A CE2    1 
ATOM 1636 C CZ     . PHE C 3 59 ? -3.873  -8.429  2.200   1.00 0.00 ? 202 PHE A CZ     1 
ATOM 1637 H H      . PHE C 3 59 ? -6.929  -4.401  1.470   1.00 0.00 ? 202 PHE A H      1 
ATOM 1638 H HA     . PHE C 3 59 ? -8.599  -6.840  1.758   1.00 0.00 ? 202 PHE A HA     1 
ATOM 1639 H HB2    . PHE C 3 59 ? -7.181  -5.506  4.064   1.00 0.00 ? 202 PHE A HB2    1 
ATOM 1640 H HB3    . PHE C 3 59 ? -8.112  -7.007  4.057   1.00 0.00 ? 202 PHE A HB3    1 
ATOM 1641 H HD1    . PHE C 3 59 ? -7.242  -8.893  2.391   1.00 0.00 ? 202 PHE A HD1    1 
ATOM 1642 H HD2    . PHE C 3 59 ? -4.872  -5.528  3.687   1.00 0.00 ? 202 PHE A HD2    1 
ATOM 1643 H HE1    . PHE C 3 59 ? -5.185  -10.028 1.589   1.00 0.00 ? 202 PHE A HE1    1 
ATOM 1644 H HE2    . PHE C 3 59 ? -2.859  -6.652  2.892   1.00 0.00 ? 202 PHE A HE2    1 
ATOM 1645 H HZ     . PHE C 3 59 ? -2.982  -8.908  1.830   1.00 0.00 ? 202 PHE A HZ     1 
ATOM 1646 N N      . PRO C 3 60 ? -10.302 -4.865  1.505   1.00 0.00 ? 203 PRO A N      1 
ATOM 1647 C CA     . PRO C 3 60 ? -11.567 -4.168  1.719   1.00 0.00 ? 203 PRO A CA     1 
ATOM 1648 C C      . PRO C 3 60 ? -12.358 -4.882  2.819   1.00 0.00 ? 203 PRO A C      1 
ATOM 1649 O O      . PRO C 3 60 ? -12.921 -5.952  2.589   1.00 0.00 ? 203 PRO A O      1 
ATOM 1650 C CB     . PRO C 3 60 ? -12.285 -4.191  0.363   1.00 0.00 ? 203 PRO A CB     1 
ATOM 1651 C CG     . PRO C 3 60 ? -11.712 -5.424  -0.335  1.00 0.00 ? 203 PRO A CG     1 
ATOM 1652 C CD     . PRO C 3 60 ? -10.280 -5.479  0.182   1.00 0.00 ? 203 PRO A CD     1 
ATOM 1653 H HA     . PRO C 3 60 ? -11.380 -3.134  2.008   1.00 0.00 ? 203 PRO A HA     1 
ATOM 1654 H HB2    . PRO C 3 60 ? -13.369 -4.259  0.473   1.00 0.00 ? 203 PRO A HB2    1 
ATOM 1655 H HB3    . PRO C 3 60 ? -12.019 -3.300  -0.206  1.00 0.00 ? 203 PRO A HB3    1 
ATOM 1656 H HG2    . PRO C 3 60 ? -12.242 -6.320  -0.009  1.00 0.00 ? 203 PRO A HG2    1 
ATOM 1657 H HG3    . PRO C 3 60 ? -11.748 -5.336  -1.420  1.00 0.00 ? 203 PRO A HG3    1 
ATOM 1658 H HD2    . PRO C 3 60 ? -9.951  -6.518  0.219   1.00 0.00 ? 203 PRO A HD2    1 
ATOM 1659 H HD3    . PRO C 3 60 ? -9.627  -4.904  -0.476  1.00 0.00 ? 203 PRO A HD3    1 
ATOM 1660 N N      . LEU C 3 61 ? -12.395 -4.299  4.030   1.00 0.00 ? 204 LEU A N      1 
ATOM 1661 C CA     . LEU C 3 61 ? -13.138 -4.851  5.162   1.00 0.00 ? 204 LEU A CA     1 
ATOM 1662 C C      . LEU C 3 61 ? -14.674 -4.685  5.032   1.00 0.00 ? 204 LEU A C      1 
ATOM 1663 O O      . LEU C 3 61 ? -15.392 -5.082  5.949   1.00 0.00 ? 204 LEU A O      1 
ATOM 1664 C CB     . LEU C 3 61 ? -12.531 -4.371  6.504   1.00 0.00 ? 204 LEU A CB     1 
ATOM 1665 C CG     . LEU C 3 61 ? -12.399 -2.852  6.760   1.00 0.00 ? 204 LEU A CG     1 
ATOM 1666 C CD1    . LEU C 3 61 ? -13.757 -2.179  7.005   1.00 0.00 ? 204 LEU A CD1    1 
ATOM 1667 C CD2    . LEU C 3 61 ? -11.498 -2.584  7.982   1.00 0.00 ? 204 LEU A CD2    1 
ATOM 1668 H H      . LEU C 3 61 ? -11.863 -3.452  4.178   1.00 0.00 ? 204 LEU A H      1 
ATOM 1669 H HA     . LEU C 3 61 ? -12.966 -5.928  5.148   1.00 0.00 ? 204 LEU A HA     1 
ATOM 1670 H HB2    . LEU C 3 61 ? -13.090 -4.821  7.326   1.00 0.00 ? 204 LEU A HB2    1 
ATOM 1671 H HB3    . LEU C 3 61 ? -11.527 -4.797  6.547   1.00 0.00 ? 204 LEU A HB3    1 
ATOM 1672 H HG     . LEU C 3 61 ? -11.924 -2.388  5.895   1.00 0.00 ? 204 LEU A HG     1 
ATOM 1673 H HD11   . LEU C 3 61 ? -14.291 -2.699  7.801   1.00 0.00 ? 204 LEU A HD11   1 
ATOM 1674 H HD12   . LEU C 3 61 ? -13.607 -1.140  7.302   1.00 0.00 ? 204 LEU A HD12   1 
ATOM 1675 H HD13   . LEU C 3 61 ? -14.356 -2.197  6.097   1.00 0.00 ? 204 LEU A HD13   1 
ATOM 1676 H HD21   . LEU C 3 61 ? -10.668 -3.291  8.016   1.00 0.00 ? 204 LEU A HD21   1 
ATOM 1677 H HD22   . LEU C 3 61 ? -11.083 -1.578  7.912   1.00 0.00 ? 204 LEU A HD22   1 
ATOM 1678 H HD23   . LEU C 3 61 ? -12.068 -2.668  8.908   1.00 0.00 ? 204 LEU A HD23   1 
ATOM 1679 N N      . ARG C 3 62 ? -15.182 -4.146  3.906   1.00 0.00 ? 205 ARG A N      1 
ATOM 1680 C CA     . ARG C 3 62 ? -16.617 -4.050  3.589   1.00 0.00 ? 205 ARG A CA     1 
ATOM 1681 C C      . ARG C 3 62 ? -17.201 -5.351  2.983   1.00 0.00 ? 205 ARG A C      1 
ATOM 1682 O O      . ARG C 3 62 ? -18.414 -5.409  2.797   1.00 0.00 ? 205 ARG A O      1 
ATOM 1683 C CB     . ARG C 3 62 ? -16.914 -2.870  2.633   1.00 0.00 ? 205 ARG A CB     1 
ATOM 1684 C CG     . ARG C 3 62 ? -16.474 -1.485  3.147   1.00 0.00 ? 205 ARG A CG     1 
ATOM 1685 C CD     . ARG C 3 62 ? -16.896 -0.315  2.233   1.00 0.00 ? 205 ARG A CD     1 
ATOM 1686 N NE     . ARG C 3 62 ? -18.358 -0.110  2.159   1.00 0.00 ? 205 ARG A NE     1 
ATOM 1687 C CZ     . ARG C 3 62 ? -19.117 0.721   2.895   1.00 0.00 ? 205 ARG A CZ     1 
ATOM 1688 N NH1    . ARG C 3 62 ? -18.607 1.525   3.831   1.00 0.00 ? 205 ARG A NH1    1 
ATOM 1689 N NH2    . ARG C 3 62 ? -20.435 0.755   2.686   1.00 0.00 ? 205 ARG A NH2    1 
ATOM 1690 H H      . ARG C 3 62 ? -14.534 -3.864  3.185   1.00 0.00 ? 205 ARG A H      1 
ATOM 1691 H HA     . ARG C 3 62 ? -17.155 -3.867  4.519   1.00 0.00 ? 205 ARG A HA     1 
ATOM 1692 H HB2    . ARG C 3 62 ? -16.441 -3.062  1.668   1.00 0.00 ? 205 ARG A HB2    1 
ATOM 1693 H HB3    . ARG C 3 62 ? -17.993 -2.836  2.474   1.00 0.00 ? 205 ARG A HB3    1 
ATOM 1694 H HG2    . ARG C 3 62 ? -16.879 -1.321  4.146   1.00 0.00 ? 205 ARG A HG2    1 
ATOM 1695 H HG3    . ARG C 3 62 ? -15.385 -1.476  3.213   1.00 0.00 ? 205 ARG A HG3    1 
ATOM 1696 H HD2    . ARG C 3 62 ? -16.420 0.599   2.590   1.00 0.00 ? 205 ARG A HD2    1 
ATOM 1697 H HD3    . ARG C 3 62 ? -16.527 -0.506  1.225   1.00 0.00 ? 205 ARG A HD3    1 
ATOM 1698 H HE     . ARG C 3 62 ? -18.838 -0.644  1.451   1.00 0.00 ? 205 ARG A HE     1 
ATOM 1699 H HH11   . ARG C 3 62 ? -17.612 1.557   3.985   1.00 0.00 ? 205 ARG A HH11   1 
ATOM 1700 H HH12   . ARG C 3 62 ? -19.219 2.132   4.358   1.00 0.00 ? 205 ARG A HH12   1 
ATOM 1701 H HH21   . ARG C 3 62 ? -20.843 0.222   1.933   1.00 0.00 ? 205 ARG A HH21   1 
ATOM 1702 H HH22   . ARG C 3 62 ? -21.028 1.312   3.283   1.00 0.00 ? 205 ARG A HH22   1 
ATOM 1703 N N      . VAL C 3 63 ? -16.376 -6.370  2.685   1.00 0.00 ? 206 VAL A N      1 
ATOM 1704 C CA     . VAL C 3 63 ? -16.798 -7.660  2.108   1.00 0.00 ? 206 VAL A CA     1 
ATOM 1705 C C      . VAL C 3 63 ? -16.273 -8.826  2.948   1.00 0.00 ? 206 VAL A C      1 
ATOM 1706 O O      . VAL C 3 63 ? -17.063 -9.784  3.135   1.00 0.00 ? 206 VAL A O      1 
ATOM 1707 C CB     . VAL C 3 63 ? -16.419 -7.749  0.607   1.00 0.00 ? 206 VAL A CB     1 
ATOM 1708 C CG1    . VAL C 3 63 ? -14.905 -7.759  0.347   1.00 0.00 ? 206 VAL A CG1    1 
ATOM 1709 C CG2    . VAL C 3 63 ? -17.067 -8.976  -0.056  1.00 0.00 ? 206 VAL A CG2    1 
ATOM 1710 O OXT    . VAL C 3 63 ? -15.110 -8.754  3.407   1.00 0.00 ? 206 VAL A OXT    1 
ATOM 1711 H H      . VAL C 3 63 ? -15.391 -6.279  2.883   1.00 0.00 ? 206 VAL A H      1 
ATOM 1712 H HA     . VAL C 3 63 ? -17.886 -7.713  2.158   1.00 0.00 ? 206 VAL A HA     1 
ATOM 1713 H HB     . VAL C 3 63 ? -16.827 -6.868  0.109   1.00 0.00 ? 206 VAL A HB     1 
ATOM 1714 H HG11   . VAL C 3 63 ? -14.430 -8.602  0.847   1.00 0.00 ? 206 VAL A HG11   1 
ATOM 1715 H HG12   . VAL C 3 63 ? -14.712 -7.833  -0.724  1.00 0.00 ? 206 VAL A HG12   1 
ATOM 1716 H HG13   . VAL C 3 63 ? -14.470 -6.831  0.709   1.00 0.00 ? 206 VAL A HG13   1 
ATOM 1717 H HG21   . VAL C 3 63 ? -16.740 -9.896  0.429   1.00 0.00 ? 206 VAL A HG21   1 
ATOM 1718 H HG22   . VAL C 3 63 ? -18.153 -8.901  0.015   1.00 0.00 ? 206 VAL A HG22   1 
ATOM 1719 H HG23   . VAL C 3 63 ? -16.791 -9.020  -1.110  1.00 0.00 ? 206 VAL A HG23   1 
# 
